data_9B0M
# 
_entry.id   9B0M 
# 
_audit_conform.dict_name       mmcif_pdbx.dic 
_audit_conform.dict_version    5.388 
_audit_conform.dict_location   http://mmcif.pdb.org/dictionaries/ascii/mmcif_pdbx.dic 
# 
loop_
_database_2.database_id 
_database_2.database_code 
_database_2.pdbx_database_accession 
_database_2.pdbx_DOI 
PDB   9B0M         pdb_00009b0m 10.2210/pdb9b0m/pdb 
WWPDB D_1000282439 ?            ?                   
# 
_pdbx_audit_revision_history.ordinal             1 
_pdbx_audit_revision_history.data_content_type   'Structure model' 
_pdbx_audit_revision_history.major_revision      1 
_pdbx_audit_revision_history.minor_revision      0 
_pdbx_audit_revision_history.revision_date       2024-03-20 
# 
_pdbx_audit_revision_details.ordinal             1 
_pdbx_audit_revision_details.revision_ordinal    1 
_pdbx_audit_revision_details.data_content_type   'Structure model' 
_pdbx_audit_revision_details.provider            repository 
_pdbx_audit_revision_details.type                'Initial release' 
_pdbx_audit_revision_details.description         ? 
_pdbx_audit_revision_details.details             ? 
# 
_pdbx_database_status.status_code                     REL 
_pdbx_database_status.status_code_sf                  REL 
_pdbx_database_status.status_code_mr                  ? 
_pdbx_database_status.entry_id                        9B0M 
_pdbx_database_status.recvd_initial_deposition_date   2024-03-12 
_pdbx_database_status.SG_entry                        Y 
_pdbx_database_status.deposit_site                    RCSB 
_pdbx_database_status.process_site                    RCSB 
_pdbx_database_status.status_code_cs                  ? 
_pdbx_database_status.status_code_nmr_data            ? 
_pdbx_database_status.methods_development_category    ? 
_pdbx_database_status.pdb_format_compatible           Y 
# 
loop_
_pdbx_contact_author.id 
_pdbx_contact_author.email 
_pdbx_contact_author.name_first 
_pdbx_contact_author.name_last 
_pdbx_contact_author.name_mi 
_pdbx_contact_author.role 
_pdbx_contact_author.identifier_ORCID 
2 swlovell@ku.edu                    Scott    Lovell ? 'principal investigator/group leader' 0000-0002-3215-4472 
3 isabelle.phan@seattlechildrens.org Isabelle Phan   ? 'principal investigator/group leader' 0000-0001-6873-3401 
4 julie.early@seattlechildrens.org   Julie    Early  ? 'principal investigator/group leader' 0000-0003-1224-2747 
5 peter.myler@seattlechildrens.org   Peter    Myler  ? 'principal investigator/group leader' 0000-0002-0056-0513 
# 
loop_
_audit_author.name 
_audit_author.pdbx_ordinal 
_audit_author.identifier_ORCID 
'Seattle Structural Genomics Center for Infectious Disease'          1 ? 
'Seattle Structural Genomics Center for Infectious Disease (SSGCID)' 2 ? 
# 
_citation.abstract                  ? 
_citation.abstract_id_CAS           ? 
_citation.book_id_ISBN              ? 
_citation.book_publisher            ? 
_citation.book_publisher_city       ? 
_citation.book_title                ? 
_citation.coordinate_linkage        ? 
_citation.country                   ? 
_citation.database_id_Medline       ? 
_citation.details                   ? 
_citation.id                        primary 
_citation.journal_abbrev            'To be published' 
_citation.journal_id_ASTM           ? 
_citation.journal_id_CSD            0353 
_citation.journal_id_ISSN           ? 
_citation.journal_full              ? 
_citation.journal_issue             ? 
_citation.journal_volume            ? 
_citation.language                  ? 
_citation.page_first                ? 
_citation.page_last                 ? 
_citation.title                     'Crystal structure of Macrophage migration inhibitory factor from Plasmodium vivax' 
_citation.year                      ? 
_citation.database_id_CSD           ? 
_citation.pdbx_database_id_DOI      ? 
_citation.pdbx_database_id_PubMed   ? 
_citation.pdbx_database_id_patent   ? 
_citation.unpublished_flag          ? 
# 
loop_
_citation_author.citation_id 
_citation_author.name 
_citation_author.ordinal 
_citation_author.identifier_ORCID 
primary 'Lovell, S.'     1 0000-0002-3215-4472 
primary 'Liu, L.'        2 0000-0003-0514-281X 
primary 'Cooper, A.'     3 0000-0002-1893-4149 
primary 'Battaile, K.P.' 4 0000-0003-0833-3259 
# 
loop_
_entity.id 
_entity.type 
_entity.src_method 
_entity.pdbx_description 
_entity.formula_weight 
_entity.pdbx_number_of_molecules 
_entity.pdbx_ec 
_entity.pdbx_mutation 
_entity.pdbx_fragment 
_entity.details 
1 polymer     man 'L-dopachrome isomerase' 14920.837 1  5.3.2.1,5.3.3.12 ? ? ? 
2 non-polymer syn GLYCEROL                 92.094    1  ?                ? ? ? 
3 non-polymer syn 'DI(HYDROXYETHYL)ETHER'  106.120   1  ?                ? ? ? 
4 water       nat water                    18.015    19 ?                ? ? ? 
# 
_entity_name_com.entity_id   1 
_entity_name_com.name        'L-dopachrome tautomerase,Phenylpyruvate tautomerase' 
# 
_entity_poly.entity_id                      1 
_entity_poly.type                           'polypeptide(L)' 
_entity_poly.nstd_linkage                   no 
_entity_poly.nstd_monomer                   no 
_entity_poly.pdbx_seq_one_letter_code       
;MAHHHHHHMGTLEAQTQGPGSMPCCQVSTNINASDDDAKKALSQIENAISQVLGKPLGYIMSNLDYQKHMRFGGSHDGFC
FVRVTSLGGINKSNNSSLADKITKILASTLNVKSERVFIEFKDCSAQNFAFNGSLFG
;
_entity_poly.pdbx_seq_one_letter_code_can   
;MAHHHHHHMGTLEAQTQGPGSMPCCQVSTNINASDDDAKKALSQIENAISQVLGKPLGYIMSNLDYQKHMRFGGSHDGFC
FVRVTSLGGINKSNNSSLADKITKILASTLNVKSERVFIEFKDCSAQNFAFNGSLFG
;
_entity_poly.pdbx_strand_id                 A 
_entity_poly.pdbx_target_identifier         ? 
# 
loop_
_pdbx_entity_nonpoly.entity_id 
_pdbx_entity_nonpoly.name 
_pdbx_entity_nonpoly.comp_id 
2 GLYCEROL                GOL 
3 'DI(HYDROXYETHYL)ETHER' PEG 
4 water                   HOH 
# 
loop_
_entity_poly_seq.entity_id 
_entity_poly_seq.num 
_entity_poly_seq.mon_id 
_entity_poly_seq.hetero 
1 1   MET n 
1 2   ALA n 
1 3   HIS n 
1 4   HIS n 
1 5   HIS n 
1 6   HIS n 
1 7   HIS n 
1 8   HIS n 
1 9   MET n 
1 10  GLY n 
1 11  THR n 
1 12  LEU n 
1 13  GLU n 
1 14  ALA n 
1 15  GLN n 
1 16  THR n 
1 17  GLN n 
1 18  GLY n 
1 19  PRO n 
1 20  GLY n 
1 21  SER n 
1 22  MET n 
1 23  PRO n 
1 24  CYS n 
1 25  CYS n 
1 26  GLN n 
1 27  VAL n 
1 28  SER n 
1 29  THR n 
1 30  ASN n 
1 31  ILE n 
1 32  ASN n 
1 33  ALA n 
1 34  SER n 
1 35  ASP n 
1 36  ASP n 
1 37  ASP n 
1 38  ALA n 
1 39  LYS n 
1 40  LYS n 
1 41  ALA n 
1 42  LEU n 
1 43  SER n 
1 44  GLN n 
1 45  ILE n 
1 46  GLU n 
1 47  ASN n 
1 48  ALA n 
1 49  ILE n 
1 50  SER n 
1 51  GLN n 
1 52  VAL n 
1 53  LEU n 
1 54  GLY n 
1 55  LYS n 
1 56  PRO n 
1 57  LEU n 
1 58  GLY n 
1 59  TYR n 
1 60  ILE n 
1 61  MET n 
1 62  SER n 
1 63  ASN n 
1 64  LEU n 
1 65  ASP n 
1 66  TYR n 
1 67  GLN n 
1 68  LYS n 
1 69  HIS n 
1 70  MET n 
1 71  ARG n 
1 72  PHE n 
1 73  GLY n 
1 74  GLY n 
1 75  SER n 
1 76  HIS n 
1 77  ASP n 
1 78  GLY n 
1 79  PHE n 
1 80  CYS n 
1 81  PHE n 
1 82  VAL n 
1 83  ARG n 
1 84  VAL n 
1 85  THR n 
1 86  SER n 
1 87  LEU n 
1 88  GLY n 
1 89  GLY n 
1 90  ILE n 
1 91  ASN n 
1 92  LYS n 
1 93  SER n 
1 94  ASN n 
1 95  ASN n 
1 96  SER n 
1 97  SER n 
1 98  LEU n 
1 99  ALA n 
1 100 ASP n 
1 101 LYS n 
1 102 ILE n 
1 103 THR n 
1 104 LYS n 
1 105 ILE n 
1 106 LEU n 
1 107 ALA n 
1 108 SER n 
1 109 THR n 
1 110 LEU n 
1 111 ASN n 
1 112 VAL n 
1 113 LYS n 
1 114 SER n 
1 115 GLU n 
1 116 ARG n 
1 117 VAL n 
1 118 PHE n 
1 119 ILE n 
1 120 GLU n 
1 121 PHE n 
1 122 LYS n 
1 123 ASP n 
1 124 CYS n 
1 125 SER n 
1 126 ALA n 
1 127 GLN n 
1 128 ASN n 
1 129 PHE n 
1 130 ALA n 
1 131 PHE n 
1 132 ASN n 
1 133 GLY n 
1 134 SER n 
1 135 LEU n 
1 136 PHE n 
1 137 GLY n 
# 
_entity_src_gen.entity_id                          1 
_entity_src_gen.pdbx_src_id                        1 
_entity_src_gen.pdbx_alt_source_flag               sample 
_entity_src_gen.pdbx_seq_type                      'Biological sequence' 
_entity_src_gen.pdbx_beg_seq_num                   1 
_entity_src_gen.pdbx_end_seq_num                   137 
_entity_src_gen.gene_src_common_name               ? 
_entity_src_gen.gene_src_genus                     ? 
_entity_src_gen.pdbx_gene_src_gene                 PVX_124095 
_entity_src_gen.gene_src_species                   ? 
_entity_src_gen.gene_src_strain                    ? 
_entity_src_gen.gene_src_tissue                    ? 
_entity_src_gen.gene_src_tissue_fraction           ? 
_entity_src_gen.gene_src_details                   ? 
_entity_src_gen.pdbx_gene_src_fragment             ? 
_entity_src_gen.pdbx_gene_src_scientific_name      'Plasmodium vivax Sal-1' 
_entity_src_gen.pdbx_gene_src_ncbi_taxonomy_id     126793 
_entity_src_gen.pdbx_gene_src_variant              ? 
_entity_src_gen.pdbx_gene_src_cell_line            ? 
_entity_src_gen.pdbx_gene_src_atcc                 ? 
_entity_src_gen.pdbx_gene_src_organ                ? 
_entity_src_gen.pdbx_gene_src_organelle            ? 
_entity_src_gen.pdbx_gene_src_cell                 ? 
_entity_src_gen.pdbx_gene_src_cellular_location    ? 
_entity_src_gen.host_org_common_name               ? 
_entity_src_gen.pdbx_host_org_scientific_name      'Escherichia coli BL21(DE3)' 
_entity_src_gen.pdbx_host_org_ncbi_taxonomy_id     469008 
_entity_src_gen.host_org_genus                     ? 
_entity_src_gen.pdbx_host_org_gene                 ? 
_entity_src_gen.pdbx_host_org_organ                ? 
_entity_src_gen.host_org_species                   ? 
_entity_src_gen.pdbx_host_org_tissue               ? 
_entity_src_gen.pdbx_host_org_tissue_fraction      ? 
_entity_src_gen.pdbx_host_org_strain               'BL21(DE3)' 
_entity_src_gen.pdbx_host_org_variant              ? 
_entity_src_gen.pdbx_host_org_cell_line            ? 
_entity_src_gen.pdbx_host_org_atcc                 ? 
_entity_src_gen.pdbx_host_org_culture_collection   ? 
_entity_src_gen.pdbx_host_org_cell                 ? 
_entity_src_gen.pdbx_host_org_organelle            ? 
_entity_src_gen.pdbx_host_org_cellular_location    ? 
_entity_src_gen.pdbx_host_org_vector_type          plasmid 
_entity_src_gen.pdbx_host_org_vector               ? 
_entity_src_gen.host_org_details                   ? 
_entity_src_gen.expression_system_id               ? 
_entity_src_gen.plasmid_name                       PlviB.00834.a.UX1 
_entity_src_gen.plasmid_details                    ? 
_entity_src_gen.pdbx_description                   ? 
# 
loop_
_chem_comp.id 
_chem_comp.type 
_chem_comp.mon_nstd_flag 
_chem_comp.name 
_chem_comp.pdbx_synonyms 
_chem_comp.formula 
_chem_comp.formula_weight 
ALA 'L-peptide linking' y ALANINE                 ?                               'C3 H7 N O2'     89.093  
ARG 'L-peptide linking' y ARGININE                ?                               'C6 H15 N4 O2 1' 175.209 
ASN 'L-peptide linking' y ASPARAGINE              ?                               'C4 H8 N2 O3'    132.118 
ASP 'L-peptide linking' y 'ASPARTIC ACID'         ?                               'C4 H7 N O4'     133.103 
CYS 'L-peptide linking' y CYSTEINE                ?                               'C3 H7 N O2 S'   121.158 
GLN 'L-peptide linking' y GLUTAMINE               ?                               'C5 H10 N2 O3'   146.144 
GLU 'L-peptide linking' y 'GLUTAMIC ACID'         ?                               'C5 H9 N O4'     147.129 
GLY 'peptide linking'   y GLYCINE                 ?                               'C2 H5 N O2'     75.067  
GOL non-polymer         . GLYCEROL                'GLYCERIN; PROPANE-1,2,3-TRIOL' 'C3 H8 O3'       92.094  
HIS 'L-peptide linking' y HISTIDINE               ?                               'C6 H10 N3 O2 1' 156.162 
HOH non-polymer         . WATER                   ?                               'H2 O'           18.015  
ILE 'L-peptide linking' y ISOLEUCINE              ?                               'C6 H13 N O2'    131.173 
LEU 'L-peptide linking' y LEUCINE                 ?                               'C6 H13 N O2'    131.173 
LYS 'L-peptide linking' y LYSINE                  ?                               'C6 H15 N2 O2 1' 147.195 
MET 'L-peptide linking' y METHIONINE              ?                               'C5 H11 N O2 S'  149.211 
PEG non-polymer         . 'DI(HYDROXYETHYL)ETHER' ?                               'C4 H10 O3'      106.120 
PHE 'L-peptide linking' y PHENYLALANINE           ?                               'C9 H11 N O2'    165.189 
PRO 'L-peptide linking' y PROLINE                 ?                               'C5 H9 N O2'     115.130 
SER 'L-peptide linking' y SERINE                  ?                               'C3 H7 N O3'     105.093 
THR 'L-peptide linking' y THREONINE               ?                               'C4 H9 N O3'     119.119 
TYR 'L-peptide linking' y TYROSINE                ?                               'C9 H11 N O3'    181.189 
VAL 'L-peptide linking' y VALINE                  ?                               'C5 H11 N O2'    117.146 
# 
loop_
_pdbx_poly_seq_scheme.asym_id 
_pdbx_poly_seq_scheme.entity_id 
_pdbx_poly_seq_scheme.seq_id 
_pdbx_poly_seq_scheme.mon_id 
_pdbx_poly_seq_scheme.ndb_seq_num 
_pdbx_poly_seq_scheme.pdb_seq_num 
_pdbx_poly_seq_scheme.auth_seq_num 
_pdbx_poly_seq_scheme.pdb_mon_id 
_pdbx_poly_seq_scheme.auth_mon_id 
_pdbx_poly_seq_scheme.pdb_strand_id 
_pdbx_poly_seq_scheme.pdb_ins_code 
_pdbx_poly_seq_scheme.hetero 
A 1 1   MET 1   -20 ?   ?   ?   A . n 
A 1 2   ALA 2   -19 ?   ?   ?   A . n 
A 1 3   HIS 3   -18 ?   ?   ?   A . n 
A 1 4   HIS 4   -17 ?   ?   ?   A . n 
A 1 5   HIS 5   -16 ?   ?   ?   A . n 
A 1 6   HIS 6   -15 ?   ?   ?   A . n 
A 1 7   HIS 7   -14 ?   ?   ?   A . n 
A 1 8   HIS 8   -13 ?   ?   ?   A . n 
A 1 9   MET 9   -12 ?   ?   ?   A . n 
A 1 10  GLY 10  -11 ?   ?   ?   A . n 
A 1 11  THR 11  -10 ?   ?   ?   A . n 
A 1 12  LEU 12  -9  ?   ?   ?   A . n 
A 1 13  GLU 13  -8  ?   ?   ?   A . n 
A 1 14  ALA 14  -7  ?   ?   ?   A . n 
A 1 15  GLN 15  -6  ?   ?   ?   A . n 
A 1 16  THR 16  -5  ?   ?   ?   A . n 
A 1 17  GLN 17  -4  ?   ?   ?   A . n 
A 1 18  GLY 18  -3  ?   ?   ?   A . n 
A 1 19  PRO 19  -2  ?   ?   ?   A . n 
A 1 20  GLY 20  -1  ?   ?   ?   A . n 
A 1 21  SER 21  0   ?   ?   ?   A . n 
A 1 22  MET 22  1   1   MET MET A . n 
A 1 23  PRO 23  2   2   PRO PRO A . n 
A 1 24  CYS 24  3   3   CYS CYS A . n 
A 1 25  CYS 25  4   4   CYS CYS A . n 
A 1 26  GLN 26  5   5   GLN GLN A . n 
A 1 27  VAL 27  6   6   VAL VAL A . n 
A 1 28  SER 28  7   7   SER SER A . n 
A 1 29  THR 29  8   8   THR THR A . n 
A 1 30  ASN 30  9   9   ASN ASN A . n 
A 1 31  ILE 31  10  10  ILE ILE A . n 
A 1 32  ASN 32  11  11  ASN ASN A . n 
A 1 33  ALA 33  12  12  ALA ALA A . n 
A 1 34  SER 34  13  13  SER SER A . n 
A 1 35  ASP 35  14  14  ASP ASP A . n 
A 1 36  ASP 36  15  15  ASP ASP A . n 
A 1 37  ASP 37  16  16  ASP ASP A . n 
A 1 38  ALA 38  17  17  ALA ALA A . n 
A 1 39  LYS 39  18  18  LYS LYS A . n 
A 1 40  LYS 40  19  19  LYS LYS A . n 
A 1 41  ALA 41  20  20  ALA ALA A . n 
A 1 42  LEU 42  21  21  LEU LEU A . n 
A 1 43  SER 43  22  22  SER SER A . n 
A 1 44  GLN 44  23  23  GLN GLN A . n 
A 1 45  ILE 45  24  24  ILE ILE A . n 
A 1 46  GLU 46  25  25  GLU GLU A . n 
A 1 47  ASN 47  26  26  ASN ASN A . n 
A 1 48  ALA 48  27  27  ALA ALA A . n 
A 1 49  ILE 49  28  28  ILE ILE A . n 
A 1 50  SER 50  29  29  SER SER A . n 
A 1 51  GLN 51  30  30  GLN GLN A . n 
A 1 52  VAL 52  31  31  VAL VAL A . n 
A 1 53  LEU 53  32  32  LEU LEU A . n 
A 1 54  GLY 54  33  33  GLY GLY A . n 
A 1 55  LYS 55  34  34  LYS LYS A . n 
A 1 56  PRO 56  35  35  PRO PRO A . n 
A 1 57  LEU 57  36  36  LEU LEU A . n 
A 1 58  GLY 58  37  37  GLY GLY A . n 
A 1 59  TYR 59  38  38  TYR TYR A . n 
A 1 60  ILE 60  39  39  ILE ILE A . n 
A 1 61  MET 61  40  40  MET MET A . n 
A 1 62  SER 62  41  41  SER SER A . n 
A 1 63  ASN 63  42  42  ASN ASN A . n 
A 1 64  LEU 64  43  43  LEU LEU A . n 
A 1 65  ASP 65  44  44  ASP ASP A . n 
A 1 66  TYR 66  45  45  TYR TYR A . n 
A 1 67  GLN 67  46  46  GLN GLN A . n 
A 1 68  LYS 68  47  47  LYS LYS A . n 
A 1 69  HIS 69  48  48  HIS HIS A . n 
A 1 70  MET 70  49  49  MET MET A . n 
A 1 71  ARG 71  50  50  ARG ARG A . n 
A 1 72  PHE 72  51  51  PHE PHE A . n 
A 1 73  GLY 73  52  52  GLY GLY A . n 
A 1 74  GLY 74  53  53  GLY GLY A . n 
A 1 75  SER 75  54  54  SER SER A . n 
A 1 76  HIS 76  55  55  HIS HIS A . n 
A 1 77  ASP 77  56  56  ASP ASP A . n 
A 1 78  GLY 78  57  57  GLY GLY A . n 
A 1 79  PHE 79  58  58  PHE PHE A . n 
A 1 80  CYS 80  59  59  CYS CYS A . n 
A 1 81  PHE 81  60  60  PHE PHE A . n 
A 1 82  VAL 82  61  61  VAL VAL A . n 
A 1 83  ARG 83  62  62  ARG ARG A . n 
A 1 84  VAL 84  63  63  VAL VAL A . n 
A 1 85  THR 85  64  64  THR THR A . n 
A 1 86  SER 86  65  65  SER SER A . n 
A 1 87  LEU 87  66  ?   ?   ?   A . n 
A 1 88  GLY 88  67  ?   ?   ?   A . n 
A 1 89  GLY 89  68  ?   ?   ?   A . n 
A 1 90  ILE 90  69  ?   ?   ?   A . n 
A 1 91  ASN 91  70  ?   ?   ?   A . n 
A 1 92  LYS 92  71  71  LYS LYS A . n 
A 1 93  SER 93  72  72  SER SER A . n 
A 1 94  ASN 94  73  73  ASN ASN A . n 
A 1 95  ASN 95  74  74  ASN ASN A . n 
A 1 96  SER 96  75  75  SER SER A . n 
A 1 97  SER 97  76  76  SER SER A . n 
A 1 98  LEU 98  77  77  LEU LEU A . n 
A 1 99  ALA 99  78  78  ALA ALA A . n 
A 1 100 ASP 100 79  79  ASP ASP A . n 
A 1 101 LYS 101 80  80  LYS LYS A . n 
A 1 102 ILE 102 81  81  ILE ILE A . n 
A 1 103 THR 103 82  82  THR THR A . n 
A 1 104 LYS 104 83  83  LYS LYS A . n 
A 1 105 ILE 105 84  84  ILE ILE A . n 
A 1 106 LEU 106 85  85  LEU LEU A . n 
A 1 107 ALA 107 86  86  ALA ALA A . n 
A 1 108 SER 108 87  87  SER SER A . n 
A 1 109 THR 109 88  88  THR THR A . n 
A 1 110 LEU 110 89  89  LEU LEU A . n 
A 1 111 ASN 111 90  90  ASN ASN A . n 
A 1 112 VAL 112 91  91  VAL VAL A . n 
A 1 113 LYS 113 92  92  LYS LYS A . n 
A 1 114 SER 114 93  93  SER SER A . n 
A 1 115 GLU 115 94  94  GLU GLU A . n 
A 1 116 ARG 116 95  95  ARG ARG A . n 
A 1 117 VAL 117 96  96  VAL VAL A . n 
A 1 118 PHE 118 97  97  PHE PHE A . n 
A 1 119 ILE 119 98  98  ILE ILE A . n 
A 1 120 GLU 120 99  99  GLU GLU A . n 
A 1 121 PHE 121 100 100 PHE PHE A . n 
A 1 122 LYS 122 101 101 LYS LYS A . n 
A 1 123 ASP 123 102 ?   ?   ?   A . n 
A 1 124 CYS 124 103 ?   ?   ?   A . n 
A 1 125 SER 125 104 ?   ?   ?   A . n 
A 1 126 ALA 126 105 ?   ?   ?   A . n 
A 1 127 GLN 127 106 ?   ?   ?   A . n 
A 1 128 ASN 128 107 ?   ?   ?   A . n 
A 1 129 PHE 129 108 ?   ?   ?   A . n 
A 1 130 ALA 130 109 ?   ?   ?   A . n 
A 1 131 PHE 131 110 ?   ?   ?   A . n 
A 1 132 ASN 132 111 ?   ?   ?   A . n 
A 1 133 GLY 133 112 ?   ?   ?   A . n 
A 1 134 SER 134 113 ?   ?   ?   A . n 
A 1 135 LEU 135 114 ?   ?   ?   A . n 
A 1 136 PHE 136 115 ?   ?   ?   A . n 
A 1 137 GLY 137 116 ?   ?   ?   A . n 
# 
loop_
_pdbx_nonpoly_scheme.asym_id 
_pdbx_nonpoly_scheme.entity_id 
_pdbx_nonpoly_scheme.mon_id 
_pdbx_nonpoly_scheme.ndb_seq_num 
_pdbx_nonpoly_scheme.pdb_seq_num 
_pdbx_nonpoly_scheme.auth_seq_num 
_pdbx_nonpoly_scheme.pdb_mon_id 
_pdbx_nonpoly_scheme.auth_mon_id 
_pdbx_nonpoly_scheme.pdb_strand_id 
_pdbx_nonpoly_scheme.pdb_ins_code 
B 2 GOL 1  201 201 GOL GOL A . 
C 3 PEG 1  202 201 PEG PEG A . 
D 4 HOH 1  301 10  HOH HOH A . 
D 4 HOH 2  302 16  HOH HOH A . 
D 4 HOH 3  303 5   HOH HOH A . 
D 4 HOH 4  304 8   HOH HOH A . 
D 4 HOH 5  305 2   HOH HOH A . 
D 4 HOH 6  306 1   HOH HOH A . 
D 4 HOH 7  307 9   HOH HOH A . 
D 4 HOH 8  308 14  HOH HOH A . 
D 4 HOH 9  309 7   HOH HOH A . 
D 4 HOH 10 310 4   HOH HOH A . 
D 4 HOH 11 311 15  HOH HOH A . 
D 4 HOH 12 312 19  HOH HOH A . 
D 4 HOH 13 313 18  HOH HOH A . 
D 4 HOH 14 314 3   HOH HOH A . 
D 4 HOH 15 315 6   HOH HOH A . 
D 4 HOH 16 316 17  HOH HOH A . 
D 4 HOH 17 317 13  HOH HOH A . 
D 4 HOH 18 318 12  HOH HOH A . 
D 4 HOH 19 319 11  HOH HOH A . 
# 
loop_
_pdbx_unobs_or_zero_occ_atoms.id 
_pdbx_unobs_or_zero_occ_atoms.PDB_model_num 
_pdbx_unobs_or_zero_occ_atoms.polymer_flag 
_pdbx_unobs_or_zero_occ_atoms.occupancy_flag 
_pdbx_unobs_or_zero_occ_atoms.auth_asym_id 
_pdbx_unobs_or_zero_occ_atoms.auth_comp_id 
_pdbx_unobs_or_zero_occ_atoms.auth_seq_id 
_pdbx_unobs_or_zero_occ_atoms.PDB_ins_code 
_pdbx_unobs_or_zero_occ_atoms.auth_atom_id 
_pdbx_unobs_or_zero_occ_atoms.label_alt_id 
_pdbx_unobs_or_zero_occ_atoms.label_asym_id 
_pdbx_unobs_or_zero_occ_atoms.label_comp_id 
_pdbx_unobs_or_zero_occ_atoms.label_seq_id 
_pdbx_unobs_or_zero_occ_atoms.label_atom_id 
1 1 Y 1 A ARG 62 ? CG  ? A ARG 83 CG  
2 1 Y 1 A ARG 62 ? CD  ? A ARG 83 CD  
3 1 Y 1 A ARG 62 ? NE  ? A ARG 83 NE  
4 1 Y 1 A ARG 62 ? CZ  ? A ARG 83 CZ  
5 1 Y 1 A ARG 62 ? NH1 ? A ARG 83 NH1 
6 1 Y 1 A ARG 62 ? NH2 ? A ARG 83 NH2 
# 
loop_
_software.citation_id 
_software.classification 
_software.compiler_name 
_software.compiler_version 
_software.contact_author 
_software.contact_author_email 
_software.date 
_software.description 
_software.dependencies 
_software.hardware 
_software.language 
_software.location 
_software.mods 
_software.name 
_software.os 
_software.os_version 
_software.type 
_software.version 
_software.pdbx_ordinal 
? refinement       ? ? ? ? ? ? ? ? ? ? ? PHENIX  ? ? ? '(dev_5267: ???)' 1 
? 'data scaling'   ? ? ? ? ? ? ? ? ? ? ? Aimless ? ? ? .                 2 
? 'data reduction' ? ? ? ? ? ? ? ? ? ? ? XDS     ? ? ? .                 3 
? phasing          ? ? ? ? ? ? ? ? ? ? ? PHASER  ? ? ? .                 4 
# 
_cell.angle_alpha                  90.00 
_cell.angle_alpha_esd              ? 
_cell.angle_beta                   90.00 
_cell.angle_beta_esd               ? 
_cell.angle_gamma                  120.00 
_cell.angle_gamma_esd              ? 
_cell.entry_id                     9B0M 
_cell.details                      ? 
_cell.formula_units_Z              ? 
_cell.length_a                     75.457 
_cell.length_a_esd                 ? 
_cell.length_b                     75.457 
_cell.length_b_esd                 ? 
_cell.length_c                     36.947 
_cell.length_c_esd                 ? 
_cell.volume                       ? 
_cell.volume_esd                   ? 
_cell.Z_PDB                        6 
_cell.reciprocal_angle_alpha       ? 
_cell.reciprocal_angle_beta        ? 
_cell.reciprocal_angle_gamma       ? 
_cell.reciprocal_angle_alpha_esd   ? 
_cell.reciprocal_angle_beta_esd    ? 
_cell.reciprocal_angle_gamma_esd   ? 
_cell.reciprocal_length_a          ? 
_cell.reciprocal_length_b          ? 
_cell.reciprocal_length_c          ? 
_cell.reciprocal_length_a_esd      ? 
_cell.reciprocal_length_b_esd      ? 
_cell.reciprocal_length_c_esd      ? 
_cell.pdbx_unique_axis             ? 
_cell.pdbx_esd_method              ? 
# 
_symmetry.entry_id                         9B0M 
_symmetry.cell_setting                     ? 
_symmetry.Int_Tables_number                173 
_symmetry.space_group_name_Hall            ? 
_symmetry.space_group_name_H-M             'P 63' 
_symmetry.pdbx_full_space_group_name_H-M   ? 
# 
_exptl.absorpt_coefficient_mu     ? 
_exptl.absorpt_correction_T_max   ? 
_exptl.absorpt_correction_T_min   ? 
_exptl.absorpt_correction_type    ? 
_exptl.absorpt_process_details    ? 
_exptl.entry_id                   9B0M 
_exptl.crystals_number            1 
_exptl.details                    ? 
_exptl.method                     'X-RAY DIFFRACTION' 
_exptl.method_details             ? 
# 
_exptl_crystal.colour                       ? 
_exptl_crystal.density_diffrn               ? 
_exptl_crystal.density_Matthews             2.04 
_exptl_crystal.density_method               ? 
_exptl_crystal.density_percent_sol          39.56 
_exptl_crystal.description                  ? 
_exptl_crystal.F_000                        ? 
_exptl_crystal.id                           1 
_exptl_crystal.preparation                  ? 
_exptl_crystal.size_max                     ? 
_exptl_crystal.size_mid                     ? 
_exptl_crystal.size_min                     ? 
_exptl_crystal.size_rad                     ? 
_exptl_crystal.colour_lustre                ? 
_exptl_crystal.colour_modifier              ? 
_exptl_crystal.colour_primary               ? 
_exptl_crystal.density_meas                 ? 
_exptl_crystal.density_meas_esd             ? 
_exptl_crystal.density_meas_gt              ? 
_exptl_crystal.density_meas_lt              ? 
_exptl_crystal.density_meas_temp            ? 
_exptl_crystal.density_meas_temp_esd        ? 
_exptl_crystal.density_meas_temp_gt         ? 
_exptl_crystal.density_meas_temp_lt         ? 
_exptl_crystal.pdbx_crystal_image_url       ? 
_exptl_crystal.pdbx_crystal_image_format    ? 
_exptl_crystal.pdbx_mosaicity               ? 
_exptl_crystal.pdbx_mosaicity_esd           ? 
_exptl_crystal.pdbx_mosaic_method           ? 
_exptl_crystal.pdbx_mosaic_block_size       ? 
_exptl_crystal.pdbx_mosaic_block_size_esd   ? 
# 
_exptl_crystal_grow.apparatus       ? 
_exptl_crystal_grow.atmosphere      ? 
_exptl_crystal_grow.crystal_id      1 
_exptl_crystal_grow.details         ? 
_exptl_crystal_grow.method          'VAPOR DIFFUSION, SITTING DROP' 
_exptl_crystal_grow.method_ref      ? 
_exptl_crystal_grow.pH              4.5 
_exptl_crystal_grow.pressure        ? 
_exptl_crystal_grow.pressure_esd    ? 
_exptl_crystal_grow.seeding         ? 
_exptl_crystal_grow.seeding_ref     ? 
_exptl_crystal_grow.temp_details    ? 
_exptl_crystal_grow.temp_esd        ? 
_exptl_crystal_grow.time            ? 
_exptl_crystal_grow.pdbx_details    
;Index D5: 25% w/v Polyethylene glycol 3,350, 0.1 M Sodium acetate trihydrate pH 4.5, PlviB.00834.a.UX1.PW39232 at 12 mg/mL. plate 13719 D5 drop 3. Puck: PSL-0913, Cryo: 80% crystallant + 20% glycerol.
;
_exptl_crystal_grow.pdbx_pH_range   ? 
_exptl_crystal_grow.temp            291 
# 
_diffrn.ambient_environment              ? 
_diffrn.ambient_temp                     100 
_diffrn.ambient_temp_details             ? 
_diffrn.ambient_temp_esd                 ? 
_diffrn.crystal_id                       1 
_diffrn.crystal_support                  ? 
_diffrn.crystal_treatment                ? 
_diffrn.details                          ? 
_diffrn.id                               1 
_diffrn.ambient_pressure                 ? 
_diffrn.ambient_pressure_esd             ? 
_diffrn.ambient_pressure_gt              ? 
_diffrn.ambient_pressure_lt              ? 
_diffrn.ambient_temp_gt                  ? 
_diffrn.ambient_temp_lt                  ? 
_diffrn.pdbx_serial_crystal_experiment   N 
# 
_diffrn_detector.details                      ? 
_diffrn_detector.detector                     PIXEL 
_diffrn_detector.diffrn_id                    1 
_diffrn_detector.type                         'DECTRIS EIGER2 XE 9M' 
_diffrn_detector.area_resol_mean              ? 
_diffrn_detector.dtime                        ? 
_diffrn_detector.pdbx_frames_total            ? 
_diffrn_detector.pdbx_collection_time_total   ? 
_diffrn_detector.pdbx_collection_date         2024-02-19 
_diffrn_detector.pdbx_frequency               ? 
_diffrn_detector.id                           ? 
_diffrn_detector.number_of_axes               ? 
# 
_diffrn_radiation.collimation                      ? 
_diffrn_radiation.diffrn_id                        1 
_diffrn_radiation.filter_edge                      ? 
_diffrn_radiation.inhomogeneity                    ? 
_diffrn_radiation.monochromator                    'Double Crystal Si 111' 
_diffrn_radiation.polarisn_norm                    ? 
_diffrn_radiation.polarisn_ratio                   ? 
_diffrn_radiation.probe                            ? 
_diffrn_radiation.type                             ? 
_diffrn_radiation.xray_symbol                      ? 
_diffrn_radiation.wavelength_id                    1 
_diffrn_radiation.pdbx_monochromatic_or_laue_m_l   M 
_diffrn_radiation.pdbx_wavelength_list             ? 
_diffrn_radiation.pdbx_wavelength                  ? 
_diffrn_radiation.pdbx_diffrn_protocol             'SINGLE WAVELENGTH' 
_diffrn_radiation.pdbx_analyzer                    ? 
_diffrn_radiation.pdbx_scattering_type             x-ray 
# 
_diffrn_radiation_wavelength.id           1 
_diffrn_radiation_wavelength.wavelength   0.9786 
_diffrn_radiation_wavelength.wt           1.0 
# 
_diffrn_source.current                     ? 
_diffrn_source.details                     ? 
_diffrn_source.diffrn_id                   1 
_diffrn_source.power                       ? 
_diffrn_source.size                        ? 
_diffrn_source.source                      SYNCHROTRON 
_diffrn_source.target                      ? 
_diffrn_source.type                        'NSLS-II BEAMLINE 19-ID' 
_diffrn_source.voltage                     ? 
_diffrn_source.take-off_angle              ? 
_diffrn_source.pdbx_wavelength_list        0.9786 
_diffrn_source.pdbx_wavelength             ? 
_diffrn_source.pdbx_synchrotron_beamline   19-ID 
_diffrn_source.pdbx_synchrotron_site       NSLS-II 
# 
_reflns.B_iso_Wilson_estimate                          ? 
_reflns.entry_id                                       9B0M 
_reflns.data_reduction_details                         ? 
_reflns.data_reduction_method                          ? 
_reflns.d_resolution_high                              1.80 
_reflns.d_resolution_low                               37.73 
_reflns.details                                        ? 
_reflns.limit_h_max                                    ? 
_reflns.limit_h_min                                    ? 
_reflns.limit_k_max                                    ? 
_reflns.limit_k_min                                    ? 
_reflns.limit_l_max                                    ? 
_reflns.limit_l_min                                    ? 
_reflns.number_all                                     ? 
_reflns.number_obs                                     11324 
_reflns.observed_criterion                             ? 
_reflns.observed_criterion_F_max                       ? 
_reflns.observed_criterion_F_min                       ? 
_reflns.observed_criterion_I_max                       ? 
_reflns.observed_criterion_I_min                       ? 
_reflns.observed_criterion_sigma_F                     ? 
_reflns.observed_criterion_sigma_I                     ? 
_reflns.percent_possible_obs                           100.0 
_reflns.R_free_details                                 ? 
_reflns.Rmerge_F_all                                   ? 
_reflns.Rmerge_F_obs                                   ? 
_reflns.Friedel_coverage                               ? 
_reflns.number_gt                                      ? 
_reflns.threshold_expression                           ? 
_reflns.pdbx_redundancy                                13.7 
_reflns.pdbx_netI_over_av_sigmaI                       ? 
_reflns.pdbx_netI_over_sigmaI                          11.2 
_reflns.pdbx_res_netI_over_av_sigmaI_2                 ? 
_reflns.pdbx_res_netI_over_sigmaI_2                    ? 
_reflns.pdbx_chi_squared                               1.02 
_reflns.pdbx_scaling_rejects                           ? 
_reflns.pdbx_d_res_high_opt                            ? 
_reflns.pdbx_d_res_low_opt                             ? 
_reflns.pdbx_d_res_opt_method                          ? 
_reflns.phase_calculation_details                      ? 
_reflns.pdbx_Rrim_I_all                                0.124 
_reflns.pdbx_Rpim_I_all                                0.034 
_reflns.pdbx_d_opt                                     ? 
_reflns.pdbx_number_measured_all                       154623 
_reflns.pdbx_diffrn_id                                 1 
_reflns.pdbx_ordinal                                   1 
_reflns.pdbx_CC_half                                   0.994 
_reflns.pdbx_CC_star                                   ? 
_reflns.pdbx_R_split                                   ? 
_reflns.pdbx_Rmerge_I_obs                              0.119 
_reflns.pdbx_Rmerge_I_all                              ? 
_reflns.pdbx_Rsym_value                                ? 
_reflns.pdbx_CC_split_method                           ? 
_reflns.pdbx_aniso_diffraction_limit_axis_1_ortho[1]   ? 
_reflns.pdbx_aniso_diffraction_limit_axis_1_ortho[2]   ? 
_reflns.pdbx_aniso_diffraction_limit_axis_1_ortho[3]   ? 
_reflns.pdbx_aniso_diffraction_limit_axis_2_ortho[1]   ? 
_reflns.pdbx_aniso_diffraction_limit_axis_2_ortho[2]   ? 
_reflns.pdbx_aniso_diffraction_limit_axis_2_ortho[3]   ? 
_reflns.pdbx_aniso_diffraction_limit_axis_3_ortho[1]   ? 
_reflns.pdbx_aniso_diffraction_limit_axis_3_ortho[2]   ? 
_reflns.pdbx_aniso_diffraction_limit_axis_3_ortho[3]   ? 
_reflns.pdbx_aniso_diffraction_limit_1                 ? 
_reflns.pdbx_aniso_diffraction_limit_2                 ? 
_reflns.pdbx_aniso_diffraction_limit_3                 ? 
_reflns.pdbx_aniso_B_tensor_eigenvector_1_ortho[1]     ? 
_reflns.pdbx_aniso_B_tensor_eigenvector_1_ortho[2]     ? 
_reflns.pdbx_aniso_B_tensor_eigenvector_1_ortho[3]     ? 
_reflns.pdbx_aniso_B_tensor_eigenvector_2_ortho[1]     ? 
_reflns.pdbx_aniso_B_tensor_eigenvector_2_ortho[2]     ? 
_reflns.pdbx_aniso_B_tensor_eigenvector_2_ortho[3]     ? 
_reflns.pdbx_aniso_B_tensor_eigenvector_3_ortho[1]     ? 
_reflns.pdbx_aniso_B_tensor_eigenvector_3_ortho[2]     ? 
_reflns.pdbx_aniso_B_tensor_eigenvector_3_ortho[3]     ? 
_reflns.pdbx_aniso_B_tensor_eigenvalue_1               ? 
_reflns.pdbx_aniso_B_tensor_eigenvalue_2               ? 
_reflns.pdbx_aniso_B_tensor_eigenvalue_3               ? 
_reflns.pdbx_orthogonalization_convention              ? 
_reflns.pdbx_percent_possible_ellipsoidal              ? 
_reflns.pdbx_percent_possible_spherical                ? 
_reflns.pdbx_percent_possible_ellipsoidal_anomalous    ? 
_reflns.pdbx_percent_possible_spherical_anomalous      ? 
_reflns.pdbx_redundancy_anomalous                      ? 
_reflns.pdbx_CC_half_anomalous                         ? 
_reflns.pdbx_absDiff_over_sigma_anomalous              ? 
_reflns.pdbx_percent_possible_anomalous                ? 
_reflns.pdbx_observed_signal_threshold                 ? 
_reflns.pdbx_signal_type                               ? 
_reflns.pdbx_signal_details                            ? 
_reflns.pdbx_signal_software_id                        ? 
# 
_reflns_shell.d_res_high                                    1.80 
_reflns_shell.d_res_low                                     1.84 
_reflns_shell.meanI_over_sigI_all                           ? 
_reflns_shell.meanI_over_sigI_obs                           ? 
_reflns_shell.number_measured_all                           9558 
_reflns_shell.number_measured_obs                           ? 
_reflns_shell.number_possible                               ? 
_reflns_shell.number_unique_all                             ? 
_reflns_shell.number_unique_obs                             677 
_reflns_shell.percent_possible_obs                          100.0 
_reflns_shell.Rmerge_F_all                                  ? 
_reflns_shell.Rmerge_F_obs                                  ? 
_reflns_shell.meanI_over_sigI_gt                            ? 
_reflns_shell.meanI_over_uI_all                             ? 
_reflns_shell.meanI_over_uI_gt                              ? 
_reflns_shell.number_measured_gt                            ? 
_reflns_shell.number_unique_gt                              ? 
_reflns_shell.percent_possible_gt                           ? 
_reflns_shell.Rmerge_F_gt                                   ? 
_reflns_shell.Rmerge_I_gt                                   ? 
_reflns_shell.pdbx_redundancy                               14.1 
_reflns_shell.pdbx_chi_squared                              1.13 
_reflns_shell.pdbx_netI_over_sigmaI_all                     ? 
_reflns_shell.pdbx_netI_over_sigmaI_obs                     1.7 
_reflns_shell.pdbx_Rrim_I_all                               1.948 
_reflns_shell.pdbx_Rpim_I_all                               0.514 
_reflns_shell.pdbx_rejects                                  ? 
_reflns_shell.pdbx_ordinal                                  1 
_reflns_shell.pdbx_diffrn_id                                1 
_reflns_shell.pdbx_CC_half                                  0.664 
_reflns_shell.pdbx_CC_star                                  ? 
_reflns_shell.pdbx_R_split                                  ? 
_reflns_shell.percent_possible_all                          ? 
_reflns_shell.Rmerge_I_all                                  ? 
_reflns_shell.Rmerge_I_obs                                  1.878 
_reflns_shell.pdbx_Rsym_value                               ? 
_reflns_shell.pdbx_percent_possible_ellipsoidal             ? 
_reflns_shell.pdbx_percent_possible_spherical               ? 
_reflns_shell.pdbx_percent_possible_ellipsoidal_anomalous   ? 
_reflns_shell.pdbx_percent_possible_spherical_anomalous     ? 
_reflns_shell.pdbx_redundancy_anomalous                     ? 
_reflns_shell.pdbx_CC_half_anomalous                        ? 
_reflns_shell.pdbx_absDiff_over_sigma_anomalous             ? 
_reflns_shell.pdbx_percent_possible_anomalous               ? 
# 
_refine.aniso_B[1][1]                            ? 
_refine.aniso_B[1][2]                            ? 
_refine.aniso_B[1][3]                            ? 
_refine.aniso_B[2][2]                            ? 
_refine.aniso_B[2][3]                            ? 
_refine.aniso_B[3][3]                            ? 
_refine.B_iso_max                                ? 
_refine.B_iso_mean                               ? 
_refine.B_iso_min                                ? 
_refine.correlation_coeff_Fo_to_Fc               ? 
_refine.correlation_coeff_Fo_to_Fc_free          ? 
_refine.details                                  ? 
_refine.diff_density_max                         ? 
_refine.diff_density_max_esd                     ? 
_refine.diff_density_min                         ? 
_refine.diff_density_min_esd                     ? 
_refine.diff_density_rms                         ? 
_refine.diff_density_rms_esd                     ? 
_refine.entry_id                                 9B0M 
_refine.pdbx_refine_id                           'X-RAY DIFFRACTION' 
_refine.ls_abs_structure_details                 ? 
_refine.ls_abs_structure_Flack                   ? 
_refine.ls_abs_structure_Flack_esd               ? 
_refine.ls_abs_structure_Rogers                  ? 
_refine.ls_abs_structure_Rogers_esd              ? 
_refine.ls_d_res_high                            1.80 
_refine.ls_d_res_low                             37.73 
_refine.ls_extinction_coef                       ? 
_refine.ls_extinction_coef_esd                   ? 
_refine.ls_extinction_expression                 ? 
_refine.ls_extinction_method                     ? 
_refine.ls_goodness_of_fit_all                   ? 
_refine.ls_goodness_of_fit_all_esd               ? 
_refine.ls_goodness_of_fit_obs                   ? 
_refine.ls_goodness_of_fit_obs_esd               ? 
_refine.ls_hydrogen_treatment                    ? 
_refine.ls_matrix_type                           ? 
_refine.ls_number_constraints                    ? 
_refine.ls_number_parameters                     ? 
_refine.ls_number_reflns_all                     ? 
_refine.ls_number_reflns_obs                     11293 
_refine.ls_number_reflns_R_free                  534 
_refine.ls_number_reflns_R_work                  ? 
_refine.ls_number_restraints                     ? 
_refine.ls_percent_reflns_obs                    99.77 
_refine.ls_percent_reflns_R_free                 4.73 
_refine.ls_R_factor_all                          ? 
_refine.ls_R_factor_obs                          0.1883 
_refine.ls_R_factor_R_free                       0.2176 
_refine.ls_R_factor_R_free_error                 ? 
_refine.ls_R_factor_R_free_error_details         ? 
_refine.ls_R_factor_R_work                       0.1868 
_refine.ls_R_Fsqd_factor_obs                     ? 
_refine.ls_R_I_factor_obs                        ? 
_refine.ls_redundancy_reflns_all                 ? 
_refine.ls_redundancy_reflns_obs                 ? 
_refine.ls_restrained_S_all                      ? 
_refine.ls_restrained_S_obs                      ? 
_refine.ls_shift_over_esd_max                    ? 
_refine.ls_shift_over_esd_mean                   ? 
_refine.ls_structure_factor_coef                 ? 
_refine.ls_weighting_details                     ? 
_refine.ls_weighting_scheme                      ? 
_refine.ls_wR_factor_all                         ? 
_refine.ls_wR_factor_obs                         ? 
_refine.ls_wR_factor_R_free                      ? 
_refine.ls_wR_factor_R_work                      ? 
_refine.occupancy_max                            ? 
_refine.occupancy_min                            ? 
_refine.solvent_model_details                    'FLAT BULK SOLVENT MODEL' 
_refine.solvent_model_param_bsol                 ? 
_refine.solvent_model_param_ksol                 ? 
_refine.pdbx_R_complete                          ? 
_refine.ls_R_factor_gt                           ? 
_refine.ls_goodness_of_fit_gt                    ? 
_refine.ls_goodness_of_fit_ref                   ? 
_refine.ls_shift_over_su_max                     ? 
_refine.ls_shift_over_su_max_lt                  ? 
_refine.ls_shift_over_su_mean                    ? 
_refine.ls_shift_over_su_mean_lt                 ? 
_refine.pdbx_ls_sigma_I                          ? 
_refine.pdbx_ls_sigma_F                          1.34 
_refine.pdbx_ls_sigma_Fsqd                       ? 
_refine.pdbx_data_cutoff_high_absF               ? 
_refine.pdbx_data_cutoff_high_rms_absF           ? 
_refine.pdbx_data_cutoff_low_absF                ? 
_refine.pdbx_isotropic_thermal_model             ? 
_refine.pdbx_ls_cross_valid_method               'FREE R-VALUE' 
_refine.pdbx_method_to_determine_struct          'MOLECULAR REPLACEMENT' 
_refine.pdbx_starting_model                      ? 
_refine.pdbx_stereochemistry_target_values       ML 
_refine.pdbx_R_Free_selection_details            ? 
_refine.pdbx_stereochem_target_val_spec_case     ? 
_refine.pdbx_overall_ESU_R                       ? 
_refine.pdbx_overall_ESU_R_Free                  ? 
_refine.pdbx_solvent_vdw_probe_radii             1.10 
_refine.pdbx_solvent_ion_probe_radii             ? 
_refine.pdbx_solvent_shrinkage_radii             0.90 
_refine.pdbx_real_space_R                        ? 
_refine.pdbx_density_correlation                 ? 
_refine.pdbx_pd_number_of_powder_patterns        ? 
_refine.pdbx_pd_number_of_points                 ? 
_refine.pdbx_pd_meas_number_of_points            ? 
_refine.pdbx_pd_proc_ls_prof_R_factor            ? 
_refine.pdbx_pd_proc_ls_prof_wR_factor           ? 
_refine.pdbx_pd_Marquardt_correlation_coeff      ? 
_refine.pdbx_pd_Fsqrd_R_factor                   ? 
_refine.pdbx_pd_ls_matrix_band_width             ? 
_refine.pdbx_overall_phase_error                 31.98 
_refine.pdbx_overall_SU_R_free_Cruickshank_DPI   ? 
_refine.pdbx_overall_SU_R_free_Blow_DPI          ? 
_refine.pdbx_overall_SU_R_Blow_DPI               ? 
_refine.pdbx_TLS_residual_ADP_flag               ? 
_refine.pdbx_diffrn_id                           1 
_refine.overall_SU_B                             ? 
_refine.overall_SU_ML                            0.21 
_refine.overall_SU_R_Cruickshank_DPI             ? 
_refine.overall_SU_R_free                        ? 
_refine.overall_FOM_free_R_set                   ? 
_refine.overall_FOM_work_R_set                   ? 
_refine.pdbx_average_fsc_overall                 ? 
_refine.pdbx_average_fsc_work                    ? 
_refine.pdbx_average_fsc_free                    ? 
# 
_refine_hist.pdbx_refine_id                   'X-RAY DIFFRACTION' 
_refine_hist.cycle_id                         LAST 
_refine_hist.details                          ? 
_refine_hist.d_res_high                       1.80 
_refine_hist.d_res_low                        37.73 
_refine_hist.number_atoms_solvent             19 
_refine_hist.number_atoms_total               766 
_refine_hist.number_reflns_all                ? 
_refine_hist.number_reflns_obs                ? 
_refine_hist.number_reflns_R_free             ? 
_refine_hist.number_reflns_R_work             ? 
_refine_hist.R_factor_all                     ? 
_refine_hist.R_factor_obs                     ? 
_refine_hist.R_factor_R_free                  ? 
_refine_hist.R_factor_R_work                  ? 
_refine_hist.pdbx_number_residues_total       ? 
_refine_hist.pdbx_B_iso_mean_ligand           ? 
_refine_hist.pdbx_B_iso_mean_solvent          ? 
_refine_hist.pdbx_number_atoms_protein        734 
_refine_hist.pdbx_number_atoms_nucleic_acid   0 
_refine_hist.pdbx_number_atoms_ligand         13 
_refine_hist.pdbx_number_atoms_lipid          ? 
_refine_hist.pdbx_number_atoms_carb           ? 
_refine_hist.pdbx_pseudo_atom_details         ? 
# 
loop_
_refine_ls_restr.pdbx_refine_id 
_refine_ls_restr.criterion 
_refine_ls_restr.dev_ideal 
_refine_ls_restr.dev_ideal_target 
_refine_ls_restr.number 
_refine_ls_restr.rejects 
_refine_ls_restr.type 
_refine_ls_restr.weight 
_refine_ls_restr.pdbx_restraint_function 
'X-RAY DIFFRACTION' ? 0.009  ? 764  ? f_bond_d           ? ? 
'X-RAY DIFFRACTION' ? 0.944  ? 1023 ? f_angle_d          ? ? 
'X-RAY DIFFRACTION' ? 16.479 ? 288  ? f_dihedral_angle_d ? ? 
'X-RAY DIFFRACTION' ? 0.050  ? 117  ? f_chiral_restr     ? ? 
'X-RAY DIFFRACTION' ? 0.007  ? 130  ? f_plane_restr      ? ? 
# 
loop_
_refine_ls_shell.pdbx_refine_id 
_refine_ls_shell.d_res_high 
_refine_ls_shell.d_res_low 
_refine_ls_shell.number_reflns_all 
_refine_ls_shell.number_reflns_obs 
_refine_ls_shell.number_reflns_R_free 
_refine_ls_shell.number_reflns_R_work 
_refine_ls_shell.percent_reflns_obs 
_refine_ls_shell.percent_reflns_R_free 
_refine_ls_shell.R_factor_all 
_refine_ls_shell.R_factor_obs 
_refine_ls_shell.R_factor_R_free_error 
_refine_ls_shell.R_factor_R_work 
_refine_ls_shell.redundancy_reflns_all 
_refine_ls_shell.redundancy_reflns_obs 
_refine_ls_shell.wR_factor_all 
_refine_ls_shell.wR_factor_obs 
_refine_ls_shell.wR_factor_R_free 
_refine_ls_shell.wR_factor_R_work 
_refine_ls_shell.pdbx_R_complete 
_refine_ls_shell.pdbx_total_number_of_bins_used 
_refine_ls_shell.pdbx_phase_error 
_refine_ls_shell.pdbx_fsc_work 
_refine_ls_shell.pdbx_fsc_free 
_refine_ls_shell.R_factor_R_free 
'X-RAY DIFFRACTION' 1.80 1.98  . . 123 2664 100.00 . . . . 0.2829 . . . . . . . . . . . 0.2866 
'X-RAY DIFFRACTION' 1.98 2.27  . . 129 2689 100.00 . . . . 0.1964 . . . . . . . . . . . 0.2559 
'X-RAY DIFFRACTION' 2.27 2.86  . . 136 2686 100.00 . . . . 0.2314 . . . . . . . . . . . 0.2495 
'X-RAY DIFFRACTION' 2.86 37.73 . . 146 2720 100.00 . . . . 0.1670 . . . . . . . . . . . 0.2009 
# 
_struct.entry_id                     9B0M 
_struct.title                        'Crystal structure of Macrophage migration inhibitory factor from Plasmodium vivax' 
_struct.pdbx_model_details           ? 
_struct.pdbx_formula_weight          ? 
_struct.pdbx_formula_weight_method   ? 
_struct.pdbx_model_type_details      ? 
_struct.pdbx_CASP_flag               N 
# 
_struct_keywords.entry_id        9B0M 
_struct_keywords.text            
;SSGCID, STRUCTURAL GENOMICS, SEATTLE STRUCTURAL GENOMICS CENTER FOR INFECTIOUS DISEASE, Macrophage migration inhibitory factor, MIF, L-dopachrome isomerase, LIPID TRANSPORT, CYTOKINE
;
_struct_keywords.pdbx_keywords   CYTOKINE 
# 
loop_
_struct_asym.id 
_struct_asym.pdbx_blank_PDB_chainid_flag 
_struct_asym.pdbx_modified 
_struct_asym.entity_id 
_struct_asym.details 
A N N 1 ? 
B N N 2 ? 
C N N 3 ? 
D N N 4 ? 
# 
_struct_ref.id                         1 
_struct_ref.db_name                    UNP 
_struct_ref.db_code                    A5K093_PLAVS 
_struct_ref.pdbx_db_accession          A5K093 
_struct_ref.pdbx_db_isoform            ? 
_struct_ref.entity_id                  1 
_struct_ref.pdbx_seq_one_letter_code   
;MPCCQVSTNINASDDDAKKALSQIENAISQVLGKPLGYIMSNLDYQKHMRFGGSHDGFCFVRVTSLGGINKSNNSSLADK
ITKILASTLNVKSERVFIEFKDCSAQNFAFNGSLFG
;
_struct_ref.pdbx_align_begin           1 
# 
_struct_ref_seq.align_id                      1 
_struct_ref_seq.ref_id                        1 
_struct_ref_seq.pdbx_PDB_id_code              9B0M 
_struct_ref_seq.pdbx_strand_id                A 
_struct_ref_seq.seq_align_beg                 22 
_struct_ref_seq.pdbx_seq_align_beg_ins_code   ? 
_struct_ref_seq.seq_align_end                 137 
_struct_ref_seq.pdbx_seq_align_end_ins_code   ? 
_struct_ref_seq.pdbx_db_accession             A5K093 
_struct_ref_seq.db_align_beg                  1 
_struct_ref_seq.pdbx_db_align_beg_ins_code    ? 
_struct_ref_seq.db_align_end                  116 
_struct_ref_seq.pdbx_db_align_end_ins_code    ? 
_struct_ref_seq.pdbx_auth_seq_align_beg       1 
_struct_ref_seq.pdbx_auth_seq_align_end       116 
# 
loop_
_struct_ref_seq_dif.align_id 
_struct_ref_seq_dif.pdbx_pdb_id_code 
_struct_ref_seq_dif.mon_id 
_struct_ref_seq_dif.pdbx_pdb_strand_id 
_struct_ref_seq_dif.seq_num 
_struct_ref_seq_dif.pdbx_pdb_ins_code 
_struct_ref_seq_dif.pdbx_seq_db_name 
_struct_ref_seq_dif.pdbx_seq_db_accession_code 
_struct_ref_seq_dif.db_mon_id 
_struct_ref_seq_dif.pdbx_seq_db_seq_num 
_struct_ref_seq_dif.details 
_struct_ref_seq_dif.pdbx_auth_seq_num 
_struct_ref_seq_dif.pdbx_ordinal 
1 9B0M MET A 1  ? UNP A5K093 ? ? 'initiating methionine' -20 1  
1 9B0M ALA A 2  ? UNP A5K093 ? ? 'expression tag'        -19 2  
1 9B0M HIS A 3  ? UNP A5K093 ? ? 'expression tag'        -18 3  
1 9B0M HIS A 4  ? UNP A5K093 ? ? 'expression tag'        -17 4  
1 9B0M HIS A 5  ? UNP A5K093 ? ? 'expression tag'        -16 5  
1 9B0M HIS A 6  ? UNP A5K093 ? ? 'expression tag'        -15 6  
1 9B0M HIS A 7  ? UNP A5K093 ? ? 'expression tag'        -14 7  
1 9B0M HIS A 8  ? UNP A5K093 ? ? 'expression tag'        -13 8  
1 9B0M MET A 9  ? UNP A5K093 ? ? 'expression tag'        -12 9  
1 9B0M GLY A 10 ? UNP A5K093 ? ? 'expression tag'        -11 10 
1 9B0M THR A 11 ? UNP A5K093 ? ? 'expression tag'        -10 11 
1 9B0M LEU A 12 ? UNP A5K093 ? ? 'expression tag'        -9  12 
1 9B0M GLU A 13 ? UNP A5K093 ? ? 'expression tag'        -8  13 
1 9B0M ALA A 14 ? UNP A5K093 ? ? 'expression tag'        -7  14 
1 9B0M GLN A 15 ? UNP A5K093 ? ? 'expression tag'        -6  15 
1 9B0M THR A 16 ? UNP A5K093 ? ? 'expression tag'        -5  16 
1 9B0M GLN A 17 ? UNP A5K093 ? ? 'expression tag'        -4  17 
1 9B0M GLY A 18 ? UNP A5K093 ? ? 'expression tag'        -3  18 
1 9B0M PRO A 19 ? UNP A5K093 ? ? 'expression tag'        -2  19 
1 9B0M GLY A 20 ? UNP A5K093 ? ? 'expression tag'        -1  20 
1 9B0M SER A 21 ? UNP A5K093 ? ? 'expression tag'        0   21 
# 
_pdbx_struct_assembly.id                   1 
_pdbx_struct_assembly.details              author_and_software_defined_assembly 
_pdbx_struct_assembly.method_details       PISA 
_pdbx_struct_assembly.oligomeric_details   trimeric 
_pdbx_struct_assembly.oligomeric_count     3 
# 
loop_
_pdbx_struct_assembly_prop.biol_id 
_pdbx_struct_assembly_prop.type 
_pdbx_struct_assembly_prop.value 
_pdbx_struct_assembly_prop.details 
1 'ABSA (A^2)' 4620  ? 
1 MORE         -7    ? 
1 'SSA (A^2)'  13600 ? 
# 
_pdbx_struct_assembly_gen.assembly_id       1 
_pdbx_struct_assembly_gen.oper_expression   1,2,3 
_pdbx_struct_assembly_gen.asym_id_list      A,B,C,D 
# 
_pdbx_struct_assembly_auth_evidence.id                     1 
_pdbx_struct_assembly_auth_evidence.assembly_id            1 
_pdbx_struct_assembly_auth_evidence.experimental_support   'gel filtration' 
_pdbx_struct_assembly_auth_evidence.details                ? 
# 
loop_
_pdbx_struct_oper_list.id 
_pdbx_struct_oper_list.type 
_pdbx_struct_oper_list.name 
_pdbx_struct_oper_list.symmetry_operation 
_pdbx_struct_oper_list.matrix[1][1] 
_pdbx_struct_oper_list.matrix[1][2] 
_pdbx_struct_oper_list.matrix[1][3] 
_pdbx_struct_oper_list.vector[1] 
_pdbx_struct_oper_list.matrix[2][1] 
_pdbx_struct_oper_list.matrix[2][2] 
_pdbx_struct_oper_list.matrix[2][3] 
_pdbx_struct_oper_list.vector[2] 
_pdbx_struct_oper_list.matrix[3][1] 
_pdbx_struct_oper_list.matrix[3][2] 
_pdbx_struct_oper_list.matrix[3][3] 
_pdbx_struct_oper_list.vector[3] 
1 'identity operation'         1_555 x,y,z        1.0000000000 0.0000000000 0.0000000000  0.0000000000  0.0000000000 1.0000000000  0.0000000000  0.0000000000  0.0000000000  0.0000000000  1.0000000000  0.0000000000  
2 'crystal symmetry operation' 2_665 -y+1,x-y+1,z 0.7026247306 0.3063055505 -0.6422580460 5.1952575423  0.7114235304 -0.2846850194 0.6425192606  2.4651763421  0.0139659715  -0.9083674089 -0.4179397112 23.8818420082 
3 'crystal symmetry operation' 3_565 -x+y,-x+1,z  0.7026247306 0.7114235304 0.0139659715  -5.7376340121 0.3063055505 -0.2846850194 -0.9083674089 20.8039494959 -0.6422580460 0.6425192606  -0.4179397112 11.7339428293 
# 
loop_
_struct_conf.conf_type_id 
_struct_conf.id 
_struct_conf.pdbx_PDB_helix_id 
_struct_conf.beg_label_comp_id 
_struct_conf.beg_label_asym_id 
_struct_conf.beg_label_seq_id 
_struct_conf.pdbx_beg_PDB_ins_code 
_struct_conf.end_label_comp_id 
_struct_conf.end_label_asym_id 
_struct_conf.end_label_seq_id 
_struct_conf.pdbx_end_PDB_ins_code 
_struct_conf.beg_auth_comp_id 
_struct_conf.beg_auth_asym_id 
_struct_conf.beg_auth_seq_id 
_struct_conf.end_auth_comp_id 
_struct_conf.end_auth_asym_id 
_struct_conf.end_auth_seq_id 
_struct_conf.pdbx_PDB_helix_class 
_struct_conf.details 
_struct_conf.pdbx_PDB_helix_length 
HELX_P HELX_P1 AA1 SER A 34  ? GLY A 54  ? SER A 13 GLY A 33 1 ? 21 
HELX_P HELX_P2 AA2 PRO A 56  ? ILE A 60  ? PRO A 35 ILE A 39 5 ? 5  
HELX_P HELX_P3 AA3 ASN A 94  ? ASN A 111 ? ASN A 73 ASN A 90 1 ? 18 
HELX_P HELX_P4 AA4 LYS A 113 ? GLU A 115 ? LYS A 92 GLU A 94 5 ? 3  
# 
_struct_conf_type.id          HELX_P 
_struct_conf_type.criteria    ? 
_struct_conf_type.reference   ? 
# 
_struct_sheet.id               AA1 
_struct_sheet.type             ? 
_struct_sheet.number_strands   4 
_struct_sheet.details          ? 
# 
loop_
_struct_sheet_order.sheet_id 
_struct_sheet_order.range_id_1 
_struct_sheet_order.range_id_2 
_struct_sheet_order.offset 
_struct_sheet_order.sense 
AA1 1 2 ? parallel      
AA1 2 3 ? anti-parallel 
AA1 3 4 ? parallel      
# 
loop_
_struct_sheet_range.sheet_id 
_struct_sheet_range.id 
_struct_sheet_range.beg_label_comp_id 
_struct_sheet_range.beg_label_asym_id 
_struct_sheet_range.beg_label_seq_id 
_struct_sheet_range.pdbx_beg_PDB_ins_code 
_struct_sheet_range.end_label_comp_id 
_struct_sheet_range.end_label_asym_id 
_struct_sheet_range.end_label_seq_id 
_struct_sheet_range.pdbx_end_PDB_ins_code 
_struct_sheet_range.beg_auth_comp_id 
_struct_sheet_range.beg_auth_asym_id 
_struct_sheet_range.beg_auth_seq_id 
_struct_sheet_range.end_auth_comp_id 
_struct_sheet_range.end_auth_asym_id 
_struct_sheet_range.end_auth_seq_id 
AA1 1 MET A 61  ? TYR A 66  ? MET A 40 TYR A 45  
AA1 2 CYS A 24  ? THR A 29  ? CYS A 3  THR A 8   
AA1 3 CYS A 80  ? THR A 85  ? CYS A 59 THR A 64  
AA1 4 VAL A 117 ? PHE A 121 ? VAL A 96 PHE A 100 
# 
loop_
_pdbx_struct_sheet_hbond.sheet_id 
_pdbx_struct_sheet_hbond.range_id_1 
_pdbx_struct_sheet_hbond.range_id_2 
_pdbx_struct_sheet_hbond.range_1_label_atom_id 
_pdbx_struct_sheet_hbond.range_1_label_comp_id 
_pdbx_struct_sheet_hbond.range_1_label_asym_id 
_pdbx_struct_sheet_hbond.range_1_label_seq_id 
_pdbx_struct_sheet_hbond.range_1_PDB_ins_code 
_pdbx_struct_sheet_hbond.range_1_auth_atom_id 
_pdbx_struct_sheet_hbond.range_1_auth_comp_id 
_pdbx_struct_sheet_hbond.range_1_auth_asym_id 
_pdbx_struct_sheet_hbond.range_1_auth_seq_id 
_pdbx_struct_sheet_hbond.range_2_label_atom_id 
_pdbx_struct_sheet_hbond.range_2_label_comp_id 
_pdbx_struct_sheet_hbond.range_2_label_asym_id 
_pdbx_struct_sheet_hbond.range_2_label_seq_id 
_pdbx_struct_sheet_hbond.range_2_PDB_ins_code 
_pdbx_struct_sheet_hbond.range_2_auth_atom_id 
_pdbx_struct_sheet_hbond.range_2_auth_comp_id 
_pdbx_struct_sheet_hbond.range_2_auth_asym_id 
_pdbx_struct_sheet_hbond.range_2_auth_seq_id 
AA1 1 2 O ASN A 63 ? O ASN A 42 N VAL A 27  ? N VAL A 6  
AA1 2 3 N SER A 28 ? N SER A 7  O PHE A 81  ? O PHE A 60 
AA1 3 4 N VAL A 82 ? N VAL A 61 O GLU A 120 ? O GLU A 99 
# 
_pdbx_SG_project.id                    1 
_pdbx_SG_project.project_name          'NIAID, National Institute of Allergy and Infectious Diseases' 
_pdbx_SG_project.full_name_of_center   'Seattle Structural Genomics Center for Infectious Disease' 
_pdbx_SG_project.initial_of_center     SSGCID 
# 
loop_
_pdbx_struct_special_symmetry.id 
_pdbx_struct_special_symmetry.PDB_model_num 
_pdbx_struct_special_symmetry.auth_asym_id 
_pdbx_struct_special_symmetry.auth_comp_id 
_pdbx_struct_special_symmetry.auth_seq_id 
_pdbx_struct_special_symmetry.PDB_ins_code 
_pdbx_struct_special_symmetry.label_asym_id 
_pdbx_struct_special_symmetry.label_comp_id 
_pdbx_struct_special_symmetry.label_seq_id 
1 1 A HOH 303 ? D HOH . 
2 1 A HOH 317 ? D HOH . 
# 
loop_
_pdbx_refine_tls.id 
_pdbx_refine_tls.pdbx_refine_id 
_pdbx_refine_tls.details 
_pdbx_refine_tls.method 
_pdbx_refine_tls.origin_x 
_pdbx_refine_tls.origin_y 
_pdbx_refine_tls.origin_z 
_pdbx_refine_tls.T[1][1] 
_pdbx_refine_tls.T[1][1]_esd 
_pdbx_refine_tls.T[1][2] 
_pdbx_refine_tls.T[1][2]_esd 
_pdbx_refine_tls.T[1][3] 
_pdbx_refine_tls.T[1][3]_esd 
_pdbx_refine_tls.T[2][2] 
_pdbx_refine_tls.T[2][2]_esd 
_pdbx_refine_tls.T[2][3] 
_pdbx_refine_tls.T[2][3]_esd 
_pdbx_refine_tls.T[3][3] 
_pdbx_refine_tls.T[3][3]_esd 
_pdbx_refine_tls.L[1][1] 
_pdbx_refine_tls.L[1][1]_esd 
_pdbx_refine_tls.L[1][2] 
_pdbx_refine_tls.L[1][2]_esd 
_pdbx_refine_tls.L[1][3] 
_pdbx_refine_tls.L[1][3]_esd 
_pdbx_refine_tls.L[2][2] 
_pdbx_refine_tls.L[2][2]_esd 
_pdbx_refine_tls.L[2][3] 
_pdbx_refine_tls.L[2][3]_esd 
_pdbx_refine_tls.L[3][3] 
_pdbx_refine_tls.L[3][3]_esd 
_pdbx_refine_tls.S[1][1] 
_pdbx_refine_tls.S[1][1]_esd 
_pdbx_refine_tls.S[1][2] 
_pdbx_refine_tls.S[1][2]_esd 
_pdbx_refine_tls.S[1][3] 
_pdbx_refine_tls.S[1][3]_esd 
_pdbx_refine_tls.S[2][1] 
_pdbx_refine_tls.S[2][1]_esd 
_pdbx_refine_tls.S[2][2] 
_pdbx_refine_tls.S[2][2]_esd 
_pdbx_refine_tls.S[2][3] 
_pdbx_refine_tls.S[2][3]_esd 
_pdbx_refine_tls.S[3][1] 
_pdbx_refine_tls.S[3][1]_esd 
_pdbx_refine_tls.S[3][2] 
_pdbx_refine_tls.S[3][2]_esd 
_pdbx_refine_tls.S[3][3] 
_pdbx_refine_tls.S[3][3]_esd 
1 'X-RAY DIFFRACTION' ? refined 6.8349   4.0379  0.3244  0.4689 ? 0.0079  ? 0.1208  ? 0.8010 ? 0.0503  ? 0.6722 ? 6.9793 ? 0.9299  ? 1.9821  ? 5.8172 ? -1.1050 ? 1.5851  ? 0.1716 ? -0.2690 ? -0.5655 ? -0.3666 ? -0.3129 ? -1.5183 ? -0.1152 ? 1.0506  ? 0.0100  ? 
2 'X-RAY DIFFRACTION' ? refined 0.1032   1.8280  -5.8973 0.5449 ? 0.0264  ? 0.0910  ? 0.6943 ? -0.0021 ? 0.3079 ? 7.7501 ? -1.2925 ? 0.5279  ? 8.0780 ? 0.8417  ? 6.0454  ? 0.2679 ? 1.5548  ? 0.2865  ? -1.1004 ? -0.2149 ? -0.4588 ? -0.1432 ? 0.2357  ? -0.0517 ? 
3 'X-RAY DIFFRACTION' ? refined -0.1542  -4.5930 2.4141  0.3394 ? 0.0014  ? 0.0125  ? 0.2983 ? -0.0944 ? 0.4001 ? 6.5619 ? -0.4896 ? -0.3296 ? 5.3521 ? 0.6707  ? 3.5927  ? 0.1073 ? 0.4067  ? -0.8969 ? -0.1991 ? 0.0086  ? -0.1410 ? 0.1903  ? 0.0696  ? -0.0784 ? 
4 'X-RAY DIFFRACTION' ? refined 4.4993   -4.4317 7.0148  0.3980 ? -0.0061 ? 0.0427  ? 0.3307 ? -0.0923 ? 0.5052 ? 7.5076 ? -2.4381 ? -1.8517 ? 1.6257 ? 2.3283  ? 4.7178  ? 0.0766 ? -0.0016 ? -0.0612 ? -0.0950 ? 0.2861  ? -0.4865 ? 0.0934  ? 0.3665  ? -0.3122 ? 
5 'X-RAY DIFFRACTION' ? refined -10.7384 11.2797 1.7943  0.3360 ? 0.0070  ? -0.0285 ? 0.3697 ? 0.0751  ? 0.4273 ? 4.8413 ? 0.9347  ? -1.1967 ? 9.4790 ? -2.1840 ? 10.7682 ? 0.0646 ? 0.4051  ? 0.3921  ? -0.0301 ? 0.4935  ? 0.5130  ? 0.0890  ? -0.5383 ? -0.5561 ? 
# 
loop_
_pdbx_refine_tls_group.id 
_pdbx_refine_tls_group.pdbx_refine_id 
_pdbx_refine_tls_group.refine_tls_id 
_pdbx_refine_tls_group.beg_label_asym_id 
_pdbx_refine_tls_group.beg_label_seq_id 
_pdbx_refine_tls_group.beg_auth_asym_id 
_pdbx_refine_tls_group.beg_auth_seq_id 
_pdbx_refine_tls_group.beg_PDB_ins_code 
_pdbx_refine_tls_group.end_label_asym_id 
_pdbx_refine_tls_group.end_label_seq_id 
_pdbx_refine_tls_group.end_auth_asym_id 
_pdbx_refine_tls_group.end_auth_seq_id 
_pdbx_refine_tls_group.end_PDB_ins_code 
_pdbx_refine_tls_group.selection 
_pdbx_refine_tls_group.selection_details 
1 'X-RAY DIFFRACTION' 1 ? ? ? ? ? ? ? ? ? ? ? 
;chain 'A' and (resid 59 through 72 )
;
2 'X-RAY DIFFRACTION' 2 ? ? ? ? ? ? ? ? ? ? ? 
;chain 'A' and (resid 73 through 101 )
;
3 'X-RAY DIFFRACTION' 3 ? ? ? ? ? ? ? ? ? ? ? 
;chain 'A' and (resid 1 through 32 )
;
4 'X-RAY DIFFRACTION' 4 ? ? ? ? ? ? ? ? ? ? ? 
;chain 'A' and (resid 33 through 45 )
;
5 'X-RAY DIFFRACTION' 5 ? ? ? ? ? ? ? ? ? ? ? 
;chain 'A' and (resid 46 through 58 )
;
# 
_pdbx_entry_details.entry_id                 9B0M 
_pdbx_entry_details.has_ligand_of_interest   N 
_pdbx_entry_details.compound_details         ? 
_pdbx_entry_details.source_details           ? 
_pdbx_entry_details.nonpolymer_details       ? 
_pdbx_entry_details.sequence_details         ? 
# 
loop_
_pdbx_unobs_or_zero_occ_residues.id 
_pdbx_unobs_or_zero_occ_residues.PDB_model_num 
_pdbx_unobs_or_zero_occ_residues.polymer_flag 
_pdbx_unobs_or_zero_occ_residues.occupancy_flag 
_pdbx_unobs_or_zero_occ_residues.auth_asym_id 
_pdbx_unobs_or_zero_occ_residues.auth_comp_id 
_pdbx_unobs_or_zero_occ_residues.auth_seq_id 
_pdbx_unobs_or_zero_occ_residues.PDB_ins_code 
_pdbx_unobs_or_zero_occ_residues.label_asym_id 
_pdbx_unobs_or_zero_occ_residues.label_comp_id 
_pdbx_unobs_or_zero_occ_residues.label_seq_id 
1  1 Y 1 A MET -20 ? A MET 1   
2  1 Y 1 A ALA -19 ? A ALA 2   
3  1 Y 1 A HIS -18 ? A HIS 3   
4  1 Y 1 A HIS -17 ? A HIS 4   
5  1 Y 1 A HIS -16 ? A HIS 5   
6  1 Y 1 A HIS -15 ? A HIS 6   
7  1 Y 1 A HIS -14 ? A HIS 7   
8  1 Y 1 A HIS -13 ? A HIS 8   
9  1 Y 1 A MET -12 ? A MET 9   
10 1 Y 1 A GLY -11 ? A GLY 10  
11 1 Y 1 A THR -10 ? A THR 11  
12 1 Y 1 A LEU -9  ? A LEU 12  
13 1 Y 1 A GLU -8  ? A GLU 13  
14 1 Y 1 A ALA -7  ? A ALA 14  
15 1 Y 1 A GLN -6  ? A GLN 15  
16 1 Y 1 A THR -5  ? A THR 16  
17 1 Y 1 A GLN -4  ? A GLN 17  
18 1 Y 1 A GLY -3  ? A GLY 18  
19 1 Y 1 A PRO -2  ? A PRO 19  
20 1 Y 1 A GLY -1  ? A GLY 20  
21 1 Y 1 A SER 0   ? A SER 21  
22 1 Y 1 A LEU 66  ? A LEU 87  
23 1 Y 1 A GLY 67  ? A GLY 88  
24 1 Y 1 A GLY 68  ? A GLY 89  
25 1 Y 1 A ILE 69  ? A ILE 90  
26 1 Y 1 A ASN 70  ? A ASN 91  
27 1 Y 1 A ASP 102 ? A ASP 123 
28 1 Y 1 A CYS 103 ? A CYS 124 
29 1 Y 1 A SER 104 ? A SER 125 
30 1 Y 1 A ALA 105 ? A ALA 126 
31 1 Y 1 A GLN 106 ? A GLN 127 
32 1 Y 1 A ASN 107 ? A ASN 128 
33 1 Y 1 A PHE 108 ? A PHE 129 
34 1 Y 1 A ALA 109 ? A ALA 130 
35 1 Y 1 A PHE 110 ? A PHE 131 
36 1 Y 1 A ASN 111 ? A ASN 132 
37 1 Y 1 A GLY 112 ? A GLY 133 
38 1 Y 1 A SER 113 ? A SER 134 
39 1 Y 1 A LEU 114 ? A LEU 135 
40 1 Y 1 A PHE 115 ? A PHE 136 
41 1 Y 1 A GLY 116 ? A GLY 137 
# 
loop_
_chem_comp_atom.comp_id 
_chem_comp_atom.atom_id 
_chem_comp_atom.type_symbol 
_chem_comp_atom.pdbx_aromatic_flag 
_chem_comp_atom.pdbx_stereo_config 
_chem_comp_atom.pdbx_ordinal 
ALA N    N N N 1   
ALA CA   C N S 2   
ALA C    C N N 3   
ALA O    O N N 4   
ALA CB   C N N 5   
ALA OXT  O N N 6   
ALA H    H N N 7   
ALA H2   H N N 8   
ALA HA   H N N 9   
ALA HB1  H N N 10  
ALA HB2  H N N 11  
ALA HB3  H N N 12  
ALA HXT  H N N 13  
ARG N    N N N 14  
ARG CA   C N S 15  
ARG C    C N N 16  
ARG O    O N N 17  
ARG CB   C N N 18  
ARG CG   C N N 19  
ARG CD   C N N 20  
ARG NE   N N N 21  
ARG CZ   C N N 22  
ARG NH1  N N N 23  
ARG NH2  N N N 24  
ARG OXT  O N N 25  
ARG H    H N N 26  
ARG H2   H N N 27  
ARG HA   H N N 28  
ARG HB2  H N N 29  
ARG HB3  H N N 30  
ARG HG2  H N N 31  
ARG HG3  H N N 32  
ARG HD2  H N N 33  
ARG HD3  H N N 34  
ARG HE   H N N 35  
ARG HH11 H N N 36  
ARG HH12 H N N 37  
ARG HH21 H N N 38  
ARG HH22 H N N 39  
ARG HXT  H N N 40  
ASN N    N N N 41  
ASN CA   C N S 42  
ASN C    C N N 43  
ASN O    O N N 44  
ASN CB   C N N 45  
ASN CG   C N N 46  
ASN OD1  O N N 47  
ASN ND2  N N N 48  
ASN OXT  O N N 49  
ASN H    H N N 50  
ASN H2   H N N 51  
ASN HA   H N N 52  
ASN HB2  H N N 53  
ASN HB3  H N N 54  
ASN HD21 H N N 55  
ASN HD22 H N N 56  
ASN HXT  H N N 57  
ASP N    N N N 58  
ASP CA   C N S 59  
ASP C    C N N 60  
ASP O    O N N 61  
ASP CB   C N N 62  
ASP CG   C N N 63  
ASP OD1  O N N 64  
ASP OD2  O N N 65  
ASP OXT  O N N 66  
ASP H    H N N 67  
ASP H2   H N N 68  
ASP HA   H N N 69  
ASP HB2  H N N 70  
ASP HB3  H N N 71  
ASP HD2  H N N 72  
ASP HXT  H N N 73  
CYS N    N N N 74  
CYS CA   C N R 75  
CYS C    C N N 76  
CYS O    O N N 77  
CYS CB   C N N 78  
CYS SG   S N N 79  
CYS OXT  O N N 80  
CYS H    H N N 81  
CYS H2   H N N 82  
CYS HA   H N N 83  
CYS HB2  H N N 84  
CYS HB3  H N N 85  
CYS HG   H N N 86  
CYS HXT  H N N 87  
GLN N    N N N 88  
GLN CA   C N S 89  
GLN C    C N N 90  
GLN O    O N N 91  
GLN CB   C N N 92  
GLN CG   C N N 93  
GLN CD   C N N 94  
GLN OE1  O N N 95  
GLN NE2  N N N 96  
GLN OXT  O N N 97  
GLN H    H N N 98  
GLN H2   H N N 99  
GLN HA   H N N 100 
GLN HB2  H N N 101 
GLN HB3  H N N 102 
GLN HG2  H N N 103 
GLN HG3  H N N 104 
GLN HE21 H N N 105 
GLN HE22 H N N 106 
GLN HXT  H N N 107 
GLU N    N N N 108 
GLU CA   C N S 109 
GLU C    C N N 110 
GLU O    O N N 111 
GLU CB   C N N 112 
GLU CG   C N N 113 
GLU CD   C N N 114 
GLU OE1  O N N 115 
GLU OE2  O N N 116 
GLU OXT  O N N 117 
GLU H    H N N 118 
GLU H2   H N N 119 
GLU HA   H N N 120 
GLU HB2  H N N 121 
GLU HB3  H N N 122 
GLU HG2  H N N 123 
GLU HG3  H N N 124 
GLU HE2  H N N 125 
GLU HXT  H N N 126 
GLY N    N N N 127 
GLY CA   C N N 128 
GLY C    C N N 129 
GLY O    O N N 130 
GLY OXT  O N N 131 
GLY H    H N N 132 
GLY H2   H N N 133 
GLY HA2  H N N 134 
GLY HA3  H N N 135 
GLY HXT  H N N 136 
GOL C1   C N N 137 
GOL O1   O N N 138 
GOL C2   C N N 139 
GOL O2   O N N 140 
GOL C3   C N N 141 
GOL O3   O N N 142 
GOL H11  H N N 143 
GOL H12  H N N 144 
GOL HO1  H N N 145 
GOL H2   H N N 146 
GOL HO2  H N N 147 
GOL H31  H N N 148 
GOL H32  H N N 149 
GOL HO3  H N N 150 
HIS N    N N N 151 
HIS CA   C N S 152 
HIS C    C N N 153 
HIS O    O N N 154 
HIS CB   C N N 155 
HIS CG   C Y N 156 
HIS ND1  N Y N 157 
HIS CD2  C Y N 158 
HIS CE1  C Y N 159 
HIS NE2  N Y N 160 
HIS OXT  O N N 161 
HIS H    H N N 162 
HIS H2   H N N 163 
HIS HA   H N N 164 
HIS HB2  H N N 165 
HIS HB3  H N N 166 
HIS HD1  H N N 167 
HIS HD2  H N N 168 
HIS HE1  H N N 169 
HIS HE2  H N N 170 
HIS HXT  H N N 171 
HOH O    O N N 172 
HOH H1   H N N 173 
HOH H2   H N N 174 
ILE N    N N N 175 
ILE CA   C N S 176 
ILE C    C N N 177 
ILE O    O N N 178 
ILE CB   C N S 179 
ILE CG1  C N N 180 
ILE CG2  C N N 181 
ILE CD1  C N N 182 
ILE OXT  O N N 183 
ILE H    H N N 184 
ILE H2   H N N 185 
ILE HA   H N N 186 
ILE HB   H N N 187 
ILE HG12 H N N 188 
ILE HG13 H N N 189 
ILE HG21 H N N 190 
ILE HG22 H N N 191 
ILE HG23 H N N 192 
ILE HD11 H N N 193 
ILE HD12 H N N 194 
ILE HD13 H N N 195 
ILE HXT  H N N 196 
LEU N    N N N 197 
LEU CA   C N S 198 
LEU C    C N N 199 
LEU O    O N N 200 
LEU CB   C N N 201 
LEU CG   C N N 202 
LEU CD1  C N N 203 
LEU CD2  C N N 204 
LEU OXT  O N N 205 
LEU H    H N N 206 
LEU H2   H N N 207 
LEU HA   H N N 208 
LEU HB2  H N N 209 
LEU HB3  H N N 210 
LEU HG   H N N 211 
LEU HD11 H N N 212 
LEU HD12 H N N 213 
LEU HD13 H N N 214 
LEU HD21 H N N 215 
LEU HD22 H N N 216 
LEU HD23 H N N 217 
LEU HXT  H N N 218 
LYS N    N N N 219 
LYS CA   C N S 220 
LYS C    C N N 221 
LYS O    O N N 222 
LYS CB   C N N 223 
LYS CG   C N N 224 
LYS CD   C N N 225 
LYS CE   C N N 226 
LYS NZ   N N N 227 
LYS OXT  O N N 228 
LYS H    H N N 229 
LYS H2   H N N 230 
LYS HA   H N N 231 
LYS HB2  H N N 232 
LYS HB3  H N N 233 
LYS HG2  H N N 234 
LYS HG3  H N N 235 
LYS HD2  H N N 236 
LYS HD3  H N N 237 
LYS HE2  H N N 238 
LYS HE3  H N N 239 
LYS HZ1  H N N 240 
LYS HZ2  H N N 241 
LYS HZ3  H N N 242 
LYS HXT  H N N 243 
MET N    N N N 244 
MET CA   C N S 245 
MET C    C N N 246 
MET O    O N N 247 
MET CB   C N N 248 
MET CG   C N N 249 
MET SD   S N N 250 
MET CE   C N N 251 
MET OXT  O N N 252 
MET H    H N N 253 
MET H2   H N N 254 
MET HA   H N N 255 
MET HB2  H N N 256 
MET HB3  H N N 257 
MET HG2  H N N 258 
MET HG3  H N N 259 
MET HE1  H N N 260 
MET HE2  H N N 261 
MET HE3  H N N 262 
MET HXT  H N N 263 
PEG C1   C N N 264 
PEG O1   O N N 265 
PEG C2   C N N 266 
PEG O2   O N N 267 
PEG C3   C N N 268 
PEG C4   C N N 269 
PEG O4   O N N 270 
PEG H11  H N N 271 
PEG H12  H N N 272 
PEG HO1  H N N 273 
PEG H21  H N N 274 
PEG H22  H N N 275 
PEG H31  H N N 276 
PEG H32  H N N 277 
PEG H41  H N N 278 
PEG H42  H N N 279 
PEG HO4  H N N 280 
PHE N    N N N 281 
PHE CA   C N S 282 
PHE C    C N N 283 
PHE O    O N N 284 
PHE CB   C N N 285 
PHE CG   C Y N 286 
PHE CD1  C Y N 287 
PHE CD2  C Y N 288 
PHE CE1  C Y N 289 
PHE CE2  C Y N 290 
PHE CZ   C Y N 291 
PHE OXT  O N N 292 
PHE H    H N N 293 
PHE H2   H N N 294 
PHE HA   H N N 295 
PHE HB2  H N N 296 
PHE HB3  H N N 297 
PHE HD1  H N N 298 
PHE HD2  H N N 299 
PHE HE1  H N N 300 
PHE HE2  H N N 301 
PHE HZ   H N N 302 
PHE HXT  H N N 303 
PRO N    N N N 304 
PRO CA   C N S 305 
PRO C    C N N 306 
PRO O    O N N 307 
PRO CB   C N N 308 
PRO CG   C N N 309 
PRO CD   C N N 310 
PRO OXT  O N N 311 
PRO H    H N N 312 
PRO HA   H N N 313 
PRO HB2  H N N 314 
PRO HB3  H N N 315 
PRO HG2  H N N 316 
PRO HG3  H N N 317 
PRO HD2  H N N 318 
PRO HD3  H N N 319 
PRO HXT  H N N 320 
SER N    N N N 321 
SER CA   C N S 322 
SER C    C N N 323 
SER O    O N N 324 
SER CB   C N N 325 
SER OG   O N N 326 
SER OXT  O N N 327 
SER H    H N N 328 
SER H2   H N N 329 
SER HA   H N N 330 
SER HB2  H N N 331 
SER HB3  H N N 332 
SER HG   H N N 333 
SER HXT  H N N 334 
THR N    N N N 335 
THR CA   C N S 336 
THR C    C N N 337 
THR O    O N N 338 
THR CB   C N R 339 
THR OG1  O N N 340 
THR CG2  C N N 341 
THR OXT  O N N 342 
THR H    H N N 343 
THR H2   H N N 344 
THR HA   H N N 345 
THR HB   H N N 346 
THR HG1  H N N 347 
THR HG21 H N N 348 
THR HG22 H N N 349 
THR HG23 H N N 350 
THR HXT  H N N 351 
TYR N    N N N 352 
TYR CA   C N S 353 
TYR C    C N N 354 
TYR O    O N N 355 
TYR CB   C N N 356 
TYR CG   C Y N 357 
TYR CD1  C Y N 358 
TYR CD2  C Y N 359 
TYR CE1  C Y N 360 
TYR CE2  C Y N 361 
TYR CZ   C Y N 362 
TYR OH   O N N 363 
TYR OXT  O N N 364 
TYR H    H N N 365 
TYR H2   H N N 366 
TYR HA   H N N 367 
TYR HB2  H N N 368 
TYR HB3  H N N 369 
TYR HD1  H N N 370 
TYR HD2  H N N 371 
TYR HE1  H N N 372 
TYR HE2  H N N 373 
TYR HH   H N N 374 
TYR HXT  H N N 375 
VAL N    N N N 376 
VAL CA   C N S 377 
VAL C    C N N 378 
VAL O    O N N 379 
VAL CB   C N N 380 
VAL CG1  C N N 381 
VAL CG2  C N N 382 
VAL OXT  O N N 383 
VAL H    H N N 384 
VAL H2   H N N 385 
VAL HA   H N N 386 
VAL HB   H N N 387 
VAL HG11 H N N 388 
VAL HG12 H N N 389 
VAL HG13 H N N 390 
VAL HG21 H N N 391 
VAL HG22 H N N 392 
VAL HG23 H N N 393 
VAL HXT  H N N 394 
# 
loop_
_chem_comp_bond.comp_id 
_chem_comp_bond.atom_id_1 
_chem_comp_bond.atom_id_2 
_chem_comp_bond.value_order 
_chem_comp_bond.pdbx_aromatic_flag 
_chem_comp_bond.pdbx_stereo_config 
_chem_comp_bond.pdbx_ordinal 
ALA N   CA   sing N N 1   
ALA N   H    sing N N 2   
ALA N   H2   sing N N 3   
ALA CA  C    sing N N 4   
ALA CA  CB   sing N N 5   
ALA CA  HA   sing N N 6   
ALA C   O    doub N N 7   
ALA C   OXT  sing N N 8   
ALA CB  HB1  sing N N 9   
ALA CB  HB2  sing N N 10  
ALA CB  HB3  sing N N 11  
ALA OXT HXT  sing N N 12  
ARG N   CA   sing N N 13  
ARG N   H    sing N N 14  
ARG N   H2   sing N N 15  
ARG CA  C    sing N N 16  
ARG CA  CB   sing N N 17  
ARG CA  HA   sing N N 18  
ARG C   O    doub N N 19  
ARG C   OXT  sing N N 20  
ARG CB  CG   sing N N 21  
ARG CB  HB2  sing N N 22  
ARG CB  HB3  sing N N 23  
ARG CG  CD   sing N N 24  
ARG CG  HG2  sing N N 25  
ARG CG  HG3  sing N N 26  
ARG CD  NE   sing N N 27  
ARG CD  HD2  sing N N 28  
ARG CD  HD3  sing N N 29  
ARG NE  CZ   sing N N 30  
ARG NE  HE   sing N N 31  
ARG CZ  NH1  sing N N 32  
ARG CZ  NH2  doub N N 33  
ARG NH1 HH11 sing N N 34  
ARG NH1 HH12 sing N N 35  
ARG NH2 HH21 sing N N 36  
ARG NH2 HH22 sing N N 37  
ARG OXT HXT  sing N N 38  
ASN N   CA   sing N N 39  
ASN N   H    sing N N 40  
ASN N   H2   sing N N 41  
ASN CA  C    sing N N 42  
ASN CA  CB   sing N N 43  
ASN CA  HA   sing N N 44  
ASN C   O    doub N N 45  
ASN C   OXT  sing N N 46  
ASN CB  CG   sing N N 47  
ASN CB  HB2  sing N N 48  
ASN CB  HB3  sing N N 49  
ASN CG  OD1  doub N N 50  
ASN CG  ND2  sing N N 51  
ASN ND2 HD21 sing N N 52  
ASN ND2 HD22 sing N N 53  
ASN OXT HXT  sing N N 54  
ASP N   CA   sing N N 55  
ASP N   H    sing N N 56  
ASP N   H2   sing N N 57  
ASP CA  C    sing N N 58  
ASP CA  CB   sing N N 59  
ASP CA  HA   sing N N 60  
ASP C   O    doub N N 61  
ASP C   OXT  sing N N 62  
ASP CB  CG   sing N N 63  
ASP CB  HB2  sing N N 64  
ASP CB  HB3  sing N N 65  
ASP CG  OD1  doub N N 66  
ASP CG  OD2  sing N N 67  
ASP OD2 HD2  sing N N 68  
ASP OXT HXT  sing N N 69  
CYS N   CA   sing N N 70  
CYS N   H    sing N N 71  
CYS N   H2   sing N N 72  
CYS CA  C    sing N N 73  
CYS CA  CB   sing N N 74  
CYS CA  HA   sing N N 75  
CYS C   O    doub N N 76  
CYS C   OXT  sing N N 77  
CYS CB  SG   sing N N 78  
CYS CB  HB2  sing N N 79  
CYS CB  HB3  sing N N 80  
CYS SG  HG   sing N N 81  
CYS OXT HXT  sing N N 82  
GLN N   CA   sing N N 83  
GLN N   H    sing N N 84  
GLN N   H2   sing N N 85  
GLN CA  C    sing N N 86  
GLN CA  CB   sing N N 87  
GLN CA  HA   sing N N 88  
GLN C   O    doub N N 89  
GLN C   OXT  sing N N 90  
GLN CB  CG   sing N N 91  
GLN CB  HB2  sing N N 92  
GLN CB  HB3  sing N N 93  
GLN CG  CD   sing N N 94  
GLN CG  HG2  sing N N 95  
GLN CG  HG3  sing N N 96  
GLN CD  OE1  doub N N 97  
GLN CD  NE2  sing N N 98  
GLN NE2 HE21 sing N N 99  
GLN NE2 HE22 sing N N 100 
GLN OXT HXT  sing N N 101 
GLU N   CA   sing N N 102 
GLU N   H    sing N N 103 
GLU N   H2   sing N N 104 
GLU CA  C    sing N N 105 
GLU CA  CB   sing N N 106 
GLU CA  HA   sing N N 107 
GLU C   O    doub N N 108 
GLU C   OXT  sing N N 109 
GLU CB  CG   sing N N 110 
GLU CB  HB2  sing N N 111 
GLU CB  HB3  sing N N 112 
GLU CG  CD   sing N N 113 
GLU CG  HG2  sing N N 114 
GLU CG  HG3  sing N N 115 
GLU CD  OE1  doub N N 116 
GLU CD  OE2  sing N N 117 
GLU OE2 HE2  sing N N 118 
GLU OXT HXT  sing N N 119 
GLY N   CA   sing N N 120 
GLY N   H    sing N N 121 
GLY N   H2   sing N N 122 
GLY CA  C    sing N N 123 
GLY CA  HA2  sing N N 124 
GLY CA  HA3  sing N N 125 
GLY C   O    doub N N 126 
GLY C   OXT  sing N N 127 
GLY OXT HXT  sing N N 128 
GOL C1  O1   sing N N 129 
GOL C1  C2   sing N N 130 
GOL C1  H11  sing N N 131 
GOL C1  H12  sing N N 132 
GOL O1  HO1  sing N N 133 
GOL C2  O2   sing N N 134 
GOL C2  C3   sing N N 135 
GOL C2  H2   sing N N 136 
GOL O2  HO2  sing N N 137 
GOL C3  O3   sing N N 138 
GOL C3  H31  sing N N 139 
GOL C3  H32  sing N N 140 
GOL O3  HO3  sing N N 141 
HIS N   CA   sing N N 142 
HIS N   H    sing N N 143 
HIS N   H2   sing N N 144 
HIS CA  C    sing N N 145 
HIS CA  CB   sing N N 146 
HIS CA  HA   sing N N 147 
HIS C   O    doub N N 148 
HIS C   OXT  sing N N 149 
HIS CB  CG   sing N N 150 
HIS CB  HB2  sing N N 151 
HIS CB  HB3  sing N N 152 
HIS CG  ND1  sing Y N 153 
HIS CG  CD2  doub Y N 154 
HIS ND1 CE1  doub Y N 155 
HIS ND1 HD1  sing N N 156 
HIS CD2 NE2  sing Y N 157 
HIS CD2 HD2  sing N N 158 
HIS CE1 NE2  sing Y N 159 
HIS CE1 HE1  sing N N 160 
HIS NE2 HE2  sing N N 161 
HIS OXT HXT  sing N N 162 
HOH O   H1   sing N N 163 
HOH O   H2   sing N N 164 
ILE N   CA   sing N N 165 
ILE N   H    sing N N 166 
ILE N   H2   sing N N 167 
ILE CA  C    sing N N 168 
ILE CA  CB   sing N N 169 
ILE CA  HA   sing N N 170 
ILE C   O    doub N N 171 
ILE C   OXT  sing N N 172 
ILE CB  CG1  sing N N 173 
ILE CB  CG2  sing N N 174 
ILE CB  HB   sing N N 175 
ILE CG1 CD1  sing N N 176 
ILE CG1 HG12 sing N N 177 
ILE CG1 HG13 sing N N 178 
ILE CG2 HG21 sing N N 179 
ILE CG2 HG22 sing N N 180 
ILE CG2 HG23 sing N N 181 
ILE CD1 HD11 sing N N 182 
ILE CD1 HD12 sing N N 183 
ILE CD1 HD13 sing N N 184 
ILE OXT HXT  sing N N 185 
LEU N   CA   sing N N 186 
LEU N   H    sing N N 187 
LEU N   H2   sing N N 188 
LEU CA  C    sing N N 189 
LEU CA  CB   sing N N 190 
LEU CA  HA   sing N N 191 
LEU C   O    doub N N 192 
LEU C   OXT  sing N N 193 
LEU CB  CG   sing N N 194 
LEU CB  HB2  sing N N 195 
LEU CB  HB3  sing N N 196 
LEU CG  CD1  sing N N 197 
LEU CG  CD2  sing N N 198 
LEU CG  HG   sing N N 199 
LEU CD1 HD11 sing N N 200 
LEU CD1 HD12 sing N N 201 
LEU CD1 HD13 sing N N 202 
LEU CD2 HD21 sing N N 203 
LEU CD2 HD22 sing N N 204 
LEU CD2 HD23 sing N N 205 
LEU OXT HXT  sing N N 206 
LYS N   CA   sing N N 207 
LYS N   H    sing N N 208 
LYS N   H2   sing N N 209 
LYS CA  C    sing N N 210 
LYS CA  CB   sing N N 211 
LYS CA  HA   sing N N 212 
LYS C   O    doub N N 213 
LYS C   OXT  sing N N 214 
LYS CB  CG   sing N N 215 
LYS CB  HB2  sing N N 216 
LYS CB  HB3  sing N N 217 
LYS CG  CD   sing N N 218 
LYS CG  HG2  sing N N 219 
LYS CG  HG3  sing N N 220 
LYS CD  CE   sing N N 221 
LYS CD  HD2  sing N N 222 
LYS CD  HD3  sing N N 223 
LYS CE  NZ   sing N N 224 
LYS CE  HE2  sing N N 225 
LYS CE  HE3  sing N N 226 
LYS NZ  HZ1  sing N N 227 
LYS NZ  HZ2  sing N N 228 
LYS NZ  HZ3  sing N N 229 
LYS OXT HXT  sing N N 230 
MET N   CA   sing N N 231 
MET N   H    sing N N 232 
MET N   H2   sing N N 233 
MET CA  C    sing N N 234 
MET CA  CB   sing N N 235 
MET CA  HA   sing N N 236 
MET C   O    doub N N 237 
MET C   OXT  sing N N 238 
MET CB  CG   sing N N 239 
MET CB  HB2  sing N N 240 
MET CB  HB3  sing N N 241 
MET CG  SD   sing N N 242 
MET CG  HG2  sing N N 243 
MET CG  HG3  sing N N 244 
MET SD  CE   sing N N 245 
MET CE  HE1  sing N N 246 
MET CE  HE2  sing N N 247 
MET CE  HE3  sing N N 248 
MET OXT HXT  sing N N 249 
PEG C1  O1   sing N N 250 
PEG C1  C2   sing N N 251 
PEG C1  H11  sing N N 252 
PEG C1  H12  sing N N 253 
PEG O1  HO1  sing N N 254 
PEG C2  O2   sing N N 255 
PEG C2  H21  sing N N 256 
PEG C2  H22  sing N N 257 
PEG O2  C3   sing N N 258 
PEG C3  C4   sing N N 259 
PEG C3  H31  sing N N 260 
PEG C3  H32  sing N N 261 
PEG C4  O4   sing N N 262 
PEG C4  H41  sing N N 263 
PEG C4  H42  sing N N 264 
PEG O4  HO4  sing N N 265 
PHE N   CA   sing N N 266 
PHE N   H    sing N N 267 
PHE N   H2   sing N N 268 
PHE CA  C    sing N N 269 
PHE CA  CB   sing N N 270 
PHE CA  HA   sing N N 271 
PHE C   O    doub N N 272 
PHE C   OXT  sing N N 273 
PHE CB  CG   sing N N 274 
PHE CB  HB2  sing N N 275 
PHE CB  HB3  sing N N 276 
PHE CG  CD1  doub Y N 277 
PHE CG  CD2  sing Y N 278 
PHE CD1 CE1  sing Y N 279 
PHE CD1 HD1  sing N N 280 
PHE CD2 CE2  doub Y N 281 
PHE CD2 HD2  sing N N 282 
PHE CE1 CZ   doub Y N 283 
PHE CE1 HE1  sing N N 284 
PHE CE2 CZ   sing Y N 285 
PHE CE2 HE2  sing N N 286 
PHE CZ  HZ   sing N N 287 
PHE OXT HXT  sing N N 288 
PRO N   CA   sing N N 289 
PRO N   CD   sing N N 290 
PRO N   H    sing N N 291 
PRO CA  C    sing N N 292 
PRO CA  CB   sing N N 293 
PRO CA  HA   sing N N 294 
PRO C   O    doub N N 295 
PRO C   OXT  sing N N 296 
PRO CB  CG   sing N N 297 
PRO CB  HB2  sing N N 298 
PRO CB  HB3  sing N N 299 
PRO CG  CD   sing N N 300 
PRO CG  HG2  sing N N 301 
PRO CG  HG3  sing N N 302 
PRO CD  HD2  sing N N 303 
PRO CD  HD3  sing N N 304 
PRO OXT HXT  sing N N 305 
SER N   CA   sing N N 306 
SER N   H    sing N N 307 
SER N   H2   sing N N 308 
SER CA  C    sing N N 309 
SER CA  CB   sing N N 310 
SER CA  HA   sing N N 311 
SER C   O    doub N N 312 
SER C   OXT  sing N N 313 
SER CB  OG   sing N N 314 
SER CB  HB2  sing N N 315 
SER CB  HB3  sing N N 316 
SER OG  HG   sing N N 317 
SER OXT HXT  sing N N 318 
THR N   CA   sing N N 319 
THR N   H    sing N N 320 
THR N   H2   sing N N 321 
THR CA  C    sing N N 322 
THR CA  CB   sing N N 323 
THR CA  HA   sing N N 324 
THR C   O    doub N N 325 
THR C   OXT  sing N N 326 
THR CB  OG1  sing N N 327 
THR CB  CG2  sing N N 328 
THR CB  HB   sing N N 329 
THR OG1 HG1  sing N N 330 
THR CG2 HG21 sing N N 331 
THR CG2 HG22 sing N N 332 
THR CG2 HG23 sing N N 333 
THR OXT HXT  sing N N 334 
TYR N   CA   sing N N 335 
TYR N   H    sing N N 336 
TYR N   H2   sing N N 337 
TYR CA  C    sing N N 338 
TYR CA  CB   sing N N 339 
TYR CA  HA   sing N N 340 
TYR C   O    doub N N 341 
TYR C   OXT  sing N N 342 
TYR CB  CG   sing N N 343 
TYR CB  HB2  sing N N 344 
TYR CB  HB3  sing N N 345 
TYR CG  CD1  doub Y N 346 
TYR CG  CD2  sing Y N 347 
TYR CD1 CE1  sing Y N 348 
TYR CD1 HD1  sing N N 349 
TYR CD2 CE2  doub Y N 350 
TYR CD2 HD2  sing N N 351 
TYR CE1 CZ   doub Y N 352 
TYR CE1 HE1  sing N N 353 
TYR CE2 CZ   sing Y N 354 
TYR CE2 HE2  sing N N 355 
TYR CZ  OH   sing N N 356 
TYR OH  HH   sing N N 357 
TYR OXT HXT  sing N N 358 
VAL N   CA   sing N N 359 
VAL N   H    sing N N 360 
VAL N   H2   sing N N 361 
VAL CA  C    sing N N 362 
VAL CA  CB   sing N N 363 
VAL CA  HA   sing N N 364 
VAL C   O    doub N N 365 
VAL C   OXT  sing N N 366 
VAL CB  CG1  sing N N 367 
VAL CB  CG2  sing N N 368 
VAL CB  HB   sing N N 369 
VAL CG1 HG11 sing N N 370 
VAL CG1 HG12 sing N N 371 
VAL CG1 HG13 sing N N 372 
VAL CG2 HG21 sing N N 373 
VAL CG2 HG22 sing N N 374 
VAL CG2 HG23 sing N N 375 
VAL OXT HXT  sing N N 376 
# 
loop_
_pdbx_audit_support.funding_organization 
_pdbx_audit_support.country 
_pdbx_audit_support.grant_number 
_pdbx_audit_support.ordinal 
'National Institutes of Health/National Institute Of Allergy and Infectious Diseases (NIH/NIAID)' 'United States' 75N93022C00036 1 
'National Institutes of Health/Office of the Director'                                            'United States' S10OD030394    2 
# 
_pdbx_initial_refinement_model.id               1 
_pdbx_initial_refinement_model.entity_id_list   ? 
_pdbx_initial_refinement_model.type             'experimental model' 
_pdbx_initial_refinement_model.source_name      PDB 
_pdbx_initial_refinement_model.accession_code   2WKF 
_pdbx_initial_refinement_model.details          ? 
# 
_atom_sites.entry_id                    9B0M 
_atom_sites.Cartn_transf_matrix[1][1]   ? 
_atom_sites.Cartn_transf_matrix[1][2]   ? 
_atom_sites.Cartn_transf_matrix[1][3]   ? 
_atom_sites.Cartn_transf_matrix[2][1]   ? 
_atom_sites.Cartn_transf_matrix[2][2]   ? 
_atom_sites.Cartn_transf_matrix[2][3]   ? 
_atom_sites.Cartn_transf_matrix[3][1]   ? 
_atom_sites.Cartn_transf_matrix[3][2]   ? 
_atom_sites.Cartn_transf_matrix[3][3]   ? 
_atom_sites.Cartn_transf_vector[1]      ? 
_atom_sites.Cartn_transf_vector[2]      ? 
_atom_sites.Cartn_transf_vector[3]      ? 
_atom_sites.Cartn_transform_axes        ? 
_atom_sites.fract_transf_matrix[1][1]   0.00674934 
_atom_sites.fract_transf_matrix[1][2]   -0.01044729 
_atom_sites.fract_transf_matrix[1][3]   0.00891517 
_atom_sites.fract_transf_matrix[2][1]   0.00256548 
_atom_sites.fract_transf_matrix[2][2]   0.00305721 
_atom_sites.fract_transf_matrix[2][3]   0.01477341 
_atom_sites.fract_transf_matrix[3][1]   -0.02423503 
_atom_sites.fract_transf_matrix[3][2]   -0.01025453 
_atom_sites.fract_transf_matrix[3][3]   0.00633060 
_atom_sites.fract_transf_vector[1]      0.309730 
_atom_sites.fract_transf_vector[2]      0.468039 
_atom_sites.fract_transf_vector[3]      -0.019731 
_atom_sites.solution_primary            ? 
_atom_sites.solution_secondary          ? 
_atom_sites.solution_hydrogens          ? 
_atom_sites.special_details             ? 
# 
loop_
_atom_type.symbol 
C 
N 
O 
S 
# 
loop_
_atom_site.group_PDB 
_atom_site.id 
_atom_site.type_symbol 
_atom_site.label_atom_id 
_atom_site.label_alt_id 
_atom_site.label_comp_id 
_atom_site.label_asym_id 
_atom_site.label_entity_id 
_atom_site.label_seq_id 
_atom_site.pdbx_PDB_ins_code 
_atom_site.Cartn_x 
_atom_site.Cartn_y 
_atom_site.Cartn_z 
_atom_site.occupancy 
_atom_site.B_iso_or_equiv 
_atom_site.pdbx_formal_charge 
_atom_site.auth_seq_id 
_atom_site.auth_comp_id 
_atom_site.auth_asym_id 
_atom_site.auth_atom_id 
_atom_site.pdbx_PDB_model_num 
ATOM   1   N N   . MET A 1 22  ? 12.739  -3.505  10.266  1.00 70.40  ? 1   MET A N   1 
ATOM   2   C CA  . MET A 1 22  ? 12.926  -2.054  9.981   1.00 77.47  ? 1   MET A CA  1 
ATOM   3   C C   . MET A 1 22  ? 12.075  -1.544  8.812   1.00 63.87  ? 1   MET A C   1 
ATOM   4   O O   . MET A 1 22  ? 11.473  -0.476  8.922   1.00 68.75  ? 1   MET A O   1 
ATOM   5   C CB  . MET A 1 22  ? 14.397  -1.753  9.698   1.00 83.57  ? 1   MET A CB  1 
ATOM   6   C CG  . MET A 1 22  ? 14.704  -0.279  9.711   1.00 84.12  ? 1   MET A CG  1 
ATOM   7   S SD  . MET A 1 22  ? 16.462  0.023   9.761   1.00 114.06 ? 1   MET A SD  1 
ATOM   8   C CE  . MET A 1 22  ? 16.843  -0.488  11.434  1.00 88.91  ? 1   MET A CE  1 
ATOM   9   N N   . PRO A 1 23  ? 12.032  -2.271  7.694   1.00 59.45  ? 2   PRO A N   1 
ATOM   10  C CA  . PRO A 1 23  ? 11.185  -1.819  6.583   1.00 55.02  ? 2   PRO A CA  1 
ATOM   11  C C   . PRO A 1 23  ? 9.719   -1.833  6.977   1.00 47.16  ? 2   PRO A C   1 
ATOM   12  O O   . PRO A 1 23  ? 9.225   -2.807  7.543   1.00 42.48  ? 2   PRO A O   1 
ATOM   13  C CB  . PRO A 1 23  ? 11.477  -2.830  5.471   1.00 56.47  ? 2   PRO A CB  1 
ATOM   14  C CG  . PRO A 1 23  ? 11.997  -4.009  6.159   1.00 57.29  ? 2   PRO A CG  1 
ATOM   15  C CD  . PRO A 1 23  ? 12.772  -3.490  7.331   1.00 61.30  ? 2   PRO A CD  1 
ATOM   16  N N   . CYS A 1 24  ? 9.033   -0.734  6.682   1.00 50.09  ? 3   CYS A N   1 
ATOM   17  C CA  A CYS A 1 24  ? 7.621   -0.577  6.992   0.50 46.78  ? 3   CYS A CA  1 
ATOM   18  C CA  B CYS A 1 24  ? 7.623   -0.560  6.995   0.50 46.79  ? 3   CYS A CA  1 
ATOM   19  C C   . CYS A 1 24  ? 6.854   -0.248  5.719   1.00 46.10  ? 3   CYS A C   1 
ATOM   20  O O   . CYS A 1 24  ? 7.381   0.372   4.787   1.00 48.63  ? 3   CYS A O   1 
ATOM   21  C CB  A CYS A 1 24  ? 7.410   0.536   8.041   0.50 50.21  ? 3   CYS A CB  1 
ATOM   22  C CB  B CYS A 1 24  ? 7.387   0.591   8.001   0.50 50.21  ? 3   CYS A CB  1 
ATOM   23  S SG  A CYS A 1 24  ? 5.709   0.772   8.580   0.50 56.46  ? 3   CYS A SG  1 
ATOM   24  S SG  B CYS A 1 24  ? 8.163   0.409   9.618   0.50 60.76  ? 3   CYS A SG  1 
ATOM   25  N N   . CYS A 1 25  ? 5.602   -0.671  5.673   1.00 42.89  ? 4   CYS A N   1 
ATOM   26  C CA  . CYS A 1 25  ? 4.709   -0.185  4.631   1.00 35.69  ? 4   CYS A CA  1 
ATOM   27  C C   . CYS A 1 25  ? 3.372   0.088   5.280   1.00 41.04  ? 4   CYS A C   1 
ATOM   28  O O   . CYS A 1 25  ? 2.754   -0.818  5.837   1.00 36.55  ? 4   CYS A O   1 
ATOM   29  C CB  . CYS A 1 25  ? 4.557   -1.164  3.480   1.00 43.54  ? 4   CYS A CB  1 
ATOM   30  S SG  . CYS A 1 25  ? 3.371   -0.487  2.240   1.00 49.34  ? 4   CYS A SG  1 
ATOM   31  N N   . GLN A 1 26  ? 2.933   1.338   5.245   1.00 37.50  ? 5   GLN A N   1 
ATOM   32  C CA  . GLN A 1 26  ? 1.627   1.677   5.770   1.00 34.50  ? 5   GLN A CA  1 
ATOM   33  C C   . GLN A 1 26  ? 0.751   2.159   4.628   1.00 38.88  ? 5   GLN A C   1 
ATOM   34  O O   . GLN A 1 26  ? 1.113   3.115   3.932   1.00 37.65  ? 5   GLN A O   1 
ATOM   35  C CB  . GLN A 1 26  ? 1.712   2.759   6.834   1.00 42.38  ? 5   GLN A CB  1 
ATOM   36  C CG  . GLN A 1 26  ? 0.344   3.183   7.250   1.00 44.91  ? 5   GLN A CG  1 
ATOM   37  C CD  . GLN A 1 26  ? 0.305   3.676   8.661   1.00 60.38  ? 5   GLN A CD  1 
ATOM   38  O OE1 . GLN A 1 26  ? 0.053   2.905   9.598   1.00 52.68  ? 5   GLN A OE1 1 
ATOM   39  N NE2 . GLN A 1 26  ? 0.578   4.967   8.838   1.00 64.62  ? 5   GLN A NE2 1 
ATOM   40  N N   . VAL A 1 27  ? -0.399  1.521   4.475   1.00 36.83  ? 6   VAL A N   1 
ATOM   41  C CA  . VAL A 1 27  ? -1.413  1.910   3.515   1.00 33.24  ? 6   VAL A CA  1 
ATOM   42  C C   . VAL A 1 27  ? -2.516  2.600   4.297   1.00 34.24  ? 6   VAL A C   1 
ATOM   43  O O   . VAL A 1 27  ? -3.237  1.956   5.057   1.00 37.16  ? 6   VAL A O   1 
ATOM   44  C CB  . VAL A 1 27  ? -1.969  0.709   2.751   1.00 34.82  ? 6   VAL A CB  1 
ATOM   45  C CG1 . VAL A 1 27  ? -3.057  1.177   1.790   1.00 39.70  ? 6   VAL A CG1 1 
ATOM   46  C CG2 . VAL A 1 27  ? -0.857  -0.044  2.023   1.00 41.21  ? 6   VAL A CG2 1 
ATOM   47  N N   . SER A 1 28  ? -2.628  3.906   4.153   1.00 33.43  ? 7   SER A N   1 
ATOM   48  C CA  . SER A 1 28  ? -3.730  4.654   4.733   1.00 32.64  ? 7   SER A CA  1 
ATOM   49  C C   . SER A 1 28  ? -4.805  4.816   3.664   1.00 39.03  ? 7   SER A C   1 
ATOM   50  O O   . SER A 1 28  ? -4.488  5.134   2.518   1.00 36.41  ? 7   SER A O   1 
ATOM   51  C CB  . SER A 1 28  ? -3.258  6.006   5.236   1.00 42.55  ? 7   SER A CB  1 
ATOM   52  O OG  . SER A 1 28  ? -2.340  5.834   6.291   1.00 42.47  ? 7   SER A OG  1 
ATOM   53  N N   . THR A 1 29  ? -6.063  4.567   4.022   1.00 38.81  ? 8   THR A N   1 
ATOM   54  C CA  . THR A 1 29  ? -7.131  4.593   3.025   1.00 36.83  ? 8   THR A CA  1 
ATOM   55  C C   . THR A 1 29  ? -8.446  4.959   3.688   1.00 39.90  ? 8   THR A C   1 
ATOM   56  O O   . THR A 1 29  ? -8.658  4.710   4.882   1.00 33.64  ? 8   THR A O   1 
ATOM   57  C CB  . THR A 1 29  ? -7.245  3.247   2.285   1.00 34.33  ? 8   THR A CB  1 
ATOM   58  O OG1 . THR A 1 29  ? -8.236  3.310   1.239   1.00 36.56  ? 8   THR A OG1 1 
ATOM   59  C CG2 . THR A 1 29  ? -7.635  2.122   3.213   1.00 38.23  ? 8   THR A CG2 1 
ATOM   60  N N   . ASN A 1 30  ? -9.314  5.598   2.905   1.00 32.36  ? 9   ASN A N   1 
ATOM   61  C CA  . ASN A 1 30  ? -10.664 5.889   3.314   1.00 33.74  ? 9   ASN A CA  1 
ATOM   62  C C   . ASN A 1 30  ? -11.627 4.806   2.844   1.00 36.01  ? 9   ASN A C   1 
ATOM   63  O O   . ASN A 1 30  ? -12.835 4.974   2.988   1.00 39.13  ? 9   ASN A O   1 
ATOM   64  C CB  . ASN A 1 30  ? -11.102 7.267   2.801   1.00 39.11  ? 9   ASN A CB  1 
ATOM   65  C CG  . ASN A 1 30  ? -11.048 7.376   1.302   1.00 40.95  ? 9   ASN A CG  1 
ATOM   66  O OD1 . ASN A 1 30  ? -10.842 6.394   0.618   1.00 38.18  ? 9   ASN A OD1 1 
ATOM   67  N ND2 . ASN A 1 30  ? -11.205 8.595   0.786   1.00 44.82  ? 9   ASN A ND2 1 
ATOM   68  N N   . ILE A 1 31  ? -11.105 3.710   2.288   1.00 33.05  ? 10  ILE A N   1 
ATOM   69  C CA  . ILE A 1 31  ? -11.906 2.566   1.849   1.00 40.96  ? 10  ILE A CA  1 
ATOM   70  C C   . ILE A 1 31  ? -12.063 1.598   3.014   1.00 40.36  ? 10  ILE A C   1 
ATOM   71  O O   . ILE A 1 31  ? -11.071 1.131   3.577   1.00 38.87  ? 10  ILE A O   1 
ATOM   72  C CB  . ILE A 1 31  ? -11.240 1.865   0.657   1.00 43.51  ? 10  ILE A CB  1 
ATOM   73  C CG1 . ILE A 1 31  ? -11.197 2.824   -0.534  1.00 45.40  ? 10  ILE A CG1 1 
ATOM   74  C CG2 . ILE A 1 31  ? -11.959 0.549   0.325   1.00 50.39  ? 10  ILE A CG2 1 
ATOM   75  C CD1 . ILE A 1 31  ? -10.170 2.440   -1.547  1.00 47.38  ? 10  ILE A CD1 1 
ATOM   76  N N   . ASN A 1 32  ? -13.306 1.288   3.371   1.00 41.89  ? 11  ASN A N   1 
ATOM   77  C CA  . ASN A 1 32  ? -13.573 0.451   4.537   1.00 46.14  ? 11  ASN A CA  1 
ATOM   78  C C   . ASN A 1 32  ? -13.345 -1.010  4.163   1.00 44.93  ? 11  ASN A C   1 
ATOM   79  O O   . ASN A 1 32  ? -14.276 -1.793  3.976   1.00 47.80  ? 11  ASN A O   1 
ATOM   80  C CB  . ASN A 1 32  ? -14.988 0.644   5.046   1.00 51.10  ? 11  ASN A CB  1 
ATOM   81  C CG  . ASN A 1 32  ? -15.223 -0.104  6.329   1.00 52.15  ? 11  ASN A CG  1 
ATOM   82  O OD1 . ASN A 1 32  ? -14.274 -0.376  7.070   1.00 47.29  ? 11  ASN A OD1 1 
ATOM   83  N ND2 . ASN A 1 32  ? -16.474 -0.437  6.607   1.00 68.03  ? 11  ASN A ND2 1 
ATOM   84  N N   . ALA A 1 33  ? -12.073 -1.370  4.070   1.00 44.12  ? 12  ALA A N   1 
ATOM   85  C CA  . ALA A 1 33  ? -11.692 -2.712  3.669   1.00 49.30  ? 12  ALA A CA  1 
ATOM   86  C C   . ALA A 1 33  ? -12.112 -3.722  4.724   1.00 47.43  ? 12  ALA A C   1 
ATOM   87  O O   . ALA A 1 33  ? -11.902 -3.512  5.920   1.00 45.75  ? 12  ALA A O   1 
ATOM   88  C CB  . ALA A 1 33  ? -10.186 -2.781  3.473   1.00 47.79  ? 12  ALA A CB  1 
ATOM   89  N N   . SER A 1 34  ? -12.672 -4.834  4.273   1.00 43.93  ? 13  SER A N   1 
ATOM   90  C CA  . SER A 1 34  ? -12.972 -5.925  5.185   1.00 51.38  ? 13  SER A CA  1 
ATOM   91  C C   . SER A 1 34  ? -11.680 -6.501  5.741   1.00 45.82  ? 13  SER A C   1 
ATOM   92  O O   . SER A 1 34  ? -10.585 -6.264  5.216   1.00 42.49  ? 13  SER A O   1 
ATOM   93  C CB  . SER A 1 34  ? -13.748 -7.038  4.484   1.00 54.08  ? 13  SER A CB  1 
ATOM   94  O OG  . SER A 1 34  ? -12.864 -7.853  3.731   1.00 54.13  ? 13  SER A OG  1 
ATOM   95  N N   . ASP A 1 35  ? -11.810 -7.279  6.817   1.00 50.87  ? 14  ASP A N   1 
ATOM   96  C CA  . ASP A 1 35  ? -10.616 -7.872  7.413   1.00 53.58  ? 14  ASP A CA  1 
ATOM   97  C C   . ASP A 1 35  ? -9.840  -8.675  6.385   1.00 46.34  ? 14  ASP A C   1 
ATOM   98  O O   . ASP A 1 35  ? -8.601  -8.650  6.363   1.00 48.39  ? 14  ASP A O   1 
ATOM   99  C CB  . ASP A 1 35  ? -10.992 -8.764  8.591   1.00 59.91  ? 14  ASP A CB  1 
ATOM   100 C CG  . ASP A 1 35  ? -11.098 -7.994  9.889   1.00 68.36  ? 14  ASP A CG  1 
ATOM   101 O OD1 . ASP A 1 35  ? -11.381 -6.770  9.839   1.00 58.01  ? 14  ASP A OD1 1 
ATOM   102 O OD2 . ASP A 1 35  ? -10.877 -8.606  10.957  1.00 76.79  ? 14  ASP A OD2 1 
ATOM   103 N N   . ASP A 1 36  ? -10.546 -9.378  5.507   1.00 49.89  ? 15  ASP A N   1 
ATOM   104 C CA  . ASP A 1 36  ? -9.840  -10.210 4.544   1.00 49.35  ? 15  ASP A CA  1 
ATOM   105 C C   . ASP A 1 36  ? -9.278  -9.398  3.385   1.00 49.07  ? 15  ASP A C   1 
ATOM   106 O O   . ASP A 1 36  ? -8.205  -9.724  2.877   1.00 47.48  ? 15  ASP A O   1 
ATOM   107 C CB  . ASP A 1 36  ? -10.753 -11.293 4.013   1.00 52.76  ? 15  ASP A CB  1 
ATOM   108 C CG  . ASP A 1 36  ? -10.103 -12.659 4.061   1.00 49.70  ? 15  ASP A CG  1 
ATOM   109 O OD1 . ASP A 1 36  ? -9.221  -12.886 4.929   1.00 55.11  ? 15  ASP A OD1 1 
ATOM   110 O OD2 . ASP A 1 36  ? -10.457 -13.477 3.216   1.00 60.86  ? 15  ASP A OD2 1 
ATOM   111 N N   . ASP A 1 37  ? -10.000 -8.378  2.914   1.00 47.25  ? 16  ASP A N   1 
ATOM   112 C CA  . ASP A 1 37  ? -9.428  -7.500  1.893   1.00 48.20  ? 16  ASP A CA  1 
ATOM   113 C C   . ASP A 1 37  ? -8.111  -6.924  2.376   1.00 41.66  ? 16  ASP A C   1 
ATOM   114 O O   . ASP A 1 37  ? -7.127  -6.834  1.627   1.00 38.35  ? 16  ASP A O   1 
ATOM   115 C CB  . ASP A 1 37  ? -10.391 -6.364  1.555   1.00 50.08  ? 16  ASP A CB  1 
ATOM   116 C CG  . ASP A 1 37  ? -11.657 -6.837  0.861   1.00 60.14  ? 16  ASP A CG  1 
ATOM   117 O OD1 . ASP A 1 37  ? -11.580 -7.788  0.064   1.00 64.66  ? 16  ASP A OD1 1 
ATOM   118 O OD2 . ASP A 1 37  ? -12.729 -6.234  1.110   1.00 71.56  ? 16  ASP A OD2 1 
ATOM   119 N N   . ALA A 1 38  ? -8.071  -6.531  3.638   1.00 41.10  ? 17  ALA A N   1 
ATOM   120 C CA  . ALA A 1 38  ? -6.848  -5.989  4.179   1.00 36.41  ? 17  ALA A CA  1 
ATOM   121 C C   . ALA A 1 38  ? -5.733  -7.024  4.125   1.00 38.06  ? 17  ALA A C   1 
ATOM   122 O O   . ALA A 1 38  ? -4.632  -6.734  3.652   1.00 39.64  ? 17  ALA A O   1 
ATOM   123 C CB  . ALA A 1 38  ? -7.095  -5.493  5.603   1.00 46.73  ? 17  ALA A CB  1 
ATOM   124 N N   . LYS A 1 39  ? -6.001  -8.244  4.584   1.00 40.10  ? 18  LYS A N   1 
ATOM   125 C CA  . LYS A 1 39  ? -4.962  -9.270  4.525   1.00 41.14  ? 18  LYS A CA  1 
ATOM   126 C C   . LYS A 1 39  ? -4.535  -9.547  3.093   1.00 42.20  ? 18  LYS A C   1 
ATOM   127 O O   . LYS A 1 39  ? -3.351  -9.771  2.819   1.00 42.27  ? 18  LYS A O   1 
ATOM   128 C CB  . LYS A 1 39  ? -5.462  -10.547 5.172   1.00 44.05  ? 18  LYS A CB  1 
ATOM   129 C CG  . LYS A 1 39  ? -5.345  -10.488 6.663   1.00 48.99  ? 18  LYS A CG  1 
ATOM   130 C CD  . LYS A 1 39  ? -5.886  -11.709 7.343   1.00 46.59  ? 18  LYS A CD  1 
ATOM   131 C CE  . LYS A 1 39  ? -6.424  -11.295 8.695   1.00 56.13  ? 18  LYS A CE  1 
ATOM   132 N NZ  . LYS A 1 39  ? -6.808  -12.456 9.488   1.00 69.00  ? 18  LYS A NZ  1 
ATOM   133 N N   . LYS A 1 40  ? -5.485  -9.565  2.169   1.00 38.73  ? 19  LYS A N   1 
ATOM   134 C CA  . LYS A 1 40  ? -5.143  -9.754  0.766   1.00 44.08  ? 19  LYS A CA  1 
ATOM   135 C C   . LYS A 1 40  ? -4.186  -8.676  0.285   1.00 39.81  ? 19  LYS A C   1 
ATOM   136 O O   . LYS A 1 40  ? -3.142  -8.976  -0.303  1.00 47.11  ? 19  LYS A O   1 
ATOM   137 C CB  . LYS A 1 40  ? -6.418  -9.773  -0.079  1.00 48.24  ? 19  LYS A CB  1 
ATOM   138 C CG  . LYS A 1 40  ? -7.263  -11.020 0.096   1.00 55.61  ? 19  LYS A CG  1 
ATOM   139 C CD  . LYS A 1 40  ? -8.654  -10.825 -0.498  1.00 54.42  ? 19  LYS A CD  1 
ATOM   140 C CE  . LYS A 1 40  ? -9.579  -11.999 -0.222  1.00 70.27  ? 19  LYS A CE  1 
ATOM   141 N NZ  . LYS A 1 40  ? -11.031 -11.610 -0.242  1.00 80.92  ? 19  LYS A NZ  1 
ATOM   142 N N   . ALA A 1 41  ? -4.514  -7.409  0.530   1.00 39.21  ? 20  ALA A N   1 
ATOM   143 C CA  . ALA A 1 41  ? -3.648  -6.320  0.092   1.00 41.02  ? 20  ALA A CA  1 
ATOM   144 C C   . ALA A 1 41  ? -2.275  -6.393  0.758   1.00 41.50  ? 20  ALA A C   1 
ATOM   145 O O   . ALA A 1 41  ? -1.242  -6.306  0.086   1.00 39.23  ? 20  ALA A O   1 
ATOM   146 C CB  . ALA A 1 41  ? -4.313  -4.969  0.387   1.00 40.04  ? 20  ALA A CB  1 
ATOM   147 N N   . LEU A 1 42  ? -2.246  -6.607  2.078   1.00 37.59  ? 21  LEU A N   1 
ATOM   148 C CA  . LEU A 1 42  ? -0.986  -6.498  2.812   1.00 38.66  ? 21  LEU A CA  1 
ATOM   149 C C   . LEU A 1 42  ? -0.054  -7.673  2.532   1.00 40.11  ? 21  LEU A C   1 
ATOM   150 O O   . LEU A 1 42  ? 1.163   -7.484  2.403   1.00 42.25  ? 21  LEU A O   1 
ATOM   151 C CB  . LEU A 1 42  ? -1.271  -6.374  4.306   1.00 42.32  ? 21  LEU A CB  1 
ATOM   152 C CG  . LEU A 1 42  ? -1.837  -4.993  4.691   1.00 32.66  ? 21  LEU A CG  1 
ATOM   153 C CD1 . LEU A 1 42  ? -2.136  -4.989  6.191   1.00 38.87  ? 21  LEU A CD1 1 
ATOM   154 C CD2 . LEU A 1 42  ? -0.961  -3.845  4.368   1.00 34.60  ? 21  LEU A CD2 1 
ATOM   155 N N   . SER A 1 43  ? -0.589  -8.882  2.428   1.00 38.21  ? 22  SER A N   1 
ATOM   156 C CA  . SER A 1 43  ? 0.271   -10.017 2.118   1.00 42.38  ? 22  SER A CA  1 
ATOM   157 C C   . SER A 1 43  ? 0.888   -9.856  0.739   1.00 43.21  ? 22  SER A C   1 
ATOM   158 O O   . SER A 1 43  ? 2.055   -10.207 0.524   1.00 44.45  ? 22  SER A O   1 
ATOM   159 C CB  . SER A 1 43  ? -0.503  -11.314 2.227   1.00 44.73  ? 22  SER A CB  1 
ATOM   160 O OG  . SER A 1 43  ? -1.558  -11.378 1.292   1.00 47.85  ? 22  SER A OG  1 
ATOM   161 N N   . GLN A 1 44  ? 0.134   -9.286  -0.197  1.00 42.65  ? 23  GLN A N   1 
ATOM   162 C CA  . GLN A 1 44  ? 0.659   -9.110  -1.543  1.00 48.58  ? 23  GLN A CA  1 
ATOM   163 C C   . GLN A 1 44  ? 1.686   -7.996  -1.585  1.00 42.87  ? 23  GLN A C   1 
ATOM   164 O O   . GLN A 1 44  ? 2.693   -8.103  -2.295  1.00 44.01  ? 23  GLN A O   1 
ATOM   165 C CB  . GLN A 1 44  ? -0.480  -8.835  -2.518  1.00 45.41  ? 23  GLN A CB  1 
ATOM   166 C CG  . GLN A 1 44  ? -1.344  -10.030 -2.738  1.00 51.09  ? 23  GLN A CG  1 
ATOM   167 C CD  . GLN A 1 44  ? -2.330  -9.800  -3.833  1.00 57.94  ? 23  GLN A CD  1 
ATOM   168 O OE1 . GLN A 1 44  ? -1.947  -9.550  -4.975  1.00 59.52  ? 23  GLN A OE1 1 
ATOM   169 N NE2 . GLN A 1 44  ? -3.615  -9.867  -3.500  1.00 60.40  ? 23  GLN A NE2 1 
ATOM   170 N N   . ILE A 1 45  ? 1.469   -6.929  -0.817  1.00 39.95  ? 24  ILE A N   1 
ATOM   171 C CA  . ILE A 1 45  ? 2.450   -5.856  -0.783  1.00 39.77  ? 24  ILE A CA  1 
ATOM   172 C C   . ILE A 1 45  ? 3.722   -6.329  -0.096  1.00 41.87  ? 24  ILE A C   1 
ATOM   173 O O   . ILE A 1 45  ? 4.832   -5.986  -0.518  1.00 44.03  ? 24  ILE A O   1 
ATOM   174 C CB  . ILE A 1 45  ? 1.850   -4.614  -0.107  1.00 40.68  ? 24  ILE A CB  1 
ATOM   175 C CG1 . ILE A 1 45  ? 0.775   -4.009  -1.015  1.00 40.33  ? 24  ILE A CG1 1 
ATOM   176 C CG2 . ILE A 1 45  ? 2.939   -3.607  0.198   1.00 43.52  ? 24  ILE A CG2 1 
ATOM   177 C CD1 . ILE A 1 45  ? -0.055  -2.888  -0.373  1.00 41.38  ? 24  ILE A CD1 1 
ATOM   178 N N   . GLU A 1 46  ? 3.585   -7.138  0.964   1.00 39.18  ? 25  GLU A N   1 
ATOM   179 C CA  . GLU A 1 46  ? 4.760   -7.651  1.661   1.00 39.19  ? 25  GLU A CA  1 
ATOM   180 C C   . GLU A 1 46  ? 5.589   -8.517  0.726   1.00 41.60  ? 25  GLU A C   1 
ATOM   181 O O   . GLU A 1 46  ? 6.820   -8.420  0.688   1.00 42.57  ? 25  GLU A O   1 
ATOM   182 C CB  . GLU A 1 46  ? 4.323   -8.461  2.873   1.00 42.47  ? 25  GLU A CB  1 
ATOM   183 C CG  . GLU A 1 46  ? 3.730   -7.622  3.993   1.00 40.17  ? 25  GLU A CG  1 
ATOM   184 C CD  . GLU A 1 46  ? 3.062   -8.447  5.076   1.00 45.01  ? 25  GLU A CD  1 
ATOM   185 O OE1 . GLU A 1 46  ? 2.974   -9.684  4.932   1.00 47.80  ? 25  GLU A OE1 1 
ATOM   186 O OE2 . GLU A 1 46  ? 2.624   -7.850  6.084   1.00 40.54  ? 25  GLU A OE2 1 
ATOM   187 N N   . ASN A 1 47  ? 4.914   -9.387  -0.015  1.00 43.05  ? 26  ASN A N   1 
ATOM   188 C CA  A ASN A 1 47  ? 5.597   -10.189 -1.019  0.50 46.59  ? 26  ASN A CA  1 
ATOM   189 C CA  B ASN A 1 47  ? 5.579   -10.191 -1.030  0.50 46.58  ? 26  ASN A CA  1 
ATOM   190 C C   . ASN A 1 47  ? 6.285   -9.305  -2.048  1.00 45.82  ? 26  ASN A C   1 
ATOM   191 O O   . ASN A 1 47  ? 7.410   -9.597  -2.464  1.00 50.71  ? 26  ASN A O   1 
ATOM   192 C CB  A ASN A 1 47  ? 4.610   -11.136 -1.698  0.50 49.65  ? 26  ASN A CB  1 
ATOM   193 C CB  B ASN A 1 47  ? 4.538   -11.093 -1.698  0.50 49.61  ? 26  ASN A CB  1 
ATOM   194 C CG  A ASN A 1 47  ? 4.211   -12.285 -0.808  0.50 53.30  ? 26  ASN A CG  1 
ATOM   195 C CG  B ASN A 1 47  ? 5.156   -12.123 -2.611  0.50 54.83  ? 26  ASN A CG  1 
ATOM   196 O OD1 A ASN A 1 47  ? 4.873   -12.567 0.187   0.50 57.09  ? 26  ASN A OD1 1 
ATOM   197 O OD1 B ASN A 1 47  ? 5.893   -12.997 -2.165  0.50 58.66  ? 26  ASN A OD1 1 
ATOM   198 N ND2 A ASN A 1 47  ? 3.134   -12.966 -1.167  0.50 59.84  ? 26  ASN A ND2 1 
ATOM   199 N ND2 B ASN A 1 47  ? 4.826   -12.047 -3.897  0.50 57.61  ? 26  ASN A ND2 1 
ATOM   200 N N   . ALA A 1 48  ? 5.633   -8.221  -2.463  1.00 43.17  ? 27  ALA A N   1 
ATOM   201 C CA  . ALA A 1 48  ? 6.234   -7.337  -3.455  1.00 46.61  ? 27  ALA A CA  1 
ATOM   202 C C   . ALA A 1 48  ? 7.475   -6.652  -2.911  1.00 48.04  ? 27  ALA A C   1 
ATOM   203 O O   . ALA A 1 48  ? 8.476   -6.509  -3.617  1.00 46.55  ? 27  ALA A O   1 
ATOM   204 C CB  . ALA A 1 48  ? 5.225   -6.277  -3.881  1.00 51.37  ? 27  ALA A CB  1 
ATOM   205 N N   . ILE A 1 49  ? 7.396   -6.145  -1.687  1.00 43.11  ? 28  ILE A N   1 
ATOM   206 C CA  . ILE A 1 49  ? 8.552   -5.520  -1.071  1.00 48.26  ? 28  ILE A CA  1 
ATOM   207 C C   . ILE A 1 49  ? 9.677   -6.528  -0.932  1.00 47.48  ? 28  ILE A C   1 
ATOM   208 O O   . ILE A 1 49  ? 10.837  -6.222  -1.224  1.00 48.97  ? 28  ILE A O   1 
ATOM   209 C CB  . ILE A 1 49  ? 8.157   -4.920  0.285   1.00 44.25  ? 28  ILE A CB  1 
ATOM   210 C CG1 . ILE A 1 49  ? 7.241   -3.718  0.068   1.00 44.89  ? 28  ILE A CG1 1 
ATOM   211 C CG2 . ILE A 1 49  ? 9.387   -4.514  1.038   1.00 42.41  ? 28  ILE A CG2 1 
ATOM   212 C CD1 . ILE A 1 49  ? 6.524   -3.321  1.296   1.00 41.59  ? 28  ILE A CD1 1 
ATOM   213 N N   . SER A 1 50  ? 9.358   -7.743  -0.476  1.00 43.87  ? 29  SER A N   1 
ATOM   214 C CA  . SER A 1 50  ? 10.398  -8.760  -0.293  1.00 47.04  ? 29  SER A CA  1 
ATOM   215 C C   . SER A 1 50  ? 11.050  -9.110  -1.620  1.00 50.77  ? 29  SER A C   1 
ATOM   216 O O   . SER A 1 50  ? 12.258  -9.389  -1.691  1.00 56.15  ? 29  SER A O   1 
ATOM   217 C CB  . SER A 1 50  ? 9.790   -10.009 0.364   1.00 45.02  ? 29  SER A CB  1 
ATOM   218 O OG  . SER A 1 50  ? 10.776  -11.018 0.562   1.00 51.12  ? 29  SER A OG  1 
ATOM   219 N N   . GLN A 1 51  ? 10.259  -9.137  -2.687  1.00 51.21  ? 30  GLN A N   1 
ATOM   220 C CA  . GLN A 1 51  ? 10.811  -9.545  -3.969  1.00 54.77  ? 30  GLN A CA  1 
ATOM   221 C C   . GLN A 1 51  ? 11.640  -8.433  -4.595  1.00 55.01  ? 30  GLN A C   1 
ATOM   222 O O   . GLN A 1 51  ? 12.769  -8.668  -5.030  1.00 56.51  ? 30  GLN A O   1 
ATOM   223 C CB  . GLN A 1 51  ? 9.688   -9.970  -4.910  1.00 62.52  ? 30  GLN A CB  1 
ATOM   224 C CG  . GLN A 1 51  ? 10.116  -9.933  -6.364  1.00 66.16  ? 30  GLN A CG  1 
ATOM   225 C CD  . GLN A 1 51  ? 9.662   -11.124 -7.140  1.00 70.43  ? 30  GLN A CD  1 
ATOM   226 O OE1 . GLN A 1 51  ? 9.292   -12.153 -6.574  1.00 86.80  ? 30  GLN A OE1 1 
ATOM   227 N NE2 . GLN A 1 51  ? 9.710   -11.007 -8.461  1.00 80.24  ? 30  GLN A NE2 1 
ATOM   228 N N   . VAL A 1 52  ? 11.095  -7.219  -4.664  1.00 53.94  ? 31  VAL A N   1 
ATOM   229 C CA  . VAL A 1 52  ? 11.786  -6.147  -5.369  1.00 58.63  ? 31  VAL A CA  1 
ATOM   230 C C   . VAL A 1 52  ? 12.965  -5.636  -4.550  1.00 54.56  ? 31  VAL A C   1 
ATOM   231 O O   . VAL A 1 52  ? 14.031  -5.344  -5.092  1.00 60.46  ? 31  VAL A O   1 
ATOM   232 C CB  . VAL A 1 52  ? 10.792  -5.014  -5.696  1.00 57.87  ? 31  VAL A CB  1 
ATOM   233 C CG1 . VAL A 1 52  ? 11.547  -3.720  -5.999  1.00 67.01  ? 31  VAL A CG1 1 
ATOM   234 C CG2 . VAL A 1 52  ? 9.904   -5.395  -6.867  1.00 64.60  ? 31  VAL A CG2 1 
ATOM   235 N N   . LEU A 1 53  ? 12.785  -5.481  -3.238  1.00 55.52  ? 32  LEU A N   1 
ATOM   236 C CA  . LEU A 1 53  ? 13.835  -4.936  -2.396  1.00 56.59  ? 32  LEU A CA  1 
ATOM   237 C C   . LEU A 1 53  ? 14.656  -5.997  -1.682  1.00 57.64  ? 32  LEU A C   1 
ATOM   238 O O   . LEU A 1 53  ? 15.678  -5.660  -1.087  1.00 56.21  ? 32  LEU A O   1 
ATOM   239 C CB  . LEU A 1 53  ? 13.222  -3.974  -1.372  1.00 57.68  ? 32  LEU A CB  1 
ATOM   240 C CG  . LEU A 1 53  ? 12.388  -2.864  -2.016  1.00 56.53  ? 32  LEU A CG  1 
ATOM   241 C CD1 . LEU A 1 53  ? 11.729  -2.003  -0.950  1.00 65.75  ? 32  LEU A CD1 1 
ATOM   242 C CD2 . LEU A 1 53  ? 13.217  -1.998  -2.935  1.00 59.81  ? 32  LEU A CD2 1 
ATOM   243 N N   . GLY A 1 54  ? 14.268  -7.265  -1.743  1.00 48.31  ? 33  GLY A N   1 
ATOM   244 C CA  . GLY A 1 54  ? 15.097  -8.280  -1.125  1.00 50.50  ? 33  GLY A CA  1 
ATOM   245 C C   . GLY A 1 54  ? 15.048  -8.327  0.386   1.00 51.71  ? 33  GLY A C   1 
ATOM   246 O O   . GLY A 1 54  ? 15.901  -8.977  0.998   1.00 50.45  ? 33  GLY A O   1 
ATOM   247 N N   . LYS A 1 55  ? 14.083  -7.656  1.004   1.00 54.25  ? 34  LYS A N   1 
ATOM   248 C CA  . LYS A 1 55  ? 13.951  -7.650  2.456   1.00 52.52  ? 34  LYS A CA  1 
ATOM   249 C C   . LYS A 1 55  ? 13.192  -8.893  2.912   1.00 48.78  ? 34  LYS A C   1 
ATOM   250 O O   . LYS A 1 55  ? 12.170  -9.239  2.312   1.00 47.02  ? 34  LYS A O   1 
ATOM   251 C CB  . LYS A 1 55  ? 13.214  -6.396  2.913   1.00 54.43  ? 34  LYS A CB  1 
ATOM   252 C CG  . LYS A 1 55  ? 13.794  -5.071  2.388   1.00 62.88  ? 34  LYS A CG  1 
ATOM   253 C CD  . LYS A 1 55  ? 15.095  -4.617  3.102   1.00 75.18  ? 34  LYS A CD  1 
ATOM   254 C CE  . LYS A 1 55  ? 14.808  -3.833  4.399   1.00 95.70  ? 34  LYS A CE  1 
ATOM   255 N NZ  . LYS A 1 55  ? 15.963  -3.084  4.989   1.00 99.61  ? 34  LYS A NZ  1 
ATOM   256 N N   . PRO A 1 56  ? 13.672  -9.607  3.928   1.00 44.97  ? 35  PRO A N   1 
ATOM   257 C CA  . PRO A 1 56  ? 12.966  -10.813 4.368   1.00 50.28  ? 35  PRO A CA  1 
ATOM   258 C C   . PRO A 1 56  ? 11.596  -10.484 4.917   1.00 47.68  ? 35  PRO A C   1 
ATOM   259 O O   . PRO A 1 56  ? 11.399  -9.468  5.579   1.00 46.48  ? 35  PRO A O   1 
ATOM   260 C CB  . PRO A 1 56  ? 13.869  -11.384 5.462   1.00 47.92  ? 35  PRO A CB  1 
ATOM   261 C CG  . PRO A 1 56  ? 14.766  -10.296 5.827   1.00 55.02  ? 35  PRO A CG  1 
ATOM   262 C CD  . PRO A 1 56  ? 14.994  -9.532  4.559   1.00 52.30  ? 35  PRO A CD  1 
ATOM   263 N N   . LEU A 1 57  ? 10.646  -11.370 4.655   1.00 43.87  ? 36  LEU A N   1 
ATOM   264 C CA  . LEU A 1 57  ? 9.304   -11.126 5.170   1.00 53.56  ? 36  LEU A CA  1 
ATOM   265 C C   . LEU A 1 57  ? 9.306   -10.994 6.692   1.00 49.92  ? 36  LEU A C   1 
ATOM   266 O O   . LEU A 1 57  ? 8.543   -10.189 7.243   1.00 44.92  ? 36  LEU A O   1 
ATOM   267 C CB  . LEU A 1 57  ? 8.370   -12.237 4.689   1.00 52.55  ? 36  LEU A CB  1 
ATOM   268 C CG  . LEU A 1 57  ? 8.136   -12.143 3.173   1.00 56.78  ? 36  LEU A CG  1 
ATOM   269 C CD1 . LEU A 1 57  ? 7.961   -13.508 2.530   1.00 66.50  ? 36  LEU A CD1 1 
ATOM   270 C CD2 . LEU A 1 57  ? 6.931   -11.243 2.886   1.00 56.57  ? 36  LEU A CD2 1 
ATOM   271 N N   . GLY A 1 58  ? 10.172  -11.738 7.381   1.00 45.47  ? 37  GLY A N   1 
ATOM   272 C CA  . GLY A 1 58  ? 10.195  -11.723 8.834   1.00 51.55  ? 37  GLY A CA  1 
ATOM   273 C C   . GLY A 1 58  ? 10.661  -10.425 9.457   1.00 44.67  ? 37  GLY A C   1 
ATOM   274 O O   . GLY A 1 58  ? 10.518  -10.265 10.674  1.00 51.22  ? 37  GLY A O   1 
ATOM   275 N N   . TYR A 1 59  ? 11.218  -9.504  8.670   1.00 47.49  ? 38  TYR A N   1 
ATOM   276 C CA  . TYR A 1 59  ? 11.592  -8.185  9.177   1.00 44.51  ? 38  TYR A CA  1 
ATOM   277 C C   . TYR A 1 59  ? 10.598  -7.092  8.809   1.00 43.49  ? 38  TYR A C   1 
ATOM   278 O O   . TYR A 1 59  ? 10.747  -5.966  9.287   1.00 48.72  ? 38  TYR A O   1 
ATOM   279 C CB  . TYR A 1 59  ? 12.970  -7.739  8.644   1.00 49.00  ? 38  TYR A CB  1 
ATOM   280 C CG  . TYR A 1 59  ? 14.193  -8.538  9.057   1.00 56.41  ? 38  TYR A CG  1 
ATOM   281 C CD1 . TYR A 1 59  ? 14.172  -9.421  10.135  1.00 62.70  ? 38  TYR A CD1 1 
ATOM   282 C CD2 . TYR A 1 59  ? 15.389  -8.376  8.364   1.00 62.19  ? 38  TYR A CD2 1 
ATOM   283 C CE1 . TYR A 1 59  ? 15.320  -10.134 10.488  1.00 54.94  ? 38  TYR A CE1 1 
ATOM   284 C CE2 . TYR A 1 59  ? 16.525  -9.081  8.700   1.00 63.89  ? 38  TYR A CE2 1 
ATOM   285 C CZ  . TYR A 1 59  ? 16.488  -9.956  9.763   1.00 70.66  ? 38  TYR A CZ  1 
ATOM   286 O OH  . TYR A 1 59  ? 17.633  -10.654 10.088  1.00 75.86  ? 38  TYR A OH  1 
ATOM   287 N N   . ILE A 1 60  ? 9.584   -7.386  7.998   1.00 41.04  ? 39  ILE A N   1 
ATOM   288 C CA  . ILE A 1 60  ? 8.703   -6.352  7.456   1.00 38.37  ? 39  ILE A CA  1 
ATOM   289 C C   . ILE A 1 60  ? 7.515   -6.113  8.385   1.00 39.36  ? 39  ILE A C   1 
ATOM   290 O O   . ILE A 1 60  ? 6.835   -7.058  8.810   1.00 36.26  ? 39  ILE A O   1 
ATOM   291 C CB  . ILE A 1 60  ? 8.189   -6.740  6.054   1.00 39.40  ? 39  ILE A CB  1 
ATOM   292 C CG1 . ILE A 1 60  ? 9.337   -6.944  5.073   1.00 46.33  ? 39  ILE A CG1 1 
ATOM   293 C CG2 . ILE A 1 60  ? 7.199   -5.678  5.583   1.00 35.25  ? 39  ILE A CG2 1 
ATOM   294 C CD1 . ILE A 1 60  ? 8.891   -7.581  3.752   1.00 43.95  ? 39  ILE A CD1 1 
ATOM   295 N N   . MET A 1 61  ? 7.225   -4.843  8.641   1.00 35.42  ? 40  MET A N   1 
ATOM   296 C CA  . MET A 1 61  ? 6.004   -4.429  9.320   1.00 36.07  ? 40  MET A CA  1 
ATOM   297 C C   . MET A 1 61  ? 5.076   -3.780  8.310   1.00 33.76  ? 40  MET A C   1 
ATOM   298 O O   . MET A 1 61  ? 5.508   -2.951  7.505   1.00 37.04  ? 40  MET A O   1 
ATOM   299 C CB  . MET A 1 61  ? 6.304   -3.437  10.453  1.00 45.16  ? 40  MET A CB  1 
ATOM   300 C CG  . MET A 1 61  ? 5.079   -2.731  11.061  1.00 58.22  ? 40  MET A CG  1 
ATOM   301 S SD  . MET A 1 61  ? 5.565   -1.218  11.947  1.00 84.06  ? 40  MET A SD  1 
ATOM   302 C CE  . MET A 1 61  ? 7.138   -1.779  12.620  1.00 73.67  ? 40  MET A CE  1 
ATOM   303 N N   . SER A 1 62  ? 3.798   -4.144  8.358   1.00 39.40  ? 41  SER A N   1 
ATOM   304 C CA  . SER A 1 62  ? 2.846   -3.542  7.445   1.00 35.41  ? 41  SER A CA  1 
ATOM   305 C C   . SER A 1 62  ? 1.539   -3.279  8.164   1.00 36.58  ? 41  SER A C   1 
ATOM   306 O O   . SER A 1 62  ? 1.259   -3.824  9.236   1.00 36.06  ? 41  SER A O   1 
ATOM   307 C CB  . SER A 1 62  ? 2.597   -4.420  6.237   1.00 35.84  ? 41  SER A CB  1 
ATOM   308 O OG  . SER A 1 62  ? 1.830   -5.543  6.585   1.00 41.93  ? 41  SER A OG  1 
ATOM   309 N N   . ASN A 1 63  ? 0.739   -2.418  7.551   1.00 33.40  ? 42  ASN A N   1 
ATOM   310 C CA  . ASN A 1 63  ? -0.538  -2.060  8.140   1.00 30.68  ? 42  ASN A CA  1 
ATOM   311 C C   . ASN A 1 63  ? -1.406  -1.416  7.077   1.00 32.18  ? 42  ASN A C   1 
ATOM   312 O O   . ASN A 1 63  ? -0.908  -0.806  6.130   1.00 34.11  ? 42  ASN A O   1 
ATOM   313 C CB  . ASN A 1 63  ? -0.361  -1.101  9.301   1.00 33.93  ? 42  ASN A CB  1 
ATOM   314 C CG  . ASN A 1 63  ? -1.648  -0.802  9.984   1.00 32.96  ? 42  ASN A CG  1 
ATOM   315 O OD1 . ASN A 1 63  ? -2.487  -1.670  10.140  1.00 32.79  ? 42  ASN A OD1 1 
ATOM   316 N ND2 . ASN A 1 63  ? -1.802  0.436   10.417  1.00 39.21  ? 42  ASN A ND2 1 
ATOM   317 N N   . LEU A 1 64  ? -2.707  -1.556  7.263   1.00 34.08  ? 43  LEU A N   1 
ATOM   318 C CA  . LEU A 1 64  ? -3.711  -0.838  6.493   1.00 30.37  ? 43  LEU A CA  1 
ATOM   319 C C   . LEU A 1 64  ? -4.537  -0.078  7.522   1.00 30.70  ? 43  LEU A C   1 
ATOM   320 O O   . LEU A 1 64  ? -5.208  -0.694  8.353   1.00 35.99  ? 43  LEU A O   1 
ATOM   321 C CB  . LEU A 1 64  ? -4.582  -1.775  5.670   1.00 36.69  ? 43  LEU A CB  1 
ATOM   322 C CG  . LEU A 1 64  ? -5.678  -1.069  4.856   1.00 40.39  ? 43  LEU A CG  1 
ATOM   323 C CD1 . LEU A 1 64  ? -6.073  -1.930  3.663   1.00 43.24  ? 43  LEU A CD1 1 
ATOM   324 C CD2 . LEU A 1 64  ? -6.908  -0.763  5.696   1.00 37.52  ? 43  LEU A CD2 1 
ATOM   325 N N   . ASP A 1 65  ? -4.467  1.236   7.463   1.00 31.41  ? 44  ASP A N   1 
ATOM   326 C CA  . ASP A 1 65  ? -5.083  2.124   8.440   1.00 37.17  ? 44  ASP A CA  1 
ATOM   327 C C   . ASP A 1 65  ? -6.304  2.755   7.791   1.00 35.21  ? 44  ASP A C   1 
ATOM   328 O O   . ASP A 1 65  ? -6.173  3.627   6.921   1.00 34.16  ? 44  ASP A O   1 
ATOM   329 C CB  . ASP A 1 65  ? -4.106  3.191   8.891   1.00 34.12  ? 44  ASP A CB  1 
ATOM   330 C CG  . ASP A 1 65  ? -4.650  4.046   10.041  1.00 41.93  ? 44  ASP A CG  1 
ATOM   331 O OD1 . ASP A 1 65  ? -5.833  3.938   10.392  1.00 41.58  ? 44  ASP A OD1 1 
ATOM   332 O OD2 . ASP A 1 65  ? -3.860  4.824   10.615  1.00 42.57  ? 44  ASP A OD2 1 
ATOM   333 N N   . TYR A 1 66  ? -7.473  2.312   8.215   1.00 33.58  ? 45  TYR A N   1 
ATOM   334 C CA  . TYR A 1 66  ? -8.726  2.867   7.723   1.00 31.66  ? 45  TYR A CA  1 
ATOM   335 C C   . TYR A 1 66  ? -8.956  4.225   8.381   1.00 32.81  ? 45  TYR A C   1 
ATOM   336 O O   . TYR A 1 66  ? -9.132  4.337   9.609   1.00 33.07  ? 45  TYR A O   1 
ATOM   337 C CB  . TYR A 1 66  ? -9.874  1.904   8.006   1.00 40.68  ? 45  TYR A CB  1 
ATOM   338 C CG  . TYR A 1 66  ? -11.233 2.462   7.651   1.00 35.11  ? 45  TYR A CG  1 
ATOM   339 C CD1 . TYR A 1 66  ? -11.521 2.845   6.355   1.00 40.10  ? 45  TYR A CD1 1 
ATOM   340 C CD2 . TYR A 1 66  ? -12.223 2.585   8.605   1.00 43.12  ? 45  TYR A CD2 1 
ATOM   341 C CE1 . TYR A 1 66  ? -12.748 3.358   6.018   1.00 39.26  ? 45  TYR A CE1 1 
ATOM   342 C CE2 . TYR A 1 66  ? -13.471 3.096   8.272   1.00 45.90  ? 45  TYR A CE2 1 
ATOM   343 C CZ  . TYR A 1 66  ? -13.722 3.482   6.975   1.00 48.70  ? 45  TYR A CZ  1 
ATOM   344 O OH  . TYR A 1 66  ? -14.960 4.000   6.620   1.00 53.80  ? 45  TYR A OH  1 
ATOM   345 N N   . GLN A 1 67  ? -8.996  5.251   7.559   1.00 32.14  ? 46  GLN A N   1 
ATOM   346 C CA  . GLN A 1 67  ? -9.141  6.618   8.019   1.00 31.36  ? 46  GLN A CA  1 
ATOM   347 C C   . GLN A 1 67  ? -10.392 7.130   7.326   1.00 35.61  ? 46  GLN A C   1 
ATOM   348 O O   . GLN A 1 67  ? -10.356 7.538   6.168   1.00 34.34  ? 46  GLN A O   1 
ATOM   349 C CB  . GLN A 1 67  ? -7.893  7.419   7.715   1.00 34.23  ? 46  GLN A CB  1 
ATOM   350 C CG  . GLN A 1 67  ? -6.739  7.055   8.685   1.00 35.43  ? 46  GLN A CG  1 
ATOM   351 C CD  . GLN A 1 67  ? -7.059  7.378   10.134  1.00 38.30  ? 46  GLN A CD  1 
ATOM   352 O OE1 . GLN A 1 67  ? -7.430  8.498   10.468  1.00 36.81  ? 46  GLN A OE1 1 
ATOM   353 N NE2 . GLN A 1 67  ? -6.899  6.394   11.015  1.00 44.70  ? 46  GLN A NE2 1 
ATOM   354 N N   . LYS A 1 68  ? -11.508 7.065   8.034   1.00 32.62  ? 47  LYS A N   1 
ATOM   355 C CA  . LYS A 1 68  ? -12.781 7.309   7.379   1.00 36.83  ? 47  LYS A CA  1 
ATOM   356 C C   . LYS A 1 68  ? -12.935 8.752   6.909   1.00 37.24  ? 47  LYS A C   1 
ATOM   357 O O   . LYS A 1 68  ? -13.745 9.006   6.023   1.00 38.47  ? 47  LYS A O   1 
ATOM   358 C CB  . LYS A 1 68  ? -13.919 6.929   8.310   1.00 39.97  ? 47  LYS A CB  1 
ATOM   359 C CG  . LYS A 1 68  ? -14.156 7.834   9.484   1.00 44.33  ? 47  LYS A CG  1 
ATOM   360 C CD  . LYS A 1 68  ? -15.475 7.396   10.154  1.00 53.31  ? 47  LYS A CD  1 
ATOM   361 C CE  . LYS A 1 68  ? -15.626 7.913   11.582  1.00 70.94  ? 47  LYS A CE  1 
ATOM   362 N NZ  . LYS A 1 68  ? -17.030 7.760   12.122  1.00 73.76  ? 47  LYS A NZ  1 
ATOM   363 N N   . HIS A 1 69  ? -12.174 9.690   7.463   1.00 33.48  ? 48  HIS A N   1 
ATOM   364 C CA  . HIS A 1 69  ? -12.297 11.102  7.117   1.00 34.11  ? 48  HIS A CA  1 
ATOM   365 C C   . HIS A 1 69  ? -11.327 11.548  6.035   1.00 36.82  ? 48  HIS A C   1 
ATOM   366 O O   . HIS A 1 69  ? -11.367 12.715  5.618   1.00 37.37  ? 48  HIS A O   1 
ATOM   367 C CB  . HIS A 1 69  ? -12.115 11.941  8.387   1.00 41.14  ? 48  HIS A CB  1 
ATOM   368 C CG  . HIS A 1 69  ? -13.122 11.637  9.452   1.00 38.99  ? 48  HIS A CG  1 
ATOM   369 N ND1 . HIS A 1 69  ? -14.479 11.716  9.229   1.00 41.43  ? 48  HIS A ND1 1 
ATOM   370 C CD2 . HIS A 1 69  ? -12.977 11.239  10.739  1.00 43.97  ? 48  HIS A CD2 1 
ATOM   371 C CE1 . HIS A 1 69  ? -15.127 11.392  10.334  1.00 49.87  ? 48  HIS A CE1 1 
ATOM   372 N NE2 . HIS A 1 69  ? -14.241 11.089  11.266  1.00 41.57  ? 48  HIS A NE2 1 
ATOM   373 N N   . MET A 1 70  ? -10.473 10.659  5.536   1.00 33.99  ? 49  MET A N   1 
ATOM   374 C CA  . MET A 1 70  ? -9.366  11.113  4.713   1.00 29.61  ? 49  MET A CA  1 
ATOM   375 C C   . MET A 1 70  ? -9.859  11.600  3.361   1.00 32.95  ? 49  MET A C   1 
ATOM   376 O O   . MET A 1 70  ? -10.792 11.029  2.780   1.00 33.79  ? 49  MET A O   1 
ATOM   377 C CB  . MET A 1 70  ? -8.366  9.981   4.527   1.00 34.71  ? 49  MET A CB  1 
ATOM   378 C CG  . MET A 1 70  ? -7.175  10.364  3.772   1.00 45.18  ? 49  MET A CG  1 
ATOM   379 S SD  . MET A 1 70  ? -5.846  9.167   4.072   1.00 52.68  ? 49  MET A SD  1 
ATOM   380 C CE  . MET A 1 70  ? -6.719  7.650   4.060   1.00 38.69  ? 49  MET A CE  1 
ATOM   381 N N   . ARG A 1 71  ? -9.215  12.650  2.863   1.00 37.91  ? 50  ARG A N   1 
ATOM   382 C CA  . ARG A 1 71  ? -9.646  13.364  1.667   1.00 34.60  ? 50  ARG A CA  1 
ATOM   383 C C   . ARG A 1 71  ? -8.457  13.565  0.752   1.00 31.77  ? 50  ARG A C   1 
ATOM   384 O O   . ARG A 1 71  ? -7.335  13.804  1.203   1.00 33.60  ? 50  ARG A O   1 
ATOM   385 C CB  . ARG A 1 71  ? -10.247 14.722  2.022   1.00 37.00  ? 50  ARG A CB  1 
ATOM   386 C CG  . ARG A 1 71  ? -11.524 14.652  2.893   1.00 34.14  ? 50  ARG A CG  1 
ATOM   387 C CD  . ARG A 1 71  ? -11.653 15.886  3.774   1.00 40.98  ? 50  ARG A CD  1 
ATOM   388 N NE  . ARG A 1 71  ? -11.836 17.121  3.015   1.00 41.90  ? 50  ARG A NE  1 
ATOM   389 C CZ  . ARG A 1 71  ? -12.990 17.746  2.832   1.00 42.67  ? 50  ARG A CZ  1 
ATOM   390 N NH1 . ARG A 1 71  ? -14.133 17.251  3.285   1.00 41.79  ? 50  ARG A NH1 1 
ATOM   391 N NH2 . ARG A 1 71  ? -13.002 18.905  2.182   1.00 48.79  ? 50  ARG A NH2 1 
ATOM   392 N N   . PHE A 1 72  ? -8.707  13.506  -0.545  1.00 35.55  ? 51  PHE A N   1 
ATOM   393 C CA  . PHE A 1 72  ? -7.706  13.930  -1.504  1.00 37.70  ? 51  PHE A CA  1 
ATOM   394 C C   . PHE A 1 72  ? -8.362  14.841  -2.526  1.00 37.09  ? 51  PHE A C   1 
ATOM   395 O O   . PHE A 1 72  ? -9.396  14.501  -3.106  1.00 36.55  ? 51  PHE A O   1 
ATOM   396 C CB  . PHE A 1 72  ? -7.032  12.742  -2.187  1.00 41.83  ? 51  PHE A CB  1 
ATOM   397 C CG  . PHE A 1 72  ? -6.083  13.155  -3.245  1.00 45.83  ? 51  PHE A CG  1 
ATOM   398 C CD1 . PHE A 1 72  ? -4.977  13.894  -2.931  1.00 46.31  ? 51  PHE A CD1 1 
ATOM   399 C CD2 . PHE A 1 72  ? -6.332  12.850  -4.558  1.00 52.42  ? 51  PHE A CD2 1 
ATOM   400 C CE1 . PHE A 1 72  ? -4.120  14.316  -3.900  1.00 51.16  ? 51  PHE A CE1 1 
ATOM   401 C CE2 . PHE A 1 72  ? -5.476  13.276  -5.536  1.00 58.69  ? 51  PHE A CE2 1 
ATOM   402 C CZ  . PHE A 1 72  ? -4.372  14.008  -5.205  1.00 49.11  ? 51  PHE A CZ  1 
ATOM   403 N N   . GLY A 1 73  ? -7.757  15.992  -2.751  1.00 41.11  ? 52  GLY A N   1 
ATOM   404 C CA  . GLY A 1 73  ? -8.371  16.939  -3.654  1.00 44.47  ? 52  GLY A CA  1 
ATOM   405 C C   . GLY A 1 73  ? -9.715  17.427  -3.184  1.00 47.27  ? 52  GLY A C   1 
ATOM   406 O O   . GLY A 1 73  ? -10.533 17.854  -4.006  1.00 46.93  ? 52  GLY A O   1 
ATOM   407 N N   . GLY A 1 74  ? -9.969  17.371  -1.879  1.00 44.57  ? 53  GLY A N   1 
ATOM   408 C CA  . GLY A 1 74  ? -11.255 17.717  -1.314  1.00 45.32  ? 53  GLY A CA  1 
ATOM   409 C C   . GLY A 1 74  ? -12.315 16.637  -1.398  1.00 46.54  ? 53  GLY A C   1 
ATOM   410 O O   . GLY A 1 74  ? -13.412 16.825  -0.860  1.00 54.83  ? 53  GLY A O   1 
ATOM   411 N N   . SER A 1 75  ? -12.021 15.506  -2.031  1.00 43.13  ? 54  SER A N   1 
ATOM   412 C CA  . SER A 1 75  ? -12.994 14.466  -2.267  1.00 39.66  ? 54  SER A CA  1 
ATOM   413 C C   . SER A 1 75  ? -12.768 13.276  -1.347  1.00 43.46  ? 54  SER A C   1 
ATOM   414 O O   . SER A 1 75  ? -11.629 12.906  -1.059  1.00 36.70  ? 54  SER A O   1 
ATOM   415 C CB  . SER A 1 75  ? -12.952 13.995  -3.717  1.00 48.12  ? 54  SER A CB  1 
ATOM   416 O OG  . SER A 1 75  ? -13.826 12.899  -3.909  1.00 47.05  ? 54  SER A OG  1 
ATOM   417 N N   . HIS A 1 76  ? -13.870 12.674  -0.935  1.00 44.29  ? 55  HIS A N   1 
ATOM   418 C CA  . HIS A 1 76  ? -13.901 11.440  -0.166  1.00 39.25  ? 55  HIS A CA  1 
ATOM   419 C C   . HIS A 1 76  ? -13.987 10.223  -1.057  1.00 43.46  ? 55  HIS A C   1 
ATOM   420 O O   . HIS A 1 76  ? -14.177 9.110   -0.561  1.00 45.63  ? 55  HIS A O   1 
ATOM   421 C CB  . HIS A 1 76  ? -15.081 11.478  0.800   1.00 52.47  ? 55  HIS A CB  1 
ATOM   422 C CG  . HIS A 1 76  ? -14.960 12.533  1.853   1.00 50.48  ? 55  HIS A CG  1 
ATOM   423 N ND1 . HIS A 1 76  ? -14.433 12.277  3.101   1.00 43.04  ? 55  HIS A ND1 1 
ATOM   424 C CD2 . HIS A 1 76  ? -15.299 13.843  1.850   1.00 47.94  ? 55  HIS A CD2 1 
ATOM   425 C CE1 . HIS A 1 76  ? -14.456 13.384  3.821   1.00 45.62  ? 55  HIS A CE1 1 
ATOM   426 N NE2 . HIS A 1 76  ? -14.967 14.351  3.082   1.00 45.89  ? 55  HIS A NE2 1 
ATOM   427 N N   . ASP A 1 77  ? -13.884 10.408  -2.364  1.00 44.73  ? 56  ASP A N   1 
ATOM   428 C CA  . ASP A 1 77  ? -13.800 9.266   -3.258  1.00 50.37  ? 56  ASP A CA  1 
ATOM   429 C C   . ASP A 1 77  ? -12.607 8.419   -2.832  1.00 46.54  ? 56  ASP A C   1 
ATOM   430 O O   . ASP A 1 77  ? -11.637 8.926   -2.275  1.00 43.44  ? 56  ASP A O   1 
ATOM   431 C CB  . ASP A 1 77  ? -13.659 9.725   -4.719  1.00 50.51  ? 56  ASP A CB  1 
ATOM   432 C CG  . ASP A 1 77  ? -15.004 10.072  -5.377  1.00 64.60  ? 56  ASP A CG  1 
ATOM   433 O OD1 . ASP A 1 77  ? -16.069 9.947   -4.731  1.00 71.37  ? 56  ASP A OD1 1 
ATOM   434 O OD2 . ASP A 1 77  ? -15.002 10.471  -6.565  1.00 83.07  ? 56  ASP A OD2 1 
ATOM   435 N N   . GLY A 1 78  ? -12.702 7.114   -3.060  1.00 44.01  ? 57  GLY A N   1 
ATOM   436 C CA  . GLY A 1 78  ? -11.673 6.189   -2.603  1.00 48.42  ? 57  GLY A CA  1 
ATOM   437 C C   . GLY A 1 78  ? -10.261 6.594   -2.964  1.00 43.52  ? 57  GLY A C   1 
ATOM   438 O O   . GLY A 1 78  ? -10.007 7.020   -4.091  1.00 44.71  ? 57  GLY A O   1 
ATOM   439 N N   . PHE A 1 79  ? -9.330  6.441   -2.019  1.00 38.14  ? 58  PHE A N   1 
ATOM   440 C CA  . PHE A 1 79  ? -7.971  6.951   -2.164  1.00 42.57  ? 58  PHE A CA  1 
ATOM   441 C C   . PHE A 1 79  ? -7.081  6.203   -1.179  1.00 47.30  ? 58  PHE A C   1 
ATOM   442 O O   . PHE A 1 79  ? -7.528  5.819   -0.094  1.00 41.57  ? 58  PHE A O   1 
ATOM   443 C CB  . PHE A 1 79  ? -8.004  8.481   -1.957  1.00 44.98  ? 58  PHE A CB  1 
ATOM   444 C CG  . PHE A 1 79  ? -6.801  9.065   -1.319  1.00 44.17  ? 58  PHE A CG  1 
ATOM   445 C CD1 . PHE A 1 79  ? -5.656  9.268   -2.030  1.00 49.64  ? 58  PHE A CD1 1 
ATOM   446 C CD2 . PHE A 1 79  ? -6.856  9.487   -0.014  1.00 52.66  ? 58  PHE A CD2 1 
ATOM   447 C CE1 . PHE A 1 79  ? -4.544  9.845   -1.428  1.00 62.52  ? 58  PHE A CE1 1 
ATOM   448 C CE2 . PHE A 1 79  ? -5.777  10.052  0.585   1.00 55.35  ? 58  PHE A CE2 1 
ATOM   449 C CZ  . PHE A 1 79  ? -4.612  10.241  -0.115  1.00 53.06  ? 58  PHE A CZ  1 
ATOM   450 N N   . CYS A 1 80  ? -5.851  5.916   -1.601  1.00 38.67  ? 59  CYS A N   1 
ATOM   451 C CA  . CYS A 1 80  ? -4.872  5.232   -0.761  1.00 43.05  ? 59  CYS A CA  1 
ATOM   452 C C   . CYS A 1 80  ? -3.591  6.044   -0.752  1.00 39.22  ? 59  CYS A C   1 
ATOM   453 O O   . CYS A 1 80  ? -3.121  6.456   -1.811  1.00 40.96  ? 59  CYS A O   1 
ATOM   454 C CB  . CYS A 1 80  ? -4.525  3.845   -1.279  1.00 40.97  ? 59  CYS A CB  1 
ATOM   455 S SG  . CYS A 1 80  ? -5.848  2.691   -1.327  1.00 45.65  ? 59  CYS A SG  1 
ATOM   456 N N   . PHE A 1 81  ? -3.025  6.250   0.429   1.00 37.26  ? 60  PHE A N   1 
ATOM   457 C CA  . PHE A 1 81  ? -1.706  6.841   0.573   1.00 39.39  ? 60  PHE A CA  1 
ATOM   458 C C   . PHE A 1 81  ? -0.786  5.795   1.187   1.00 37.14  ? 60  PHE A C   1 
ATOM   459 O O   . PHE A 1 81  ? -1.049  5.323   2.302   1.00 38.91  ? 60  PHE A O   1 
ATOM   460 C CB  . PHE A 1 81  ? -1.755  8.082   1.452   1.00 45.13  ? 60  PHE A CB  1 
ATOM   461 C CG  . PHE A 1 81  ? -0.406  8.663   1.698   1.00 54.77  ? 60  PHE A CG  1 
ATOM   462 C CD1 . PHE A 1 81  ? 0.289   9.246   0.673   1.00 53.38  ? 60  PHE A CD1 1 
ATOM   463 C CD2 . PHE A 1 81  ? 0.180   8.591   2.946   1.00 61.90  ? 60  PHE A CD2 1 
ATOM   464 C CE1 . PHE A 1 81  ? 1.547   9.774   0.882   1.00 63.03  ? 60  PHE A CE1 1 
ATOM   465 C CE2 . PHE A 1 81  ? 1.429   9.118   3.170   1.00 59.21  ? 60  PHE A CE2 1 
ATOM   466 C CZ  . PHE A 1 81  ? 2.119   9.708   2.134   1.00 60.13  ? 60  PHE A CZ  1 
ATOM   467 N N   . VAL A 1 82  ? 0.265   5.428   0.461   1.00 40.22  ? 61  VAL A N   1 
ATOM   468 C CA  . VAL A 1 82  ? 1.193   4.384   0.873   1.00 39.67  ? 61  VAL A CA  1 
ATOM   469 C C   . VAL A 1 82  ? 2.518   5.022   1.244   1.00 41.90  ? 61  VAL A C   1 
ATOM   470 O O   . VAL A 1 82  ? 3.106   5.755   0.444   1.00 47.69  ? 61  VAL A O   1 
ATOM   471 C CB  . VAL A 1 82  ? 1.411   3.349   -0.240  1.00 42.73  ? 61  VAL A CB  1 
ATOM   472 C CG1 . VAL A 1 82  ? 2.305   2.263   0.285   1.00 42.57  ? 61  VAL A CG1 1 
ATOM   473 C CG2 . VAL A 1 82  ? 0.092   2.812   -0.724  1.00 43.63  ? 61  VAL A CG2 1 
ATOM   474 N N   . ARG A 1 83  ? 2.998   4.717   2.430   1.00 43.27  ? 62  ARG A N   1 
ATOM   475 C CA  . ARG A 1 83  ? 4.307   5.149   2.892   1.00 45.90  ? 62  ARG A CA  1 
ATOM   476 C C   . ARG A 1 83  ? 5.159   3.897   3.050   1.00 48.74  ? 62  ARG A C   1 
ATOM   477 O O   . ARG A 1 83  ? 4.745   2.947   3.722   1.00 47.98  ? 62  ARG A O   1 
ATOM   478 C CB  . ARG A 1 83  ? 4.172   5.917   4.209   1.00 46.45  ? 62  ARG A CB  1 
ATOM   479 N N   . VAL A 1 84  ? 6.298   3.862   2.383   1.00 50.22  ? 63  VAL A N   1 
ATOM   480 C CA  . VAL A 1 84  ? 7.249   2.764   2.522   1.00 53.37  ? 63  VAL A CA  1 
ATOM   481 C C   . VAL A 1 84  ? 8.550   3.305   3.092   1.00 59.62  ? 63  VAL A C   1 
ATOM   482 O O   . VAL A 1 84  ? 9.210   4.133   2.452   1.00 58.74  ? 63  VAL A O   1 
ATOM   483 C CB  . VAL A 1 84  ? 7.506   2.067   1.184   1.00 56.19  ? 63  VAL A CB  1 
ATOM   484 C CG1 . VAL A 1 84  ? 8.353   0.821   1.428   1.00 63.57  ? 63  VAL A CG1 1 
ATOM   485 C CG2 . VAL A 1 84  ? 6.188   1.758   0.503   1.00 55.94  ? 63  VAL A CG2 1 
ATOM   486 N N   . THR A 1 85  ? 8.950   2.798   4.259   1.00 60.96  ? 64  THR A N   1 
ATOM   487 C CA  . THR A 1 85  ? 10.139  3.270   4.964   1.00 69.95  ? 64  THR A CA  1 
ATOM   488 C C   . THR A 1 85  ? 11.222  2.197   5.017   1.00 77.35  ? 64  THR A C   1 
ATOM   489 O O   . THR A 1 85  ? 10.937  1.000   4.960   1.00 66.18  ? 64  THR A O   1 
ATOM   490 C CB  . THR A 1 85  ? 9.790   3.694   6.399   1.00 69.03  ? 64  THR A CB  1 
ATOM   491 O OG1 . THR A 1 85  ? 8.987   4.880   6.353   1.00 77.86  ? 64  THR A OG1 1 
ATOM   492 C CG2 . THR A 1 85  ? 11.055  3.950   7.250   1.00 90.48  ? 64  THR A CG2 1 
ATOM   493 N N   . SER A 1 86  ? 12.472  2.636   5.130   1.00 78.95  ? 65  SER A N   1 
ATOM   494 C CA  . SER A 1 86  ? 13.555  1.724   5.471   1.00 75.86  ? 65  SER A CA  1 
ATOM   495 C C   . SER A 1 86  ? 14.553  2.423   6.400   1.00 98.31  ? 65  SER A C   1 
ATOM   496 O O   . SER A 1 86  ? 14.289  3.515   6.918   1.00 98.53  ? 65  SER A O   1 
ATOM   497 C CB  . SER A 1 86  ? 14.260  1.225   4.218   1.00 85.60  ? 65  SER A CB  1 
ATOM   498 O OG  . SER A 1 86  ? 15.113  2.230   3.700   1.00 100.36 ? 65  SER A OG  1 
ATOM   499 N N   . LYS A 1 92  ? 17.893  2.325   -5.169  1.00 99.33  ? 71  LYS A N   1 
ATOM   500 C CA  . LYS A 1 92  ? 16.456  2.577   -5.132  1.00 103.56 ? 71  LYS A CA  1 
ATOM   501 C C   . LYS A 1 92  ? 15.879  2.892   -6.521  1.00 107.01 ? 71  LYS A C   1 
ATOM   502 O O   . LYS A 1 92  ? 14.860  3.570   -6.634  1.00 98.85  ? 71  LYS A O   1 
ATOM   503 C CB  . LYS A 1 92  ? 16.149  3.733   -4.170  1.00 96.25  ? 71  LYS A CB  1 
ATOM   504 C CG  . LYS A 1 92  ? 16.482  3.448   -2.712  1.00 101.22 ? 71  LYS A CG  1 
ATOM   505 C CD  . LYS A 1 92  ? 15.581  2.364   -2.125  1.00 96.43  ? 71  LYS A CD  1 
ATOM   506 C CE  . LYS A 1 92  ? 14.679  2.923   -1.034  1.00 111.49 ? 71  LYS A CE  1 
ATOM   507 N NZ  . LYS A 1 92  ? 15.435  3.323   0.187   1.00 130.74 ? 71  LYS A NZ  1 
ATOM   508 N N   . SER A 1 93  ? 16.527  2.386   -7.577  1.00 109.44 ? 72  SER A N   1 
ATOM   509 C CA  . SER A 1 93  ? 16.044  2.603   -8.940  1.00 110.29 ? 72  SER A CA  1 
ATOM   510 C C   . SER A 1 93  ? 14.738  1.874   -9.220  1.00 108.67 ? 72  SER A C   1 
ATOM   511 O O   . SER A 1 93  ? 13.991  2.268   -10.123 1.00 108.67 ? 72  SER A O   1 
ATOM   512 C CB  . SER A 1 93  ? 17.098  2.133   -9.940  1.00 119.19 ? 72  SER A CB  1 
ATOM   513 O OG  . SER A 1 93  ? 17.423  0.772   -9.715  1.00 113.04 ? 72  SER A OG  1 
ATOM   514 N N   . ASN A 1 94  ? 14.456  0.831   -8.455  1.00 100.17 ? 73  ASN A N   1 
ATOM   515 C CA  . ASN A 1 94  ? 13.362  -0.093  -8.696  1.00 99.27  ? 73  ASN A CA  1 
ATOM   516 C C   . ASN A 1 94  ? 12.079  0.281   -7.968  1.00 96.54  ? 73  ASN A C   1 
ATOM   517 O O   . ASN A 1 94  ? 11.058  -0.394  -8.149  1.00 88.08  ? 73  ASN A O   1 
ATOM   518 C CB  . ASN A 1 94  ? 13.804  -1.487  -8.256  1.00 103.69 ? 73  ASN A CB  1 
ATOM   519 C CG  . ASN A 1 94  ? 14.471  -1.468  -6.883  1.00 100.10 ? 73  ASN A CG  1 
ATOM   520 O OD1 . ASN A 1 94  ? 14.161  -0.613  -6.048  1.00 99.69  ? 73  ASN A OD1 1 
ATOM   521 N ND2 . ASN A 1 94  ? 15.403  -2.387  -6.655  1.00 87.87  ? 73  ASN A ND2 1 
ATOM   522 N N   . ASN A 1 95  ? 12.107  1.314   -7.127  1.00 93.12  ? 74  ASN A N   1 
ATOM   523 C CA  . ASN A 1 95  ? 10.876  1.792   -6.510  1.00 86.97  ? 74  ASN A CA  1 
ATOM   524 C C   . ASN A 1 95  ? 9.843   2.172   -7.562  1.00 81.62  ? 74  ASN A C   1 
ATOM   525 O O   . ASN A 1 95  ? 8.641   2.123   -7.289  1.00 72.70  ? 74  ASN A O   1 
ATOM   526 C CB  . ASN A 1 95  ? 11.193  2.963   -5.583  1.00 87.08  ? 74  ASN A CB  1 
ATOM   527 C CG  . ASN A 1 95  ? 12.198  2.585   -4.499  1.00 90.90  ? 74  ASN A CG  1 
ATOM   528 O OD1 . ASN A 1 95  ? 12.843  1.541   -4.574  1.00 94.17  ? 74  ASN A OD1 1 
ATOM   529 N ND2 . ASN A 1 95  ? 12.334  3.432   -3.492  1.00 85.38  ? 74  ASN A ND2 1 
ATOM   530 N N   . SER A 1 96  ? 10.285  2.531   -8.772  1.00 86.85  ? 75  SER A N   1 
ATOM   531 C CA  . SER A 1 96  ? 9.357   2.647   -9.893  1.00 84.63  ? 75  SER A CA  1 
ATOM   532 C C   . SER A 1 96  ? 8.604   1.338   -10.103 1.00 75.20  ? 75  SER A C   1 
ATOM   533 O O   . SER A 1 96  ? 7.379   1.322   -10.266 1.00 73.85  ? 75  SER A O   1 
ATOM   534 C CB  . SER A 1 96  ? 10.122  3.045   -11.154 1.00 97.85  ? 75  SER A CB  1 
ATOM   535 O OG  . SER A 1 96  ? 9.303   2.907   -12.299 1.00 104.21 ? 75  SER A OG  1 
ATOM   536 N N   . SER A 1 97  ? 9.325   0.224   -10.082 1.00 78.61  ? 76  SER A N   1 
ATOM   537 C CA  . SER A 1 97  ? 8.682   -1.074  -10.226 1.00 73.05  ? 76  SER A CA  1 
ATOM   538 C C   . SER A 1 97  ? 7.825   -1.390  -9.017  1.00 73.94  ? 76  SER A C   1 
ATOM   539 O O   . SER A 1 97  ? 6.700   -1.881  -9.156  1.00 73.25  ? 76  SER A O   1 
ATOM   540 C CB  . SER A 1 97  ? 9.745   -2.155  -10.431 1.00 86.60  ? 76  SER A CB  1 
ATOM   541 O OG  . SER A 1 97  ? 9.202   -3.455  -10.288 1.00 89.21  ? 76  SER A OG  1 
ATOM   542 N N   . LEU A 1 98  ? 8.339   -1.108  -7.821  1.00 67.05  ? 77  LEU A N   1 
ATOM   543 C CA  . LEU A 1 98  ? 7.586   -1.390  -6.612  1.00 66.78  ? 77  LEU A CA  1 
ATOM   544 C C   . LEU A 1 98  ? 6.322   -0.556  -6.557  1.00 58.08  ? 77  LEU A C   1 
ATOM   545 O O   . LEU A 1 98  ? 5.251   -1.061  -6.213  1.00 57.14  ? 77  LEU A O   1 
ATOM   546 C CB  . LEU A 1 98  ? 8.461   -1.115  -5.402  1.00 64.15  ? 77  LEU A CB  1 
ATOM   547 C CG  . LEU A 1 98  ? 7.878   -1.459  -4.046  1.00 61.56  ? 77  LEU A CG  1 
ATOM   548 C CD1 . LEU A 1 98  ? 7.374   -2.882  -4.010  1.00 60.89  ? 77  LEU A CD1 1 
ATOM   549 C CD2 . LEU A 1 98  ? 8.980   -1.232  -3.025  1.00 60.81  ? 77  LEU A CD2 1 
ATOM   550 N N   . ALA A 1 99  ? 6.424   0.720   -6.914  1.00 64.43  ? 78  ALA A N   1 
ATOM   551 C CA  . ALA A 1 99  ? 5.231   1.550   -6.996  1.00 60.55  ? 78  ALA A CA  1 
ATOM   552 C C   . ALA A 1 99  ? 4.200   0.931   -7.931  1.00 62.39  ? 78  ALA A C   1 
ATOM   553 O O   . ALA A 1 99  ? 3.004   0.895   -7.615  1.00 62.46  ? 78  ALA A O   1 
ATOM   554 C CB  . ALA A 1 99  ? 5.604   2.951   -7.464  1.00 68.63  ? 78  ALA A CB  1 
ATOM   555 N N   . ASP A 1 100 ? 4.647   0.428   -9.083  1.00 64.22  ? 79  ASP A N   1 
ATOM   556 C CA  . ASP A 1 100 ? 3.722   -0.157  -10.049 1.00 67.19  ? 79  ASP A CA  1 
ATOM   557 C C   . ASP A 1 100 ? 3.017   -1.382  -9.475  1.00 65.30  ? 79  ASP A C   1 
ATOM   558 O O   . ASP A 1 100 ? 1.804   -1.547  -9.647  1.00 65.18  ? 79  ASP A O   1 
ATOM   559 C CB  . ASP A 1 100 ? 4.480   -0.516  -11.326 1.00 77.76  ? 79  ASP A CB  1 
ATOM   560 C CG  . ASP A 1 100 ? 3.635   -1.316  -12.310 1.00 90.92  ? 79  ASP A CG  1 
ATOM   561 O OD1 . ASP A 1 100 ? 2.540   -0.840  -12.689 1.00 96.50  ? 79  ASP A OD1 1 
ATOM   562 O OD2 . ASP A 1 100 ? 4.077   -2.416  -12.721 1.00 86.20  ? 79  ASP A OD2 1 
ATOM   563 N N   . LYS A 1 101 ? 3.754   -2.249  -8.781  1.00 63.61  ? 80  LYS A N   1 
ATOM   564 C CA  . LYS A 1 101 ? 3.137   -3.441  -8.204  1.00 55.73  ? 80  LYS A CA  1 
ATOM   565 C C   . LYS A 1 101 ? 2.147   -3.072  -7.108  1.00 56.49  ? 80  LYS A C   1 
ATOM   566 O O   . LYS A 1 101 ? 1.046   -3.636  -7.032  1.00 51.02  ? 80  LYS A O   1 
ATOM   567 C CB  . LYS A 1 101 ? 4.223   -4.372  -7.665  1.00 57.16  ? 80  LYS A CB  1 
ATOM   568 C CG  . LYS A 1 101 ? 5.087   -5.001  -8.752  1.00 63.33  ? 80  LYS A CG  1 
ATOM   569 C CD  . LYS A 1 101 ? 6.374   -5.590  -8.190  1.00 70.13  ? 80  LYS A CD  1 
ATOM   570 C CE  . LYS A 1 101 ? 7.104   -6.460  -9.209  1.00 82.16  ? 80  LYS A CE  1 
ATOM   571 N NZ  . LYS A 1 101 ? 6.868   -7.911  -8.951  1.00 90.45  ? 80  LYS A NZ  1 
ATOM   572 N N   . ILE A 1 102 ? 2.509   -2.111  -6.263  1.00 52.43  ? 81  ILE A N   1 
ATOM   573 C CA  . ILE A 1 102 ? 1.623   -1.709  -5.179  1.00 48.79  ? 81  ILE A CA  1 
ATOM   574 C C   . ILE A 1 102 ? 0.340   -1.109  -5.737  1.00 49.97  ? 81  ILE A C   1 
ATOM   575 O O   . ILE A 1 102 ? -0.764  -1.445  -5.296  1.00 48.18  ? 81  ILE A O   1 
ATOM   576 C CB  . ILE A 1 102 ? 2.353   -0.745  -4.233  1.00 45.55  ? 81  ILE A CB  1 
ATOM   577 C CG1 . ILE A 1 102 ? 3.420   -1.521  -3.462  1.00 48.70  ? 81  ILE A CG1 1 
ATOM   578 C CG2 . ILE A 1 102 ? 1.386   -0.088  -3.242  1.00 48.81  ? 81  ILE A CG2 1 
ATOM   579 C CD1 . ILE A 1 102 ? 4.286   -0.628  -2.597  1.00 50.07  ? 81  ILE A CD1 1 
ATOM   580 N N   . THR A 1 103 ? 0.455   -0.230  -6.731  1.00 51.01  ? 82  THR A N   1 
ATOM   581 C CA  . THR A 1 103 ? -0.749  0.379   -7.289  1.00 53.41  ? 82  THR A CA  1 
ATOM   582 C C   . THR A 1 103 ? -1.678  -0.690  -7.852  1.00 55.85  ? 82  THR A C   1 
ATOM   583 O O   . THR A 1 103 ? -2.883  -0.691  -7.581  1.00 60.93  ? 82  THR A O   1 
ATOM   584 C CB  . THR A 1 103 ? -0.379  1.405   -8.364  1.00 54.74  ? 82  THR A CB  1 
ATOM   585 O OG1 . THR A 1 103 ? 0.495   2.393   -7.801  1.00 56.39  ? 82  THR A OG1 1 
ATOM   586 C CG2 . THR A 1 103 ? -1.633  2.098   -8.896  1.00 56.41  ? 82  THR A CG2 1 
ATOM   587 N N   . LYS A 1 104 ? -1.129  -1.621  -8.628  1.00 55.11  ? 83  LYS A N   1 
ATOM   588 C CA  . LYS A 1 104 ? -1.959  -2.680  -9.193  1.00 59.96  ? 83  LYS A CA  1 
ATOM   589 C C   . LYS A 1 104 ? -2.601  -3.515  -8.093  1.00 58.52  ? 83  LYS A C   1 
ATOM   590 O O   . LYS A 1 104 ? -3.744  -3.969  -8.235  1.00 59.20  ? 83  LYS A O   1 
ATOM   591 C CB  . LYS A 1 104 ? -1.125  -3.564  -10.127 1.00 62.14  ? 83  LYS A CB  1 
ATOM   592 C CG  . LYS A 1 104 ? -0.739  -2.912  -11.449 1.00 71.38  ? 83  LYS A CG  1 
ATOM   593 C CD  . LYS A 1 104 ? -0.545  -3.953  -12.551 1.00 81.18  ? 83  LYS A CD  1 
ATOM   594 C CE  . LYS A 1 104 ? -0.106  -3.320  -13.874 1.00 91.70  ? 83  LYS A CE  1 
ATOM   595 N NZ  . LYS A 1 104 ? 1.343   -3.533  -14.174 1.00 104.43 ? 83  LYS A NZ  1 
ATOM   596 N N   . ILE A 1 105 ? -1.885  -3.729  -6.985  1.00 51.93  ? 84  ILE A N   1 
ATOM   597 C CA  . ILE A 1 105 ? -2.415  -4.573  -5.919  1.00 49.13  ? 84  ILE A CA  1 
ATOM   598 C C   . ILE A 1 105 ? -3.622  -3.909  -5.268  1.00 54.16  ? 84  ILE A C   1 
ATOM   599 O O   . ILE A 1 105 ? -4.661  -4.540  -5.047  1.00 48.45  ? 84  ILE A O   1 
ATOM   600 C CB  . ILE A 1 105 ? -1.327  -4.878  -4.876  1.00 45.03  ? 84  ILE A CB  1 
ATOM   601 C CG1 . ILE A 1 105 ? -0.308  -5.866  -5.430  1.00 51.73  ? 84  ILE A CG1 1 
ATOM   602 C CG2 . ILE A 1 105 ? -1.961  -5.464  -3.612  1.00 48.54  ? 84  ILE A CG2 1 
ATOM   603 C CD1 . ILE A 1 105 ? 0.919   -5.985  -4.574  1.00 54.31  ? 84  ILE A CD1 1 
ATOM   604 N N   . LEU A 1 106 ? -3.493  -2.630  -4.930  1.00 50.56  ? 85  LEU A N   1 
ATOM   605 C CA  . LEU A 1 106 ? -4.576  -1.940  -4.243  1.00 43.82  ? 85  LEU A CA  1 
ATOM   606 C C   . LEU A 1 106 ? -5.784  -1.775  -5.151  1.00 50.42  ? 85  LEU A C   1 
ATOM   607 O O   . LEU A 1 106 ? -6.927  -1.949  -4.716  1.00 53.26  ? 85  LEU A O   1 
ATOM   608 C CB  . LEU A 1 106 ? -4.076  -0.591  -3.738  1.00 51.12  ? 85  LEU A CB  1 
ATOM   609 C CG  . LEU A 1 106 ? -3.037  -0.737  -2.634  1.00 37.28  ? 85  LEU A CG  1 
ATOM   610 C CD1 . LEU A 1 106 ? -2.346  0.587   -2.335  1.00 42.40  ? 85  LEU A CD1 1 
ATOM   611 C CD2 . LEU A 1 106 ? -3.666  -1.303  -1.394  1.00 43.08  ? 85  LEU A CD2 1 
ATOM   612 N N   . ALA A 1 107 ? -5.550  -1.465  -6.423  1.00 55.81  ? 86  ALA A N   1 
ATOM   613 C CA  . ALA A 1 107 ? -6.657  -1.340  -7.358  1.00 54.54  ? 86  ALA A CA  1 
ATOM   614 C C   . ALA A 1 107 ? -7.427  -2.643  -7.446  1.00 59.18  ? 86  ALA A C   1 
ATOM   615 O O   . ALA A 1 107 ? -8.653  -2.642  -7.608  1.00 60.03  ? 86  ALA A O   1 
ATOM   616 C CB  . ALA A 1 107 ? -6.129  -0.929  -8.731  1.00 59.22  ? 86  ALA A CB  1 
ATOM   617 N N   . SER A 1 108 ? -6.726  -3.762  -7.319  1.00 61.96  ? 87  SER A N   1 
ATOM   618 C CA  . SER A 1 108 ? -7.376  -5.057  -7.389  1.00 60.49  ? 87  SER A CA  1 
ATOM   619 C C   . SER A 1 108 ? -8.138  -5.360  -6.111  1.00 60.97  ? 87  SER A C   1 
ATOM   620 O O   . SER A 1 108 ? -9.308  -5.745  -6.157  1.00 65.81  ? 87  SER A O   1 
ATOM   621 C CB  . SER A 1 108 ? -6.338  -6.143  -7.641  1.00 72.33  ? 87  SER A CB  1 
ATOM   622 O OG  . SER A 1 108 ? -6.826  -7.388  -7.181  1.00 84.95  ? 87  SER A OG  1 
ATOM   623 N N   . THR A 1 109 ? -7.484  -5.194  -4.965  1.00 51.92  ? 88  THR A N   1 
ATOM   624 C CA  . THR A 1 109 ? -8.043  -5.673  -3.715  1.00 50.93  ? 88  THR A CA  1 
ATOM   625 C C   . THR A 1 109 ? -9.055  -4.706  -3.126  1.00 55.40  ? 88  THR A C   1 
ATOM   626 O O   . THR A 1 109 ? -10.017 -5.142  -2.485  1.00 60.34  ? 88  THR A O   1 
ATOM   627 C CB  . THR A 1 109 ? -6.928  -5.927  -2.704  1.00 50.33  ? 88  THR A CB  1 
ATOM   628 O OG1 . THR A 1 109 ? -6.200  -4.715  -2.457  1.00 58.90  ? 88  THR A OG1 1 
ATOM   629 C CG2 . THR A 1 109 ? -5.972  -6.954  -3.234  1.00 51.32  ? 88  THR A CG2 1 
ATOM   630 N N   . LEU A 1 110 ? -8.861  -3.407  -3.323  1.00 56.17  ? 89  LEU A N   1 
ATOM   631 C CA  . LEU A 1 110 ? -9.735  -2.407  -2.732  1.00 48.05  ? 89  LEU A CA  1 
ATOM   632 C C   . LEU A 1 110 ? -10.557 -1.658  -3.764  1.00 55.24  ? 89  LEU A C   1 
ATOM   633 O O   . LEU A 1 110 ? -11.415 -0.853  -3.386  1.00 57.32  ? 89  LEU A O   1 
ATOM   634 C CB  . LEU A 1 110 ? -8.914  -1.400  -1.924  1.00 48.60  ? 89  LEU A CB  1 
ATOM   635 C CG  . LEU A 1 110 ? -7.921  -2.040  -0.958  1.00 48.16  ? 89  LEU A CG  1 
ATOM   636 C CD1 . LEU A 1 110 ? -7.150  -0.944  -0.229  1.00 47.49  ? 89  LEU A CD1 1 
ATOM   637 C CD2 . LEU A 1 110 ? -8.647  -2.951  -0.007  1.00 51.11  ? 89  LEU A CD2 1 
ATOM   638 N N   . ASN A 1 111 ? -10.318 -1.899  -5.046  1.00 55.72  ? 90  ASN A N   1 
ATOM   639 C CA  . ASN A 1 111 ? -11.085 -1.274  -6.115  1.00 57.49  ? 90  ASN A CA  1 
ATOM   640 C C   . ASN A 1 111 ? -10.910 0.243   -6.105  1.00 56.88  ? 90  ASN A C   1 
ATOM   641 O O   . ASN A 1 111 ? -11.858 0.997   -6.319  1.00 68.83  ? 90  ASN A O   1 
ATOM   642 C CB  . ASN A 1 111 ? -12.556 -1.661  -6.016  1.00 64.79  ? 90  ASN A CB  1 
ATOM   643 C CG  . ASN A 1 111 ? -13.338 -1.216  -7.212  1.00 75.26  ? 90  ASN A CG  1 
ATOM   644 O OD1 . ASN A 1 111 ? -14.317 -0.485  -7.089  1.00 82.77  ? 90  ASN A OD1 1 
ATOM   645 N ND2 . ASN A 1 111 ? -12.893 -1.628  -8.394  1.00 78.03  ? 90  ASN A ND2 1 
ATOM   646 N N   . VAL A 1 112 ? -9.684  0.687   -5.854  1.00 60.98  ? 91  VAL A N   1 
ATOM   647 C CA  . VAL A 1 112 ? -9.295  2.093   -5.914  1.00 57.22  ? 91  VAL A CA  1 
ATOM   648 C C   . VAL A 1 112 ? -8.776  2.423   -7.312  1.00 62.62  ? 91  VAL A C   1 
ATOM   649 O O   . VAL A 1 112 ? -8.153  1.587   -7.971  1.00 56.30  ? 91  VAL A O   1 
ATOM   650 C CB  . VAL A 1 112 ? -8.235  2.400   -4.833  1.00 52.91  ? 91  VAL A CB  1 
ATOM   651 C CG1 . VAL A 1 112 ? -7.013  1.523   -5.000  1.00 55.49  ? 91  VAL A CG1 1 
ATOM   652 C CG2 . VAL A 1 112 ? -7.829  3.866   -4.875  1.00 54.34  ? 91  VAL A CG2 1 
ATOM   653 N N   . LYS A 1 113 ? -9.035  3.650   -7.775  1.00 58.06  ? 92  LYS A N   1 
ATOM   654 C CA  . LYS A 1 113 ? -8.496  4.109   -9.050  1.00 62.35  ? 92  LYS A CA  1 
ATOM   655 C C   . LYS A 1 113 ? -6.984  4.307   -8.949  1.00 62.28  ? 92  LYS A C   1 
ATOM   656 O O   . LYS A 1 113 ? -6.499  4.914   -7.993  1.00 56.23  ? 92  LYS A O   1 
ATOM   657 C CB  . LYS A 1 113 ? -9.171  5.420   -9.464  1.00 62.24  ? 92  LYS A CB  1 
ATOM   658 C CG  . LYS A 1 113 ? -10.540 5.276   -10.131 1.00 74.16  ? 92  LYS A CG  1 
ATOM   659 C CD  . LYS A 1 113 ? -11.594 6.210   -9.520  1.00 84.49  ? 92  LYS A CD  1 
ATOM   660 C CE  . LYS A 1 113 ? -12.845 6.309   -10.407 1.00 97.04  ? 92  LYS A CE  1 
ATOM   661 N NZ  . LYS A 1 113 ? -14.030 6.908   -9.710  1.00 91.39  ? 92  LYS A NZ  1 
ATOM   662 N N   . SER A 1 114 ? -6.239  3.819   -9.953  1.00 62.75  ? 93  SER A N   1 
ATOM   663 C CA  . SER A 1 114 ? -4.781  3.930   -9.924  1.00 61.95  ? 93  SER A CA  1 
ATOM   664 C C   . SER A 1 114 ? -4.345  5.367   -9.694  1.00 63.35  ? 93  SER A C   1 
ATOM   665 O O   . SER A 1 114 ? -3.353  5.633   -9.000  1.00 65.75  ? 93  SER A O   1 
ATOM   666 C CB  . SER A 1 114 ? -4.182  3.420   -11.236 1.00 75.05  ? 93  SER A CB  1 
ATOM   667 O OG  . SER A 1 114 ? -4.648  2.121   -11.541 1.00 83.53  ? 93  SER A OG  1 
ATOM   668 N N   . GLU A 1 115 ? -5.074  6.308   -10.289 1.00 65.25  ? 94  GLU A N   1 
ATOM   669 C CA  . GLU A 1 115 ? -4.779  7.721   -10.144 1.00 63.54  ? 94  GLU A CA  1 
ATOM   670 C C   . GLU A 1 115 ? -5.020  8.232   -8.734  1.00 62.83  ? 94  GLU A C   1 
ATOM   671 O O   . GLU A 1 115 ? -4.578  9.340   -8.418  1.00 59.03  ? 94  GLU A O   1 
ATOM   672 C CB  . GLU A 1 115 ? -5.615  8.528   -11.142 1.00 70.61  ? 94  GLU A CB  1 
ATOM   673 C CG  . GLU A 1 115 ? -7.084  8.099   -11.267 1.00 79.94  ? 94  GLU A CG  1 
ATOM   674 C CD  . GLU A 1 115 ? -7.329  7.006   -12.321 1.00 88.79  ? 94  GLU A CD  1 
ATOM   675 O OE1 . GLU A 1 115 ? -6.513  6.057   -12.420 1.00 79.29  ? 94  GLU A OE1 1 
ATOM   676 O OE2 . GLU A 1 115 ? -8.348  7.096   -13.045 1.00 110.32 ? 94  GLU A OE2 1 
ATOM   677 N N   . ARG A 1 116 ? -5.701  7.459   -7.889  1.00 57.17  ? 95  ARG A N   1 
ATOM   678 C CA  . ARG A 1 116 ? -5.940  7.817   -6.500  1.00 51.60  ? 95  ARG A CA  1 
ATOM   679 C C   . ARG A 1 116 ? -5.117  6.949   -5.560  1.00 53.31  ? 95  ARG A C   1 
ATOM   680 O O   . ARG A 1 116 ? -5.465  6.814   -4.382  1.00 50.50  ? 95  ARG A O   1 
ATOM   681 C CB  . ARG A 1 116 ? -7.420  7.686   -6.145  1.00 53.27  ? 95  ARG A CB  1 
ATOM   682 C CG  . ARG A 1 116 ? -8.368  8.474   -7.012  1.00 62.36  ? 95  ARG A CG  1 
ATOM   683 C CD  . ARG A 1 116 ? -8.617  9.854   -6.451  1.00 63.93  ? 95  ARG A CD  1 
ATOM   684 N NE  . ARG A 1 116 ? -9.404  9.875   -5.216  1.00 55.77  ? 95  ARG A NE  1 
ATOM   685 C CZ  . ARG A 1 116 ? -9.830  10.995  -4.640  1.00 53.66  ? 95  ARG A CZ  1 
ATOM   686 N NH1 . ARG A 1 116 ? -9.620  12.180  -5.200  1.00 57.39  ? 95  ARG A NH1 1 
ATOM   687 N NH2 . ARG A 1 116 ? -10.474 10.931  -3.476  1.00 52.16  ? 95  ARG A NH2 1 
ATOM   688 N N   . VAL A 1 117 ? -4.056  6.334   -6.070  1.00 53.97  ? 96  VAL A N   1 
ATOM   689 C CA  . VAL A 1 117 ? -3.069  5.632   -5.268  1.00 48.19  ? 96  VAL A CA  1 
ATOM   690 C C   . VAL A 1 117 ? -1.785  6.434   -5.336  1.00 50.81  ? 96  VAL A C   1 
ATOM   691 O O   . VAL A 1 117 ? -1.251  6.665   -6.426  1.00 55.15  ? 96  VAL A O   1 
ATOM   692 C CB  . VAL A 1 117 ? -2.838  4.205   -5.770  1.00 49.51  ? 96  VAL A CB  1 
ATOM   693 C CG1 . VAL A 1 117 ? -1.780  3.535   -4.924  1.00 55.27  ? 96  VAL A CG1 1 
ATOM   694 C CG2 . VAL A 1 117 ? -4.113  3.432   -5.741  1.00 50.41  ? 96  VAL A CG2 1 
ATOM   695 N N   . PHE A 1 118 ? -1.293  6.866   -4.180  1.00 46.92  ? 97  PHE A N   1 
ATOM   696 C CA  . PHE A 1 118 ? -0.073  7.658   -4.091  1.00 54.80  ? 97  PHE A CA  1 
ATOM   697 C C   . PHE A 1 118 ? 0.915   6.972   -3.168  1.00 52.77  ? 97  PHE A C   1 
ATOM   698 O O   . PHE A 1 118 ? 0.604   6.737   -1.998  1.00 45.80  ? 97  PHE A O   1 
ATOM   699 C CB  . PHE A 1 118 ? -0.390  9.056   -3.586  1.00 50.06  ? 97  PHE A CB  1 
ATOM   700 C CG  . PHE A 1 118 ? -1.425  9.746   -4.409  1.00 62.04  ? 97  PHE A CG  1 
ATOM   701 C CD1 . PHE A 1 118 ? -2.769  9.584   -4.126  1.00 66.47  ? 97  PHE A CD1 1 
ATOM   702 C CD2 . PHE A 1 118 ? -1.057  10.523  -5.496  1.00 73.30  ? 97  PHE A CD2 1 
ATOM   703 C CE1 . PHE A 1 118 ? -3.737  10.215  -4.900  1.00 65.72  ? 97  PHE A CE1 1 
ATOM   704 C CE2 . PHE A 1 118 ? -2.009  11.148  -6.273  1.00 68.68  ? 97  PHE A CE2 1 
ATOM   705 C CZ  . PHE A 1 118 ? -3.354  10.992  -5.972  1.00 60.09  ? 97  PHE A CZ  1 
ATOM   706 N N   . ILE A 1 119 ? 2.109   6.673   -3.688  1.00 53.06  ? 98  ILE A N   1 
ATOM   707 C CA  . ILE A 1 119 ? 3.144   5.959   -2.946  1.00 52.39  ? 98  ILE A CA  1 
ATOM   708 C C   . ILE A 1 119 ? 4.277   6.930   -2.655  1.00 53.40  ? 98  ILE A C   1 
ATOM   709 O O   . ILE A 1 119 ? 4.745   7.637   -3.557  1.00 57.93  ? 98  ILE A O   1 
ATOM   710 C CB  . ILE A 1 119 ? 3.667   4.735   -3.718  1.00 52.00  ? 98  ILE A CB  1 
ATOM   711 C CG1 . ILE A 1 119 ? 2.559   3.706   -3.941  1.00 56.59  ? 98  ILE A CG1 1 
ATOM   712 C CG2 . ILE A 1 119 ? 4.781   4.074   -2.940  1.00 65.38  ? 98  ILE A CG2 1 
ATOM   713 C CD1 . ILE A 1 119 ? 1.768   3.901   -5.211  1.00 64.70  ? 98  ILE A CD1 1 
ATOM   714 N N   . GLU A 1 120 ? 4.708   6.967   -1.396  1.00 54.36  ? 99  GLU A N   1 
ATOM   715 C CA  . GLU A 1 120 ? 5.788   7.820   -0.917  1.00 57.85  ? 99  GLU A CA  1 
ATOM   716 C C   . GLU A 1 120 ? 6.850   6.926   -0.298  1.00 55.83  ? 99  GLU A C   1 
ATOM   717 O O   . GLU A 1 120 ? 6.524   6.003   0.455   1.00 56.16  ? 99  GLU A O   1 
ATOM   718 C CB  . GLU A 1 120 ? 5.261   8.832   0.110   1.00 55.96  ? 99  GLU A CB  1 
ATOM   719 C CG  . GLU A 1 120 ? 6.303   9.677   0.825   1.00 71.60  ? 99  GLU A CG  1 
ATOM   720 C CD  . GLU A 1 120 ? 5.865   10.053  2.241   1.00 83.50  ? 99  GLU A CD  1 
ATOM   721 O OE1 . GLU A 1 120 ? 5.652   9.128   3.065   1.00 84.20  ? 99  GLU A OE1 1 
ATOM   722 O OE2 . GLU A 1 120 ? 5.717   11.267  2.526   1.00 93.42  ? 99  GLU A OE2 1 
ATOM   723 N N   . PHE A 1 121 ? 8.109   7.181   -0.618  1.00 63.68  ? 100 PHE A N   1 
ATOM   724 C CA  . PHE A 1 121 ? 9.209   6.360   -0.135  1.00 55.95  ? 100 PHE A CA  1 
ATOM   725 C C   . PHE A 1 121 ? 10.041  7.151   0.862   1.00 69.63  ? 100 PHE A C   1 
ATOM   726 O O   . PHE A 1 121 ? 10.385  8.312   0.609   1.00 78.48  ? 100 PHE A O   1 
ATOM   727 C CB  . PHE A 1 121 ? 10.055  5.875   -1.308  1.00 63.77  ? 100 PHE A CB  1 
ATOM   728 C CG  . PHE A 1 121 ? 9.323   4.939   -2.223  1.00 63.20  ? 100 PHE A CG  1 
ATOM   729 C CD1 . PHE A 1 121 ? 8.574   5.422   -3.273  1.00 64.87  ? 100 PHE A CD1 1 
ATOM   730 C CD2 . PHE A 1 121 ? 9.371   3.575   -2.024  1.00 62.57  ? 100 PHE A CD2 1 
ATOM   731 C CE1 . PHE A 1 121 ? 7.910   4.563   -4.116  1.00 61.98  ? 100 PHE A CE1 1 
ATOM   732 C CE2 . PHE A 1 121 ? 8.690   2.712   -2.859  1.00 59.91  ? 100 PHE A CE2 1 
ATOM   733 C CZ  . PHE A 1 121 ? 7.958   3.207   -3.901  1.00 62.26  ? 100 PHE A CZ  1 
ATOM   734 N N   . LYS A 1 122 ? 10.353  6.526   1.996   1.00 78.90  ? 101 LYS A N   1 
ATOM   735 C CA  . LYS A 1 122 ? 11.179  7.163   3.025   1.00 96.41  ? 101 LYS A CA  1 
ATOM   736 C C   . LYS A 1 122 ? 12.049  6.161   3.798   1.00 98.72  ? 101 LYS A C   1 
ATOM   737 O O   . LYS A 1 122 ? 13.040  6.533   4.445   1.00 107.78 ? 101 LYS A O   1 
ATOM   738 C CB  . LYS A 1 122 ? 10.288  7.936   4.000   1.00 93.67  ? 101 LYS A CB  1 
ATOM   739 C CG  . LYS A 1 122 ? 9.499   9.055   3.343   1.00 89.84  ? 101 LYS A CG  1 
ATOM   740 C CD  . LYS A 1 122 ? 8.985   10.054  4.370   1.00 99.89  ? 101 LYS A CD  1 
ATOM   741 C CE  . LYS A 1 122 ? 8.985   11.481  3.812   1.00 117.98 ? 101 LYS A CE  1 
ATOM   742 N NZ  . LYS A 1 122 ? 9.003   12.531  4.878   1.00 119.18 ? 101 LYS A NZ  1 
HETATM 743 C C1  . GOL B 2 .   ? -15.341 -2.180  -0.605  1.00 96.44  ? 201 GOL A C1  1 
HETATM 744 O O1  . GOL B 2 .   ? -15.711 -2.144  0.753   1.00 84.39  ? 201 GOL A O1  1 
HETATM 745 C C2  . GOL B 2 .   ? -13.919 -2.691  -0.722  1.00 84.88  ? 201 GOL A C2  1 
HETATM 746 O O2  . GOL B 2 .   ? -13.703 -3.626  0.312   1.00 82.17  ? 201 GOL A O2  1 
HETATM 747 C C3  . GOL B 2 .   ? -13.672 -3.282  -2.104  1.00 82.21  ? 201 GOL A C3  1 
HETATM 748 O O3  . GOL B 2 .   ? -13.607 -4.690  -2.012  1.00 80.10  ? 201 GOL A O3  1 
HETATM 749 C C1  . PEG C 3 .   ? -7.369  -10.537 12.687  1.00 75.47  ? 202 PEG A C1  1 
HETATM 750 O O1  . PEG C 3 .   ? -7.018  -9.715  11.594  1.00 59.73  ? 202 PEG A O1  1 
HETATM 751 C C2  . PEG C 3 .   ? -6.466  -11.752 12.768  1.00 73.13  ? 202 PEG A C2  1 
HETATM 752 O O2  . PEG C 3 .   ? -6.822  -12.725 11.805  1.00 70.52  ? 202 PEG A O2  1 
HETATM 753 C C3  . PEG C 3 .   ? -7.831  -13.636 12.196  1.00 76.51  ? 202 PEG A C3  1 
HETATM 754 C C4  . PEG C 3 .   ? -8.824  -13.967 11.091  1.00 70.85  ? 202 PEG A C4  1 
HETATM 755 O O4  . PEG C 3 .   ? -9.745  -12.905 10.866  1.00 76.31  ? 202 PEG A O4  1 
HETATM 756 O O   . HOH D 4 .   ? -8.165  3.231   11.752  1.00 43.68  ? 301 HOH A O   1 
HETATM 757 O O   . HOH D 4 .   ? -15.585 5.069   4.318   1.00 55.22  ? 302 HOH A O   1 
HETATM 758 O O   . HOH D 4 .   ? -4.265  6.032   12.915  0.33 40.80  ? 303 HOH A O   1 
HETATM 759 O O   . HOH D 4 .   ? -2.828  6.602   8.768   1.00 49.67  ? 304 HOH A O   1 
HETATM 760 O O   . HOH D 4 .   ? -13.209 9.822   3.551   1.00 40.16  ? 305 HOH A O   1 
HETATM 761 O O   . HOH D 4 .   ? 4.437   -8.103  8.224   1.00 37.74  ? 306 HOH A O   1 
HETATM 762 O O   . HOH D 4 .   ? -11.557 -1.153  7.203   1.00 48.47  ? 307 HOH A O   1 
HETATM 763 O O   . HOH D 4 .   ? 0.260   5.305   -8.240  1.00 60.16  ? 308 HOH A O   1 
HETATM 764 O O   . HOH D 4 .   ? -10.831 5.715   -6.340  1.00 54.19  ? 309 HOH A O   1 
HETATM 765 O O   . HOH D 4 .   ? -11.292 5.698   10.662  1.00 40.81  ? 310 HOH A O   1 
HETATM 766 O O   . HOH D 4 .   ? -12.250 -4.337  8.718   1.00 60.33  ? 311 HOH A O   1 
HETATM 767 O O   . HOH D 4 .   ? 14.163  5.653   8.757   1.00 67.35  ? 312 HOH A O   1 
HETATM 768 O O   . HOH D 4 .   ? -14.469 -7.678  7.782   1.00 58.85  ? 313 HOH A O   1 
HETATM 769 O O   . HOH D 4 .   ? -10.234 9.391   9.586   1.00 39.57  ? 314 HOH A O   1 
HETATM 770 O O   . HOH D 4 .   ? 0.424   5.737   5.342   1.00 48.75  ? 315 HOH A O   1 
HETATM 771 O O   . HOH D 4 .   ? 13.534  -5.849  12.038  1.00 57.10  ? 316 HOH A O   1 
HETATM 772 O O   . HOH D 4 .   ? -7.103  4.860   13.644  0.33 45.06  ? 317 HOH A O   1 
HETATM 773 O O   . HOH D 4 .   ? -9.462  -12.172 7.893   1.00 48.73  ? 318 HOH A O   1 
HETATM 774 O O   . HOH D 4 .   ? -15.566 2.568   1.748   1.00 59.23  ? 319 HOH A O   1 
# 
loop_
_atom_site_anisotrop.id 
_atom_site_anisotrop.type_symbol 
_atom_site_anisotrop.pdbx_label_atom_id 
_atom_site_anisotrop.pdbx_label_alt_id 
_atom_site_anisotrop.pdbx_label_comp_id 
_atom_site_anisotrop.pdbx_label_asym_id 
_atom_site_anisotrop.pdbx_label_seq_id 
_atom_site_anisotrop.pdbx_PDB_ins_code 
_atom_site_anisotrop.U[1][1] 
_atom_site_anisotrop.U[2][2] 
_atom_site_anisotrop.U[3][3] 
_atom_site_anisotrop.U[1][2] 
_atom_site_anisotrop.U[1][3] 
_atom_site_anisotrop.U[2][3] 
_atom_site_anisotrop.pdbx_auth_seq_id 
_atom_site_anisotrop.pdbx_auth_comp_id 
_atom_site_anisotrop.pdbx_auth_asym_id 
_atom_site_anisotrop.pdbx_auth_atom_id 
1   N N   . MET A 22  ? 0.7215 0.8980 1.0551 0.0481  -0.1191 -0.0515 1   MET A N   
2   C CA  . MET A 22  ? 0.8086 0.9991 1.1359 0.0241  -0.1071 -0.0702 1   MET A CA  
3   C C   . MET A 22  ? 0.6554 0.8181 0.9532 0.0109  -0.0713 -0.0771 1   MET A C   
4   O O   . MET A 22  ? 0.7361 0.8828 0.9934 -0.0053 -0.0647 -0.0794 1   MET A O   
5   C CB  . MET A 22  ? 0.8437 1.0851 1.2464 0.0209  -0.1100 -0.0877 1   MET A CB  
6   C CG  . MET A 22  ? 0.8456 1.1011 1.2494 -0.0054 -0.1047 -0.1040 1   MET A CG  
7   S SD  . MET A 22  ? 1.1695 1.4931 1.6712 -0.0109 -0.1173 -0.1231 1   MET A SD  
8   C CE  . MET A 22  ? 0.8439 1.1907 1.3435 0.0067  -0.1746 -0.1140 1   MET A CE  
9   N N   . PRO A 23  ? 0.5949 0.7520 0.9121 0.0188  -0.0492 -0.0817 2   PRO A N   
10  C CA  . PRO A 23  ? 0.5587 0.6919 0.8401 0.0084  -0.0196 -0.0869 2   PRO A CA  
11  C C   . PRO A 23  ? 0.4925 0.5867 0.7128 0.0073  -0.0234 -0.0736 2   PRO A C   
12  O O   . PRO A 23  ? 0.4410 0.5194 0.6538 0.0194  -0.0364 -0.0614 2   PRO A O   
13  C CB  . PRO A 23  ? 0.5646 0.7032 0.8776 0.0211  -0.0013 -0.0977 2   PRO A CB  
14  C CG  . PRO A 23  ? 0.5589 0.7052 0.9127 0.0412  -0.0230 -0.0922 2   PRO A CG  
15  C CD  . PRO A 23  ? 0.5942 0.7677 0.9672 0.0388  -0.0499 -0.0854 2   PRO A CD  
16  N N   . CYS A 24  ? 0.5474 0.6266 0.7293 -0.0069 -0.0108 -0.0747 3   CYS A N   
17  C CA  A CYS A 24  ? 0.5330 0.5810 0.6637 -0.0084 -0.0115 -0.0647 3   CYS A CA  
18  C CA  B CYS A 24  ? 0.5330 0.5813 0.6636 -0.0085 -0.0114 -0.0648 3   CYS A CA  
19  C C   . CYS A 24  ? 0.5367 0.5700 0.6450 -0.0126 0.0107  -0.0688 3   CYS A C   
20  O O   . CYS A 24  ? 0.5628 0.6058 0.6791 -0.0196 0.0276  -0.0761 3   CYS A O   
21  C CB  A CYS A 24  ? 0.5868 0.6305 0.6906 -0.0181 -0.0221 -0.0625 3   CYS A CB  
22  C CB  B CYS A 24  ? 0.5873 0.6302 0.6901 -0.0188 -0.0211 -0.0629 3   CYS A CB  
23  S SG  A CYS A 24  ? 0.6950 0.7075 0.7429 -0.0178 -0.0204 -0.0522 3   CYS A SG  
24  S SG  B CYS A 24  ? 0.7115 0.7745 0.8227 -0.0147 -0.0524 -0.0597 3   CYS A SG  
25  N N   . CYS A 25  ? 0.5124 0.5245 0.5927 -0.0085 0.0104  -0.0627 4   CYS A N   
26  C CA  . CYS A 25  ? 0.4344 0.4346 0.4870 -0.0118 0.0245  -0.0650 4   CYS A CA  
27  C C   . CYS A 25  ? 0.5180 0.5002 0.5410 -0.0122 0.0186  -0.0555 4   CYS A C   
28  O O   . CYS A 25  ? 0.4626 0.4385 0.4876 -0.0073 0.0109  -0.0498 4   CYS A O   
29  C CB  . CYS A 25  ? 0.5309 0.5329 0.5906 -0.0049 0.0326  -0.0754 4   CYS A CB  
30  S SG  . CYS A 25  ? 0.6219 0.6140 0.6387 -0.0073 0.0430  -0.0766 4   CYS A SG  
31  N N   . GLN A 26  ? 0.4838 0.4571 0.4838 -0.0179 0.0239  -0.0529 5   GLN A N   
32  C CA  . GLN A 26  ? 0.4580 0.4178 0.4351 -0.0162 0.0216  -0.0466 5   GLN A CA  
33  C C   . GLN A 26  ? 0.5210 0.4741 0.4820 -0.0140 0.0294  -0.0459 5   GLN A C   
34  O O   . GLN A 26  ? 0.5100 0.4583 0.4623 -0.0172 0.0378  -0.0448 5   GLN A O   
35  C CB  . GLN A 26  ? 0.5641 0.5172 0.5291 -0.0210 0.0189  -0.0463 5   GLN A CB  
36  C CG  . GLN A 26  ? 0.6066 0.5483 0.5513 -0.0171 0.0214  -0.0426 5   GLN A CG  
37  C CD  . GLN A 26  ? 0.8083 0.7473 0.7387 -0.0185 0.0172  -0.0454 5   GLN A CD  
38  O OE1 . GLN A 26  ? 0.7110 0.6564 0.6341 -0.0158 0.0121  -0.0398 5   GLN A OE1 
39  N NE2 . GLN A 26  ? 0.8676 0.7954 0.7921 -0.0232 0.0199  -0.0544 5   GLN A NE2 
40  N N   . VAL A 27  ? 0.4958 0.4489 0.4547 -0.0090 0.0258  -0.0451 6   VAL A N   
41  C CA  . VAL A 27  ? 0.4552 0.4073 0.4004 -0.0046 0.0268  -0.0444 6   VAL A CA  
42  C C   . VAL A 27  ? 0.4715 0.4175 0.4118 -0.0015 0.0260  -0.0382 6   VAL A C   
43  O O   . VAL A 27  ? 0.5032 0.4542 0.4545 -0.0013 0.0236  -0.0372 6   VAL A O   
44  C CB  . VAL A 27  ? 0.4685 0.4308 0.4236 -0.0018 0.0211  -0.0533 6   VAL A CB  
45  C CG1 . VAL A 27  ? 0.5339 0.5010 0.4735 0.0039  0.0166  -0.0534 6   VAL A CG1 
46  C CG2 . VAL A 27  ? 0.5451 0.5134 0.5073 -0.0026 0.0245  -0.0645 6   VAL A CG2 
47  N N   . SER A 28  ? 0.4698 0.4040 0.3966 0.0009  0.0303  -0.0335 7   SER A N   
48  C CA  . SER A 28  ? 0.4619 0.3903 0.3878 0.0074  0.0313  -0.0306 7   SER A CA  
49  C C   . SER A 28  ? 0.5409 0.4761 0.4661 0.0175  0.0259  -0.0263 7   SER A C   
50  O O   . SER A 28  ? 0.5138 0.4456 0.4238 0.0198  0.0245  -0.0212 7   SER A O   
51  C CB  . SER A 28  ? 0.5973 0.5046 0.5150 0.0059  0.0378  -0.0304 7   SER A CB  
52  O OG  . SER A 28  ? 0.5959 0.5032 0.5146 -0.0031 0.0378  -0.0377 7   SER A OG  
53  N N   . THR A 29  ? 0.5281 0.4764 0.4698 0.0234  0.0226  -0.0276 8   THR A N   
54  C CA  . THR A 29  ? 0.4960 0.4592 0.4443 0.0336  0.0120  -0.0257 8   THR A CA  
55  C C   . THR A 29  ? 0.5228 0.4972 0.4959 0.0424  0.0135  -0.0258 8   THR A C   
56  O O   . THR A 29  ? 0.4384 0.4160 0.4240 0.0379  0.0240  -0.0294 8   THR A O   
57  C CB  . THR A 29  ? 0.4547 0.4381 0.4118 0.0282  0.0016  -0.0350 8   THR A CB  
58  O OG1 . THR A 29  ? 0.4756 0.4777 0.4359 0.0379  -0.0137 -0.0363 8   THR A OG1 
59  C CG2 . THR A 29  ? 0.4905 0.4848 0.4773 0.0193  0.0046  -0.0411 8   THR A CG2 
60  N N   . ASN A 30  ? 0.4228 0.4051 0.4018 0.0569  0.0035  -0.0205 9   ASN A N   
61  C CA  . ASN A 30  ? 0.4223 0.4242 0.4354 0.0684  0.0029  -0.0220 9   ASN A CA  
62  C C   . ASN A 30  ? 0.4274 0.4674 0.4731 0.0659  -0.0109 -0.0298 9   ASN A C   
63  O O   . ASN A 30  ? 0.4459 0.5117 0.5295 0.0754  -0.0140 -0.0318 9   ASN A O   
64  C CB  . ASN A 30  ? 0.4956 0.4844 0.5059 0.0887  -0.0025 -0.0109 9   ASN A CB  
65  C CG  . ASN A 30  ? 0.5254 0.5170 0.5136 0.0966  -0.0222 0.0001  9   ASN A CG  
66  O OD1 . ASN A 30  ? 0.4878 0.4967 0.4659 0.0877  -0.0328 -0.0061 9   ASN A OD1 
67  N ND2 . ASN A 30  ? 0.5848 0.5563 0.5621 0.1142  -0.0266 0.0170  9   ASN A ND2 
68  N N   . ILE A 31  ? 0.3913 0.4361 0.4284 0.0530  -0.0186 -0.0368 10  ILE A N   
69  C CA  . ILE A 31  ? 0.4692 0.5462 0.5408 0.0462  -0.0321 -0.0495 10  ILE A CA  
70  C C   . ILE A 31  ? 0.4497 0.5308 0.5531 0.0305  -0.0160 -0.0531 10  ILE A C   
71  O O   . ILE A 31  ? 0.4447 0.5031 0.5292 0.0202  -0.0047 -0.0506 10  ILE A O   
72  C CB  . ILE A 31  ? 0.5106 0.5863 0.5562 0.0411  -0.0470 -0.0593 10  ILE A CB  
73  C CG1 . ILE A 31  ? 0.5474 0.6222 0.5553 0.0574  -0.0619 -0.0509 10  ILE A CG1 
74  C CG2 . ILE A 31  ? 0.5751 0.6785 0.6611 0.0299  -0.0604 -0.0789 10  ILE A CG2 
75  C CD1 . ILE A 31  ? 0.5904 0.6556 0.5543 0.0533  -0.0656 -0.0566 10  ILE A CD1 
76  N N   . ASN A 32  ? 0.4421 0.5537 0.5958 0.0288  -0.0149 -0.0569 11  ASN A N   
77  C CA  . ASN A 32  ? 0.4847 0.6003 0.6683 0.0137  0.0052  -0.0544 11  ASN A CA  
78  C C   . ASN A 32  ? 0.4634 0.5777 0.6659 -0.0042 -0.0023 -0.0633 11  ASN A C   
79  O O   . ASN A 32  ? 0.4736 0.6139 0.7287 -0.0143 -0.0077 -0.0726 11  ASN A O   
80  C CB  . ASN A 32  ? 0.5175 0.6691 0.7547 0.0167  0.0142  -0.0548 11  ASN A CB  
81  C CG  . ASN A 32  ? 0.5227 0.6768 0.7820 0.0010  0.0415  -0.0467 11  ASN A CG  
82  O OD1 . ASN A 32  ? 0.4838 0.6078 0.7053 -0.0058 0.0546  -0.0367 11  ASN A OD1 
83  N ND2 . ASN A 32  ? 0.6907 0.8825 1.0118 -0.0046 0.0504  -0.0492 11  ASN A ND2 
84  N N   . ALA A 33  ? 0.4759 0.5595 0.6410 -0.0082 -0.0021 -0.0621 12  ALA A N   
85  C CA  . ALA A 33  ? 0.5390 0.6139 0.7202 -0.0217 -0.0088 -0.0728 12  ALA A CA  
86  C C   . ALA A 33  ? 0.5025 0.5750 0.7245 -0.0377 0.0078  -0.0632 12  ALA A C   
87  O O   . ALA A 33  ? 0.4896 0.5513 0.6974 -0.0382 0.0277  -0.0438 12  ALA A O   
88  C CB  . ALA A 33  ? 0.5447 0.5893 0.6817 -0.0193 -0.0085 -0.0719 12  ALA A CB  
89  N N   . SER A 34  ? 0.4391 0.5204 0.7098 -0.0515 -0.0003 -0.0769 13  SER A N   
90  C CA  . SER A 34  ? 0.5229 0.5944 0.8351 -0.0693 0.0169  -0.0645 13  SER A CA  
91  C C   . SER A 34  ? 0.4763 0.5065 0.7580 -0.0700 0.0249  -0.0501 13  SER A C   
92  O O   . SER A 34  ? 0.4528 0.4669 0.6948 -0.0596 0.0147  -0.0575 13  SER A O   
93  C CB  . SER A 34  ? 0.5314 0.6150 0.9085 -0.0861 0.0045  -0.0860 13  SER A CB  
94  O OG  . SER A 34  ? 0.5439 0.6002 0.9126 -0.0882 -0.0092 -0.1039 13  SER A OG  
95  N N   . ASP A 35  ? 0.5383 0.5536 0.8412 -0.0819 0.0439  -0.0272 14  ASP A N   
96  C CA  . ASP A 35  ? 0.5937 0.5713 0.8710 -0.0800 0.0486  -0.0094 14  ASP A CA  
97  C C   . ASP A 35  ? 0.5049 0.4614 0.7942 -0.0792 0.0307  -0.0318 14  ASP A C   
98  O O   . ASP A 35  ? 0.5484 0.4851 0.8050 -0.0681 0.0260  -0.0297 14  ASP A O   
99  C CB  . ASP A 35  ? 0.6703 0.6329 0.9731 -0.0936 0.0701  0.0215  14  ASP A CB  
100 C CG  . ASP A 35  ? 0.7881 0.7602 1.0488 -0.0884 0.0906  0.0490  14  ASP A CG  
101 O OD1 . ASP A 35  ? 0.6573 0.6550 0.8919 -0.0782 0.0909  0.0388  14  ASP A OD1 
102 O OD2 . ASP A 35  ? 0.9049 0.8570 1.1558 -0.0932 0.1061  0.0806  14  ASP A OD2 
103 N N   . ASP A 36  ? 0.5310 0.4948 0.8698 -0.0905 0.0205  -0.0569 15  ASP A N   
104 C CA  . ASP A 36  ? 0.5272 0.4698 0.8780 -0.0895 0.0058  -0.0835 15  ASP A CA  
105 C C   . ASP A 36  ? 0.5332 0.4919 0.8393 -0.0745 -0.0104 -0.1098 15  ASP A C   
106 O O   . ASP A 36  ? 0.5247 0.4650 0.8143 -0.0662 -0.0151 -0.1229 15  ASP A O   
107 C CB  . ASP A 36  ? 0.5476 0.4899 0.9671 -0.1085 -0.0008 -0.1064 15  ASP A CB  
108 C CG  . ASP A 36  ? 0.5126 0.4094 0.9664 -0.1143 0.0012  -0.1091 15  ASP A CG  
109 O OD1 . ASP A 36  ? 0.5974 0.4637 1.0329 -0.1066 0.0126  -0.0785 15  ASP A OD1 
110 O OD2 . ASP A 36  ? 0.6406 0.5321 1.1398 -0.1250 -0.0108 -0.1434 15  ASP A OD2 
111 N N   . ASP A 37  ? 0.5043 0.4974 0.7935 -0.0701 -0.0182 -0.1174 16  ASP A N   
112 C CA  . ASP A 37  ? 0.5293 0.5342 0.7677 -0.0549 -0.0303 -0.1330 16  ASP A CA  
113 C C   . ASP A 37  ? 0.4681 0.4544 0.6603 -0.0434 -0.0194 -0.1145 16  ASP A C   
114 O O   . ASP A 37  ? 0.4378 0.4181 0.6014 -0.0350 -0.0231 -0.1277 16  ASP A O   
115 C CB  . ASP A 37  ? 0.5456 0.5854 0.7718 -0.0487 -0.0387 -0.1326 16  ASP A CB  
116 C CG  . ASP A 37  ? 0.6475 0.7167 0.9210 -0.0581 -0.0563 -0.1564 16  ASP A CG  
117 O OD1 . ASP A 37  ? 0.6997 0.7646 0.9922 -0.0654 -0.0693 -0.1855 16  ASP A OD1 
118 O OD2 . ASP A 37  ? 0.7752 0.8739 1.0699 -0.0575 -0.0580 -0.1487 16  ASP A OD2 
119 N N   . ALA A 38  ? 0.4655 0.4451 0.6507 -0.0434 -0.0054 -0.0854 17  ALA A N   
120 C CA  . ALA A 38  ? 0.4237 0.3893 0.5704 -0.0342 0.0014  -0.0703 17  ALA A CA  
121 C C   . ALA A 38  ? 0.4485 0.3905 0.6072 -0.0330 0.0006  -0.0744 17  ALA A C   
122 O O   . ALA A 38  ? 0.4767 0.4167 0.6127 -0.0241 -0.0011 -0.0823 17  ALA A O   
123 C CB  . ALA A 38  ? 0.5584 0.5229 0.6943 -0.0352 0.0146  -0.0424 17  ALA A CB  
124 N N   . LYS A 39  ? 0.4667 0.3903 0.6665 -0.0414 0.0031  -0.0687 18  LYS A N   
125 C CA  . LYS A 39  ? 0.4822 0.3799 0.7010 -0.0370 0.0016  -0.0726 18  LYS A CA  
126 C C   . LYS A 39  ? 0.4934 0.3948 0.7153 -0.0323 -0.0067 -0.1105 18  LYS A C   
127 O O   . LYS A 39  ? 0.4984 0.3914 0.7162 -0.0218 -0.0061 -0.1185 18  LYS A O   
128 C CB  . LYS A 39  ? 0.5115 0.3833 0.7790 -0.0477 0.0062  -0.0587 18  LYS A CB  
129 C CG  . LYS A 39  ? 0.5820 0.4432 0.8360 -0.0473 0.0163  -0.0167 18  LYS A CG  
130 C CD  . LYS A 39  ? 0.5461 0.3793 0.8448 -0.0590 0.0246  0.0050  18  LYS A CD  
131 C CE  . LYS A 39  ? 0.6729 0.5127 0.9473 -0.0638 0.0393  0.0438  18  LYS A CE  
132 N NZ  . LYS A 39  ? 0.8340 0.6436 1.1440 -0.0746 0.0511  0.0749  18  LYS A NZ  
133 N N   . LYS A 40  ? 0.4414 0.3586 0.6715 -0.0392 -0.0147 -0.1357 19  LYS A N   
134 C CA  . LYS A 40  ? 0.5098 0.4349 0.7302 -0.0341 -0.0230 -0.1741 19  LYS A CA  
135 C C   . LYS A 40  ? 0.4685 0.4089 0.6352 -0.0210 -0.0189 -0.1733 19  LYS A C   
136 O O   . LYS A 40  ? 0.5644 0.5005 0.7249 -0.0126 -0.0145 -0.1906 19  LYS A O   
137 C CB  . LYS A 40  ? 0.5520 0.4992 0.7820 -0.0431 -0.0370 -0.1990 19  LYS A CB  
138 C CG  . LYS A 40  ? 0.6285 0.5609 0.9234 -0.0593 -0.0415 -0.2114 19  LYS A CG  
139 C CD  . LYS A 40  ? 0.5974 0.5621 0.9083 -0.0698 -0.0574 -0.2301 19  LYS A CD  
140 C CE  . LYS A 40  ? 0.7769 0.7299 1.1633 -0.0906 -0.0601 -0.2403 19  LYS A CE  
141 N NZ  . LYS A 40  ? 0.8898 0.8809 1.3041 -0.1023 -0.0700 -0.2414 19  LYS A NZ  
142 N N   . ALA A 41  ? 0.4669 0.4243 0.5988 -0.0194 -0.0178 -0.1537 20  ALA A N   
143 C CA  . ALA A 41  ? 0.5016 0.4697 0.5871 -0.0100 -0.0119 -0.1496 20  ALA A CA  
144 C C   . ALA A 41  ? 0.5105 0.4662 0.6002 -0.0049 -0.0014 -0.1372 20  ALA A C   
145 O O   . ALA A 41  ? 0.4840 0.4451 0.5614 0.0017  0.0052  -0.1495 20  ALA A O   
146 C CB  . ALA A 41  ? 0.4945 0.4753 0.5516 -0.0094 -0.0126 -0.1289 20  ALA A CB  
147 N N   . LEU A 42  ? 0.4590 0.4014 0.5678 -0.0074 0.0000  -0.1132 21  LEU A N   
148 C CA  . LEU A 42  ? 0.4739 0.4113 0.5838 -0.0013 0.0045  -0.0989 21  LEU A CA  
149 C C   . LEU A 42  ? 0.4843 0.4108 0.6289 0.0059  0.0050  -0.1132 21  LEU A C   
150 O O   . LEU A 42  ? 0.5082 0.4431 0.6539 0.0138  0.0095  -0.1165 21  LEU A O   
151 C CB  . LEU A 42  ? 0.5228 0.4518 0.6332 -0.0044 0.0036  -0.0691 21  LEU A CB  
152 C CG  . LEU A 42  ? 0.4082 0.3493 0.4834 -0.0075 0.0062  -0.0577 21  LEU A CG  
153 C CD1 . LEU A 42  ? 0.4904 0.4247 0.5619 -0.0099 0.0076  -0.0324 21  LEU A CD1 
154 C CD2 . LEU A 42  ? 0.4381 0.3895 0.4871 -0.0041 0.0092  -0.0606 21  LEU A CD2 
155 N N   . SER A 43  ? 0.4548 0.3628 0.6344 0.0033  0.0013  -0.1233 22  SER A N   
156 C CA  . SER A 43  ? 0.4997 0.3926 0.7178 0.0125  0.0023  -0.1400 22  SER A CA  
157 C C   . SER A 43  ? 0.5087 0.4197 0.7132 0.0191  0.0091  -0.1752 22  SER A C   
158 O O   . SER A 43  ? 0.5173 0.4305 0.7412 0.0308  0.0156  -0.1859 22  SER A O   
159 C CB  . SER A 43  ? 0.5247 0.3885 0.7866 0.0063  -0.0021 -0.1459 22  SER A CB  
160 O OG  . SER A 43  ? 0.5629 0.4340 0.8209 -0.0041 -0.0058 -0.1733 22  SER A OG  
161 N N   . GLN A 44  ? 0.5080 0.4351 0.6774 0.0129  0.0082  -0.1919 23  GLN A N   
162 C CA  . GLN A 44  ? 0.5852 0.5309 0.7297 0.0190  0.0164  -0.2232 23  GLN A CA  
163 C C   . GLN A 44  ? 0.5157 0.4821 0.6313 0.0236  0.0294  -0.2088 23  GLN A C   
164 O O   . GLN A 44  ? 0.5256 0.5048 0.6417 0.0316  0.0433  -0.2275 23  GLN A O   
165 C CB  . GLN A 44  ? 0.5521 0.5104 0.6628 0.0123  0.0078  -0.2419 23  GLN A CB  
166 C CG  . GLN A 44  ? 0.6172 0.5598 0.7644 0.0062  -0.0044 -0.2679 23  GLN A CG  
167 C CD  . GLN A 44  ? 0.7080 0.6709 0.8228 0.0015  -0.0169 -0.2931 23  GLN A CD  
168 O OE1 . GLN A 44  ? 0.7357 0.7169 0.8087 0.0084  -0.0128 -0.3173 23  GLN A OE1 
169 N NE2 . GLN A 44  ? 0.7326 0.6962 0.8661 -0.0099 -0.0321 -0.2872 23  GLN A NE2 
170 N N   . ILE A 45  ? 0.4842 0.4544 0.5793 0.0180  0.0270  -0.1775 24  ILE A N   
171 C CA  . ILE A 45  ? 0.4827 0.4691 0.5591 0.0192  0.0388  -0.1644 24  ILE A CA  
172 C C   . ILE A 45  ? 0.4946 0.4825 0.6139 0.0261  0.0421  -0.1606 24  ILE A C   
173 O O   . ILE A 45  ? 0.5137 0.5213 0.6381 0.0297  0.0562  -0.1672 24  ILE A O   
174 C CB  . ILE A 45  ? 0.5040 0.4896 0.5523 0.0116  0.0341  -0.1369 24  ILE A CB  
175 C CG1 . ILE A 45  ? 0.5114 0.5019 0.5190 0.0090  0.0313  -0.1408 24  ILE A CG1 
176 C CG2 . ILE A 45  ? 0.5378 0.5344 0.5816 0.0099  0.0441  -0.1235 24  ILE A CG2 
177 C CD1 . ILE A 45  ? 0.5329 0.5192 0.5203 0.0045  0.0257  -0.1166 24  ILE A CD1 
178 N N   . GLU A 46  ? 0.4554 0.4247 0.6085 0.0287  0.0298  -0.1484 25  GLU A N   
179 C CA  . GLU A 46  ? 0.4405 0.4121 0.6363 0.0388  0.0277  -0.1419 25  GLU A CA  
180 C C   . GLU A 46  ? 0.4576 0.4357 0.6871 0.0509  0.0387  -0.1723 25  GLU A C   
181 O O   . GLU A 46  ? 0.4539 0.4535 0.7101 0.0592  0.0465  -0.1764 25  GLU A O   
182 C CB  . GLU A 46  ? 0.4829 0.4288 0.7017 0.0408  0.0122  -0.1196 25  GLU A CB  
183 C CG  . GLU A 46  ? 0.4648 0.4092 0.6522 0.0316  0.0040  -0.0897 25  GLU A CG  
184 C CD  . GLU A 46  ? 0.5306 0.4492 0.7303 0.0314  -0.0061 -0.0660 25  GLU A CD  
185 O OE1 . GLU A 46  ? 0.5612 0.4578 0.7973 0.0367  -0.0076 -0.0709 25  GLU A OE1 
186 O OE2 . GLU A 46  ? 0.4831 0.4021 0.6554 0.0256  -0.0106 -0.0423 25  GLU A OE2 
187 N N   . ASN A 47  ? 0.4803 0.4417 0.7135 0.0519  0.0396  -0.1968 26  ASN A N   
188 C CA  A ASN A 47  ? 0.5149 0.4815 0.7740 0.0639  0.0525  -0.2336 26  ASN A CA  
189 C CA  B ASN A 47  ? 0.5149 0.4814 0.7735 0.0637  0.0525  -0.2339 26  ASN A CA  
190 C C   . ASN A 47  ? 0.5039 0.5060 0.7308 0.0636  0.0738  -0.2487 26  ASN A C   
191 O O   . ASN A 47  ? 0.5494 0.5704 0.8068 0.0752  0.0897  -0.2668 26  ASN A O   
192 C CB  A ASN A 47  ? 0.5609 0.5040 0.8217 0.0614  0.0478  -0.2626 26  ASN A CB  
193 C CB  B ASN A 47  ? 0.5614 0.5044 0.8194 0.0605  0.0473  -0.2619 26  ASN A CB  
194 C CG  A ASN A 47  ? 0.6032 0.5076 0.9143 0.0634  0.0335  -0.2517 26  ASN A CG  
195 C CG  B ASN A 47  ? 0.6175 0.5580 0.9078 0.0741  0.0588  -0.3054 26  ASN A CG  
196 O OD1 A ASN A 47  ? 0.6423 0.5379 0.9889 0.0723  0.0282  -0.2261 26  ASN A OD1 
197 O OD1 B ASN A 47  ? 0.6524 0.5804 0.9960 0.0862  0.0576  -0.3022 26  ASN A OD1 
198 N ND2 A ASN A 47  ? 0.6919 0.5736 1.0080 0.0546  0.0263  -0.2700 26  ASN A ND2 
199 N ND2 B ASN A 47  ? 0.6620 0.6183 0.9087 0.0695  0.0659  -0.3331 26  ASN A ND2 
200 N N   . ALA A 48  ? 0.4867 0.4986 0.6552 0.0513  0.0760  -0.2395 27  ALA A N   
201 C CA  . ALA A 48  ? 0.5322 0.5738 0.6649 0.0496  0.0985  -0.2469 27  ALA A CA  
202 C C   . ALA A 48  ? 0.5340 0.5976 0.6938 0.0493  0.1096  -0.2286 27  ALA A C   
203 O O   . ALA A 48  ? 0.5029 0.5938 0.6719 0.0532  0.1337  -0.2427 27  ALA A O   
204 C CB  . ALA A 48  ? 0.6144 0.6558 0.6816 0.0381  0.0950  -0.2327 27  ALA A CB  
205 N N   . ILE A 49  ? 0.4704 0.5261 0.6413 0.0431  0.0933  -0.1984 28  ILE A N   
206 C CA  . ILE A 49  ? 0.5176 0.5960 0.7202 0.0413  0.0979  -0.1842 28  ILE A CA  
207 C C   . ILE A 49  ? 0.4803 0.5738 0.7498 0.0573  0.1007  -0.1999 28  ILE A C   
208 O O   . ILE A 49  ? 0.4776 0.6048 0.7783 0.0589  0.1183  -0.2069 28  ILE A O   
209 C CB  . ILE A 49  ? 0.4729 0.5380 0.6704 0.0332  0.0756  -0.1545 28  ILE A CB  
210 C CG1 . ILE A 49  ? 0.5036 0.5589 0.6433 0.0193  0.0778  -0.1408 28  ILE A CG1 
211 C CG2 . ILE A 49  ? 0.4272 0.5172 0.6671 0.0328  0.0728  -0.1457 28  ILE A CG2 
212 C CD1 . ILE A 49  ? 0.4717 0.5088 0.5996 0.0138  0.0576  -0.1189 28  ILE A CD1 
213 N N   . SER A 50  ? 0.4330 0.5021 0.7317 0.0696  0.0843  -0.2044 29  SER A N   
214 C CA  . SER A 50  ? 0.4467 0.5252 0.8153 0.0889  0.0841  -0.2172 29  SER A CA  
215 C C   . SER A 50  ? 0.4818 0.5829 0.8643 0.0978  0.1139  -0.2547 29  SER A C   
216 O O   . SER A 50  ? 0.5208 0.6514 0.9612 0.1110  0.1253  -0.2666 29  SER A O   
217 C CB  . SER A 50  ? 0.4265 0.4643 0.8198 0.0996  0.0628  -0.2120 29  SER A CB  
218 O OG  . SER A 50  ? 0.4786 0.5202 0.9435 0.1218  0.0607  -0.2215 29  SER A OG  
219 N N   . GLN A 51  ? 0.5079 0.5988 0.8389 0.0923  0.1263  -0.2760 30  GLN A N   
220 C CA  . GLN A 51  ? 0.5465 0.6573 0.8774 0.1006  0.1537  -0.3122 30  GLN A CA  
221 C C   . GLN A 51  ? 0.5414 0.6952 0.8536 0.0922  0.1832  -0.3088 30  GLN A C   
222 O O   . GLN A 51  ? 0.5401 0.7215 0.8854 0.0993  0.2013  -0.3185 30  GLN A O   
223 C CB  . GLN A 51  ? 0.6721 0.7588 0.9445 0.0955  0.1505  -0.3315 30  GLN A CB  
224 C CG  . GLN A 51  ? 0.7235 0.8337 0.9564 0.0963  0.1760  -0.3538 30  GLN A CG  
225 C CD  . GLN A 51  ? 0.7876 0.8769 1.0116 0.1027  0.1697  -0.3839 30  GLN A CD  
226 O OE1 . GLN A 51  ? 0.9914 1.0499 1.2567 0.1075  0.1495  -0.3889 30  GLN A OE1 
227 N NE2 . GLN A 51  ? 0.9244 1.0297 1.0947 0.1024  0.1878  -0.4034 30  GLN A NE2 
228 N N   . VAL A 52  ? 0.5463 0.7016 0.8017 0.0744  0.1856  -0.2870 31  VAL A N   
229 C CA  . VAL A 52  ? 0.6015 0.7914 0.8347 0.0639  0.2172  -0.2810 31  VAL A CA  
230 C C   . VAL A 52  ? 0.5185 0.7373 0.8172 0.0599  0.2200  -0.2635 31  VAL A C   
231 O O   . VAL A 52  ? 0.5709 0.8289 0.8973 0.0587  0.2508  -0.2716 31  VAL A O   
232 C CB  . VAL A 52  ? 0.6243 0.7984 0.7760 0.0467  0.2146  -0.2568 31  VAL A CB  
233 C CG1 . VAL A 52  ? 0.7345 0.9350 0.8766 0.0316  0.2421  -0.2358 31  VAL A CG1 
234 C CG2 . VAL A 52  ? 0.7351 0.8990 0.8205 0.0510  0.2192  -0.2795 31  VAL A CG2 
235 N N   . LEU A 53  ? 0.5279 0.7310 0.8506 0.0565  0.1877  -0.2393 32  LEU A N   
236 C CA  . LEU A 53  ? 0.5122 0.7445 0.8934 0.0512  0.1833  -0.2246 32  LEU A CA  
237 C C   . LEU A 53  ? 0.4931 0.7402 0.9567 0.0719  0.1672  -0.2345 32  LEU A C   
238 O O   . LEU A 53  ? 0.4437 0.7257 0.9664 0.0706  0.1630  -0.2280 32  LEU A O   
239 C CB  . LEU A 53  ? 0.5430 0.7537 0.8951 0.0347  0.1574  -0.1937 32  LEU A CB  
240 C CG  . LEU A 53  ? 0.5595 0.7521 0.8364 0.0169  0.1707  -0.1804 32  LEU A CG  
241 C CD1 . LEU A 53  ? 0.6921 0.8603 0.9460 0.0043  0.1451  -0.1548 32  LEU A CD1 
242 C CD2 . LEU A 53  ? 0.5902 0.8138 0.8685 0.0043  0.2084  -0.1808 32  LEU A CD2 
243 N N   . GLY A 54  ? 0.4608 0.6715 0.7030 0.0149  0.1270  -0.2457 33  GLY A N   
244 C CA  . GLY A 54  ? 0.4761 0.7009 0.7418 0.0325  0.1072  -0.2723 33  GLY A CA  
245 C C   . GLY A 54  ? 0.4973 0.6968 0.7706 0.0377  0.0901  -0.2691 33  GLY A C   
246 O O   . GLY A 54  ? 0.4681 0.6878 0.7610 0.0558  0.0763  -0.2889 33  GLY A O   
247 N N   . LYS A 55  ? 0.5475 0.7095 0.8044 0.0262  0.0903  -0.2452 34  LYS A N   
248 C CA  . LYS A 55  ? 0.5297 0.6752 0.7905 0.0329  0.0745  -0.2410 34  LYS A CA  
249 C C   . LYS A 55  ? 0.5013 0.6076 0.7447 0.0538  0.0547  -0.2317 34  LYS A C   
250 O O   . LYS A 55  ? 0.4956 0.5712 0.7197 0.0501  0.0557  -0.2203 34  LYS A O   
251 C CB  . LYS A 55  ? 0.5636 0.6882 0.8162 0.0122  0.0840  -0.2217 34  LYS A CB  
252 C CG  . LYS A 55  ? 0.6566 0.8038 0.9287 -0.0125 0.1110  -0.2253 34  LYS A CG  
253 C CD  . LYS A 55  ? 0.7821 0.9763 1.0980 -0.0179 0.1138  -0.2549 34  LYS A CD  
254 C CE  . LYS A 55  ? 1.0400 1.2282 1.3680 -0.0245 0.1076  -0.2569 34  LYS A CE  
255 N NZ  . LYS A 55  ? 1.0553 1.2957 1.4337 -0.0367 0.1159  -0.2918 34  LYS A NZ  
256 N N   . PRO A 56  ? 0.4494 0.5582 0.7010 0.0772  0.0385  -0.2369 35  PRO A N   
257 C CA  . PRO A 56  ? 0.5366 0.5994 0.7744 0.0967  0.0256  -0.2227 35  PRO A CA  
258 C C   . PRO A 56  ? 0.5247 0.5467 0.7400 0.0843  0.0253  -0.1952 35  PRO A C   
259 O O   . PRO A 56  ? 0.5077 0.5396 0.7187 0.0733  0.0266  -0.1868 35  PRO A O   
260 C CB  . PRO A 56  ? 0.4971 0.5787 0.7448 0.1283  0.0117  -0.2280 35  PRO A CB  
261 C CG  . PRO A 56  ? 0.5617 0.7014 0.8273 0.1205  0.0144  -0.2456 35  PRO A CG  
262 C CD  . PRO A 56  ? 0.5170 0.6763 0.7936 0.0916  0.0328  -0.2590 35  PRO A CD  
263 N N   . LEU A 57  ? 0.4946 0.4728 0.6997 0.0858  0.0240  -0.1853 36  LEU A N   
264 C CA  . LEU A 57  ? 0.6348 0.5794 0.8207 0.0736  0.0243  -0.1615 36  LEU A CA  
265 C C   . LEU A 57  ? 0.5918 0.5342 0.7705 0.0868  0.0157  -0.1425 36  LEU A C   
266 O O   . LEU A 57  ? 0.5337 0.4741 0.6989 0.0743  0.0161  -0.1283 36  LEU A O   
267 C CB  . LEU A 57  ? 0.6357 0.5390 0.8218 0.0724  0.0259  -0.1604 36  LEU A CB  
268 C CG  . LEU A 57  ? 0.6826 0.6030 0.8716 0.0588  0.0334  -0.1818 36  LEU A CG  
269 C CD1 . LEU A 57  ? 0.8065 0.7057 1.0145 0.0660  0.0332  -0.2015 36  LEU A CD1 
270 C CD2 . LEU A 57  ? 0.6865 0.6080 0.8550 0.0384  0.0389  -0.1707 36  LEU A CD2 
271 N N   . GLY A 58  ? 0.5305 0.4801 0.7168 0.1157  0.0076  -0.1433 37  GLY A N   
272 C CA  . GLY A 58  ? 0.6086 0.5659 0.7843 0.1361  -0.0009 -0.1243 37  GLY A CA  
273 C C   . GLY A 58  ? 0.5019 0.5136 0.6819 0.1306  -0.0050 -0.1359 37  GLY A C   
274 O O   . GLY A 58  ? 0.5829 0.6108 0.7525 0.1461  -0.0128 -0.1230 37  GLY A O   
275 N N   . TYR A 59  ? 0.5215 0.5637 0.7191 0.1096  0.0018  -0.1606 38  TYR A N   
276 C CA  . TYR A 59  ? 0.4642 0.5513 0.6757 0.0974  0.0028  -0.1761 38  TYR A CA  
277 C C   . TYR A 59  ? 0.4613 0.5261 0.6651 0.0660  0.0138  -0.1675 38  TYR A C   
278 O O   . TYR A 59  ? 0.5140 0.6054 0.7319 0.0544  0.0165  -0.1793 38  TYR A O   
279 C CB  . TYR A 59  ? 0.4933 0.6311 0.7375 0.0926  0.0088  -0.2106 38  TYR A CB  
280 C CG  . TYR A 59  ? 0.5679 0.7493 0.8263 0.1258  -0.0030 -0.2294 38  TYR A CG  
281 C CD1 . TYR A 59  ? 0.6528 0.8350 0.8946 0.1637  -0.0188 -0.2141 38  TYR A CD1 
282 C CD2 . TYR A 59  ? 0.6163 0.8422 0.9043 0.1214  0.0035  -0.2613 38  TYR A CD2 
283 C CE1 . TYR A 59  ? 0.5366 0.7620 0.7887 0.2006  -0.0297 -0.2304 38  TYR A CE1 
284 C CE2 . TYR A 59  ? 0.6176 0.8904 0.9196 0.1542  -0.0082 -0.2821 38  TYR A CE2 
285 C CZ  . TYR A 59  ? 0.7099 0.9822 0.9927 0.1958  -0.0256 -0.2667 38  TYR A CZ  
286 O OH  . TYR A 59  ? 0.7555 1.0773 1.0492 0.2349  -0.0375 -0.2862 38  TYR A OH  
287 N N   . ILE A 60  ? 0.4515 0.4717 0.6359 0.0539  0.0202  -0.1501 39  ILE A N   
288 C CA  . ILE A 60  ? 0.4265 0.4301 0.6012 0.0294  0.0315  -0.1423 39  ILE A CA  
289 C C   . ILE A 60  ? 0.4515 0.4372 0.6069 0.0289  0.0244  -0.1232 39  ILE A C   
290 O O   . ILE A 60  ? 0.4249 0.3882 0.5646 0.0396  0.0170  -0.1069 39  ILE A O   
291 C CB  . ILE A 60  ? 0.4514 0.4319 0.6139 0.0207  0.0409  -0.1379 39  ILE A CB  
292 C CG1 . ILE A 60  ? 0.5251 0.5301 0.7053 0.0215  0.0490  -0.1572 39  ILE A CG1 
293 C CG2 . ILE A 60  ? 0.4088 0.3755 0.5549 0.0034  0.0515  -0.1256 39  ILE A CG2 
294 C CD1 . ILE A 60  ? 0.5022 0.4964 0.6714 0.0202  0.0547  -0.1584 39  ILE A CD1 
295 N N   . MET A 61  ? 0.3980 0.3911 0.5566 0.0155  0.0294  -0.1254 40  MET A N   
296 C CA  . MET A 61  ? 0.4170 0.3964 0.5570 0.0128  0.0245  -0.1100 40  MET A CA  
297 C C   . MET A 61  ? 0.4017 0.3549 0.5262 -0.0030 0.0365  -0.1003 40  MET A C   
298 O O   . MET A 61  ? 0.4398 0.3934 0.5741 -0.0138 0.0512  -0.1064 40  MET A O   
299 C CB  . MET A 61  ? 0.5157 0.5274 0.6727 0.0139  0.0196  -0.1240 40  MET A CB  
300 C CG  . MET A 61  ? 0.6893 0.6922 0.8309 0.0096  0.0163  -0.1135 40  MET A CG  
301 S SD  . MET A 61  ? 0.9931 1.0326 1.1683 0.0038  0.0169  -0.1430 40  MET A SD  
302 C CE  . MET A 61  ? 0.8331 0.9291 1.0369 0.0206  0.0075  -0.1695 40  MET A CE  
303 N N   . SER A 62  ? 0.4874 0.4214 0.5882 -0.0028 0.0319  -0.0844 41  SER A N   
304 C CA  . SER A 62  ? 0.4477 0.3670 0.5306 -0.0116 0.0408  -0.0765 41  SER A CA  
305 C C   . SER A 62  ? 0.4698 0.3848 0.5354 -0.0113 0.0333  -0.0658 41  SER A C   
306 O O   . SER A 62  ? 0.4617 0.3820 0.5263 -0.0059 0.0228  -0.0610 41  SER A O   
307 C CB  . SER A 62  ? 0.4585 0.3710 0.5321 -0.0114 0.0449  -0.0769 41  SER A CB  
308 O OG  . SER A 62  ? 0.5407 0.4436 0.6088 -0.0092 0.0362  -0.0733 41  SER A OG  
309 N N   . ASN A 63  ? 0.4369 0.3449 0.4871 -0.0146 0.0403  -0.0602 42  ASN A N   
310 C CA  . ASN A 63  ? 0.4075 0.3168 0.4415 -0.0133 0.0334  -0.0531 42  ASN A CA  
311 C C   . ASN A 63  ? 0.4353 0.3397 0.4478 -0.0108 0.0416  -0.0469 42  ASN A C   
312 O O   . ASN A 63  ? 0.4625 0.3598 0.4736 -0.0092 0.0553  -0.0441 42  ASN A O   
313 C CB  . ASN A 63  ? 0.4418 0.3597 0.4876 -0.0119 0.0290  -0.0577 42  ASN A CB  
314 C CG  . ASN A 63  ? 0.4323 0.3580 0.4621 -0.0086 0.0206  -0.0525 42  ASN A CG  
315 O OD1 . ASN A 63  ? 0.4329 0.3638 0.4493 -0.0088 0.0147  -0.0453 42  ASN A OD1 
316 N ND2 . ASN A 63  ? 0.5089 0.4363 0.5445 -0.0065 0.0215  -0.0584 42  ASN A ND2 
317 N N   . LEU A 64  ? 0.4623 0.3750 0.4575 -0.0086 0.0345  -0.0438 43  LEU A N   
318 C CA  . LEU A 64  ? 0.4215 0.3395 0.3929 0.0002  0.0387  -0.0389 43  LEU A CA  
319 C C   . LEU A 64  ? 0.4260 0.3483 0.3922 0.0037  0.0309  -0.0370 43  LEU A C   
320 O O   . LEU A 64  ? 0.4877 0.4254 0.4545 -0.0008 0.0202  -0.0399 43  LEU A O   
321 C CB  . LEU A 64  ? 0.4987 0.4376 0.4578 0.0012  0.0360  -0.0460 43  LEU A CB  
322 C CG  . LEU A 64  ? 0.5482 0.5070 0.4794 0.0168  0.0382  -0.0437 43  LEU A CG  
323 C CD1 . LEU A 64  ? 0.5763 0.5658 0.5009 0.0205  0.0390  -0.0580 43  LEU A CD1 
324 C CD2 . LEU A 64  ? 0.5098 0.4830 0.4327 0.0187  0.0280  -0.0453 43  LEU A CD2 
325 N N   . ASP A 65  ? 0.4405 0.3486 0.4042 0.0117  0.0383  -0.0320 44  ASP A N   
326 C CA  . ASP A 65  ? 0.5124 0.4230 0.4770 0.0169  0.0317  -0.0348 44  ASP A CA  
327 C C   . ASP A 65  ? 0.4955 0.4110 0.4313 0.0340  0.0332  -0.0275 44  ASP A C   
328 O O   . ASP A 65  ? 0.4930 0.3869 0.4180 0.0467  0.0477  -0.0157 44  ASP A O   
329 C CB  . ASP A 65  ? 0.4722 0.3610 0.4633 0.0142  0.0404  -0.0402 44  ASP A CB  
330 C CG  . ASP A 65  ? 0.5652 0.4626 0.5652 0.0194  0.0315  -0.0513 44  ASP A CG  
331 O OD1 . ASP A 65  ? 0.5603 0.4788 0.5407 0.0273  0.0198  -0.0506 44  ASP A OD1 
332 O OD2 . ASP A 65  ? 0.5659 0.4543 0.5971 0.0147  0.0364  -0.0652 44  ASP A OD2 
333 N N   . TYR A 66  ? 0.4688 0.4150 0.3923 0.0359  0.0200  -0.0333 45  TYR A N   
334 C CA  . TYR A 66  ? 0.4476 0.4113 0.3442 0.0552  0.0180  -0.0315 45  TYR A CA  
335 C C   . TYR A 66  ? 0.4667 0.4147 0.3651 0.0683  0.0179  -0.0306 45  TYR A C   
336 O O   . TYR A 66  ? 0.4609 0.4217 0.3738 0.0622  0.0072  -0.0417 45  TYR A O   
337 C CB  . TYR A 66  ? 0.5491 0.5569 0.4395 0.0489  0.0055  -0.0434 45  TYR A CB  
338 C CG  . TYR A 66  ? 0.4762 0.5162 0.3418 0.0700  0.0004  -0.0479 45  TYR A CG  
339 C CD1 . TYR A 66  ? 0.5453 0.5926 0.3857 0.0929  0.0070  -0.0424 45  TYR A CD1 
340 C CD2 . TYR A 66  ? 0.5675 0.6378 0.4332 0.0702  -0.0109 -0.0578 45  TYR A CD2 
341 C CE1 . TYR A 66  ? 0.5309 0.6144 0.3463 0.1183  0.0013  -0.0472 45  TYR A CE1 
342 C CE2 . TYR A 66  ? 0.5981 0.7045 0.4415 0.0921  -0.0167 -0.0650 45  TYR A CE2 
343 C CZ  . TYR A 66  ? 0.6398 0.7526 0.4579 0.1173  -0.0112 -0.0600 45  TYR A CZ  
344 O OH  . TYR A 66  ? 0.6983 0.8541 0.4915 0.1456  -0.0180 -0.0678 45  TYR A OH  
345 N N   . GLN A 67  ? 0.5175 0.3218 0.3818 0.0274  -0.0596 0.0211  46  GLN A N   
346 C CA  . GLN A 67  ? 0.4884 0.3245 0.3785 0.0298  -0.0462 0.0204  46  GLN A CA  
347 C C   . GLN A 67  ? 0.5149 0.3896 0.4485 0.0132  -0.0284 0.0366  46  GLN A C   
348 O O   . GLN A 67  ? 0.4759 0.3842 0.4447 0.0094  -0.0329 0.0369  46  GLN A O   
349 C CB  . GLN A 67  ? 0.5084 0.3702 0.4220 0.0428  -0.0580 0.0031  46  GLN A CB  
350 C CG  . GLN A 67  ? 0.5413 0.3824 0.4225 0.0595  -0.0803 -0.0075 46  GLN A CG  
351 C CD  . GLN A 67  ? 0.6062 0.4117 0.4372 0.0574  -0.0766 -0.0060 46  GLN A CD  
352 O OE1 . GLN A 67  ? 0.5864 0.3934 0.4187 0.0497  -0.0598 -0.0102 46  GLN A OE1 
353 N NE2 . GLN A 67  ? 0.7206 0.4823 0.4955 0.0665  -0.0904 0.0003  46  GLN A NE2 
354 N N   . LYS A 68  ? 0.4782 0.3519 0.4094 0.0042  -0.0078 0.0533  47  LYS A N   
355 C CA  . LYS A 68  ? 0.4961 0.4219 0.4815 -0.0114 0.0046  0.0755  47  LYS A CA  
356 C C   . LYS A 68  ? 0.4711 0.4383 0.5056 0.0048  0.0163  0.0795  47  LYS A C   
357 O O   . LYS A 68  ? 0.4524 0.4712 0.5379 -0.0028 0.0145  0.0992  47  LYS A O   
358 C CB  . LYS A 68  ? 0.5353 0.4638 0.5196 -0.0233 0.0307  0.0956  47  LYS A CB  
359 C CG  . LYS A 68  ? 0.5976 0.5164 0.5705 -0.0013 0.0661  0.0958  47  LYS A CG  
360 C CD  . LYS A 68  ? 0.6987 0.6398 0.6869 -0.0161 0.1003  0.1220  47  LYS A CD  
361 C CE  . LYS A 68  ? 0.9513 0.8534 0.8904 0.0038  0.1421  0.1187  47  LYS A CE  
362 N NZ  . LYS A 68  ? 0.9603 0.9061 0.9360 -0.0049 0.1897  0.1481  47  LYS A NZ  
363 N N   . HIS A 69  ? 0.4386 0.3794 0.4542 0.0244  0.0248  0.0629  48  HIS A N   
364 C CA  . HIS A 69  ? 0.4306 0.3867 0.4789 0.0398  0.0400  0.0665  48  HIS A CA  
365 C C   . HIS A 69  ? 0.4594 0.4218 0.5178 0.0371  0.0198  0.0567  48  HIS A C   
366 O O   . HIS A 69  ? 0.4586 0.4235 0.5378 0.0466  0.0308  0.0624  48  HIS A O   
367 C CB  . HIS A 69  ? 0.5495 0.4560 0.5575 0.0556  0.0653  0.0525  48  HIS A CB  
368 C CG  . HIS A 69  ? 0.5304 0.4286 0.5224 0.0614  0.0968  0.0637  48  HIS A CG  
369 N ND1 . HIS A 69  ? 0.5242 0.4751 0.5750 0.0680  0.1233  0.0930  48  HIS A ND1 
370 C CD2 . HIS A 69  ? 0.6328 0.4810 0.5570 0.0606  0.1077  0.0527  48  HIS A CD2 
371 C CE1 . HIS A 69  ? 0.6444 0.5809 0.6694 0.0707  0.1558  0.0987  48  HIS A CE1 
372 N NE2 . HIS A 69  ? 0.5911 0.4581 0.5305 0.0659  0.1473  0.0742  48  HIS A NE2 
373 N N   . MET A 70  ? 0.4294 0.3903 0.4718 0.0264  -0.0048 0.0441  49  MET A N   
374 C CA  . MET A 70  ? 0.3699 0.3368 0.4185 0.0254  -0.0149 0.0320  49  MET A CA  
375 C C   . MET A 70  ? 0.3928 0.3896 0.4696 0.0204  -0.0144 0.0506  49  MET A C   
376 O O   . MET A 70  ? 0.3926 0.4122 0.4791 0.0118  -0.0223 0.0679  49  MET A O   
377 C CB  . MET A 70  ? 0.4432 0.4044 0.4712 0.0240  -0.0338 0.0157  49  MET A CB  
378 C CG  . MET A 70  ? 0.5650 0.5441 0.6074 0.0244  -0.0371 0.0042  49  MET A CG  
379 S SD  . MET A 70  ? 0.6654 0.6419 0.6944 0.0387  -0.0533 -0.0150 49  MET A SD  
380 C CE  . MET A 70  ? 0.5148 0.4522 0.5028 0.0395  -0.0593 -0.0089 49  MET A CE  
381 N N   . ARG A 71  ? 0.4536 0.4481 0.5388 0.0215  -0.0082 0.0487  50  ARG A N   
382 C CA  . ARG A 71  ? 0.4007 0.4120 0.5020 0.0200  -0.0061 0.0710  50  ARG A CA  
383 C C   . ARG A 71  ? 0.3684 0.3799 0.4589 0.0093  -0.0072 0.0610  50  ARG A C   
384 O O   . ARG A 71  ? 0.3946 0.3971 0.4848 0.0052  -0.0026 0.0408  50  ARG A O   
385 C CB  . ARG A 71  ? 0.4317 0.4248 0.5495 0.0359  0.0142  0.0873  50  ARG A CB  
386 C CG  . ARG A 71  ? 0.3858 0.3878 0.5234 0.0533  0.0269  0.1015  50  ARG A CG  
387 C CD  . ARG A 71  ? 0.4910 0.4446 0.6214 0.0743  0.0569  0.0990  50  ARG A CD  
388 N NE  . ARG A 71  ? 0.5045 0.4406 0.6468 0.0882  0.0676  0.1204  50  ARG A NE  
389 C CZ  . ARG A 71  ? 0.4981 0.4480 0.6751 0.1185  0.0831  0.1530  50  ARG A CZ  
390 N NH1 . ARG A 71  ? 0.4576 0.4563 0.6739 0.1350  0.0912  0.1698  50  ARG A NH1 
391 N NH2 . ARG A 71  ? 0.5872 0.5035 0.7631 0.1341  0.0923  0.1728  50  ARG A NH2 
392 N N   . PHE A 72  ? 0.4146 0.4405 0.4959 0.0021  -0.0132 0.0770  51  PHE A N   
393 C CA  . PHE A 72  ? 0.4470 0.4710 0.5145 -0.0077 -0.0041 0.0742  51  PHE A CA  
394 C C   . PHE A 72  ? 0.4433 0.4633 0.5024 -0.0089 -0.0031 0.1068  51  PHE A C   
395 O O   . PHE A 72  ? 0.4335 0.4700 0.4853 -0.0083 -0.0214 0.1279  51  PHE A O   
396 C CB  . PHE A 72  ? 0.5055 0.5386 0.5454 -0.0138 -0.0082 0.0564  51  PHE A CB  
397 C CG  . PHE A 72  ? 0.5600 0.5970 0.5845 -0.0227 0.0097  0.0561  51  PHE A CG  
398 C CD1 . PHE A 72  ? 0.5530 0.5998 0.6069 -0.0281 0.0282  0.0475  51  PHE A CD1 
399 C CD2 . PHE A 72  ? 0.6618 0.6918 0.6382 -0.0310 0.0084  0.0661  51  PHE A CD2 
400 C CE1 . PHE A 72  ? 0.6140 0.6703 0.6595 -0.0407 0.0508  0.0509  51  PHE A CE1 
401 C CE2 . PHE A 72  ? 0.7488 0.7786 0.7026 -0.0399 0.0320  0.0683  51  PHE A CE2 
402 C CZ  . PHE A 72  ? 0.6089 0.6550 0.6022 -0.0443 0.0561  0.0618  51  PHE A CZ  
403 N N   . GLY A 73  ? 0.5020 0.4994 0.5606 -0.0134 0.0151  0.1134  52  GLY A N   
404 C CA  . GLY A 73  ? 0.5547 0.5357 0.5991 -0.0096 0.0164  0.1497  52  GLY A CA  
405 C C   . GLY A 73  ? 0.5815 0.5616 0.6529 0.0158  0.0095  0.1760  52  GLY A C   
406 O O   . GLY A 73  ? 0.5765 0.5631 0.6434 0.0262  -0.0018 0.2130  52  GLY A O   
407 N N   . GLY A 74  ? 0.5397 0.5148 0.6387 0.0287  0.0171  0.1601  53  GLY A N   
408 C CA  . GLY A 74  ? 0.5355 0.5186 0.6676 0.0577  0.0200  0.1827  53  GLY A CA  
409 C C   . GLY A 74  ? 0.5203 0.5679 0.6801 0.0585  -0.0033 0.1951  53  GLY A C   
410 O O   . GLY A 74  ? 0.6025 0.6757 0.8050 0.0823  0.0027  0.2153  53  GLY A O   
411 N N   . SER A 75  ? 0.4769 0.5490 0.6131 0.0322  -0.0264 0.1830  54  SER A N   
412 C CA  . SER A 75  ? 0.4110 0.5339 0.5620 0.0205  -0.0532 0.1945  54  SER A CA  
413 C C   . SER A 75  ? 0.4628 0.5812 0.6074 0.0075  -0.0521 0.1632  54  SER A C   
414 O O   . SER A 75  ? 0.3996 0.4826 0.5121 0.0019  -0.0437 0.1310  54  SER A O   
415 C CB  . SER A 75  ? 0.5293 0.6627 0.6365 -0.0040 -0.0825 0.2036  54  SER A CB  
416 O OG  . SER A 75  ? 0.5011 0.6740 0.6128 -0.0266 -0.1129 0.2089  54  SER A OG  
417 N N   . HIS A 76  ? 0.4484 0.6074 0.6271 0.0026  -0.0616 0.1772  55  HIS A N   
418 C CA  . HIS A 76  ? 0.3910 0.5424 0.5581 -0.0146 -0.0636 0.1566  55  HIS A CA  
419 C C   . HIS A 76  ? 0.4577 0.6085 0.5853 -0.0502 -0.0949 0.1507  55  HIS A C   
420 O O   . HIS A 76  ? 0.4949 0.6316 0.6072 -0.0697 -0.0999 0.1388  55  HIS A O   
421 C CB  . HIS A 76  ? 0.5257 0.7183 0.7495 -0.0057 -0.0495 0.1772  55  HIS A CB  
422 C CG  . HIS A 76  ? 0.5031 0.6722 0.7428 0.0301  -0.0118 0.1745  55  HIS A CG  
423 N ND1 . HIS A 76  ? 0.4345 0.5575 0.6433 0.0348  0.0092  0.1480  55  HIS A ND1 
424 C CD2 . HIS A 76  ? 0.4592 0.6321 0.7300 0.0628  0.0082  0.1942  55  HIS A CD2 
425 C CE1 . HIS A 76  ? 0.4739 0.5713 0.6881 0.0641  0.0402  0.1478  55  HIS A CE1 
426 N NE2 . HIS A 76  ? 0.4564 0.5785 0.7086 0.0832  0.0429  0.1746  55  HIS A NE2 
427 N N   . ASP A 77  ? 0.4819 0.6364 0.5813 -0.0612 -0.1151 0.1590  56  ASP A N   
428 C CA  . ASP A 77  ? 0.5827 0.7125 0.6185 -0.0962 -0.1415 0.1450  56  ASP A CA  
429 C C   . ASP A 77  ? 0.5735 0.6367 0.5580 -0.0917 -0.1236 0.1041  56  ASP A C   
430 O O   . ASP A 77  ? 0.5364 0.5836 0.5304 -0.0647 -0.0980 0.0895  56  ASP A O   
431 C CB  . ASP A 77  ? 0.5994 0.7284 0.5915 -0.1044 -0.1593 0.1568  56  ASP A CB  
432 C CG  . ASP A 77  ? 0.7438 0.9404 0.7704 -0.1199 -0.1968 0.2000  56  ASP A CG  
433 O OD1 . ASP A 77  ? 0.7862 1.0419 0.8838 -0.1246 -0.2062 0.2214  56  ASP A OD1 
434 O OD2 . ASP A 77  ? 0.9922 1.1881 0.9758 -0.1274 -0.2174 0.2158  56  ASP A OD2 
435 N N   . GLY A 78  ? 0.5725 0.5957 0.5039 -0.1188 -0.1388 0.0874  57  GLY A N   
436 C CA  . GLY A 78  ? 0.6661 0.6225 0.5512 -0.1072 -0.1225 0.0534  57  GLY A CA  
437 C C   . GLY A 78  ? 0.6168 0.5541 0.4828 -0.0777 -0.0990 0.0333  57  GLY A C   
438 O O   . GLY A 78  ? 0.6405 0.5806 0.4778 -0.0819 -0.0985 0.0352  57  GLY A O   
439 N N   . PHE A 79  ? 0.5484 0.4709 0.4297 -0.0498 -0.0803 0.0164  58  PHE A N   
440 C CA  . PHE A 79  ? 0.5985 0.5290 0.4902 -0.0232 -0.0579 0.0021  58  PHE A CA  
441 C C   . PHE A 79  ? 0.6654 0.5721 0.5596 0.0028  -0.0505 -0.0170 58  PHE A C   
442 O O   . PHE A 79  ? 0.5947 0.4884 0.4964 0.0033  -0.0596 -0.0129 58  PHE A O   
443 C CB  . PHE A 79  ? 0.5935 0.5735 0.5419 -0.0191 -0.0503 0.0203  58  PHE A CB  
444 C CG  . PHE A 79  ? 0.5660 0.5624 0.5499 0.0005  -0.0332 0.0085  58  PHE A CG  
445 C CD1 . PHE A 79  ? 0.6318 0.6399 0.6147 0.0069  -0.0151 -0.0019 58  PHE A CD1 
446 C CD2 . PHE A 79  ? 0.6599 0.6635 0.6774 0.0081  -0.0349 0.0095  58  PHE A CD2 
447 C CE1 . PHE A 79  ? 0.7694 0.8079 0.7981 0.0168  -0.0038 -0.0101 58  PHE A CE1 
448 C CE2 . PHE A 79  ? 0.6790 0.6988 0.7251 0.0172  -0.0275 -0.0014 58  PHE A CE2 
449 C CZ  . PHE A 79  ? 0.6380 0.6814 0.6968 0.0193  -0.0144 -0.0103 58  PHE A CZ  
450 N N   . CYS A 80  ? 0.6121 0.4885 0.3686 0.0247  0.0710  0.0084  59  CYS A N   
451 C CA  . CYS A 80  ? 0.6387 0.5711 0.4259 0.0276  0.0704  0.0147  59  CYS A CA  
452 C C   . CYS A 80  ? 0.5781 0.5405 0.3716 0.0129  0.0842  0.0063  59  CYS A C   
453 O O   . CYS A 80  ? 0.6112 0.5541 0.3911 0.0102  0.0983  0.0004  59  CYS A O   
454 C CB  . CYS A 80  ? 0.6063 0.5379 0.4126 0.0479  0.0660  0.0219  59  CYS A CB  
455 S SG  . CYS A 80  ? 0.6739 0.5723 0.4880 0.0657  0.0442  0.0352  59  CYS A SG  
456 N N   . PHE A 81  ? 0.5303 0.5415 0.3440 0.0023  0.0789  0.0078  60  PHE A N   
457 C CA  . PHE A 81  ? 0.5389 0.5857 0.3721 -0.0114 0.0861  0.0035  60  PHE A CA  
458 C C   . PHE A 81  ? 0.4799 0.5771 0.3541 -0.0042 0.0776  0.0172  60  PHE A C   
459 O O   . PHE A 81  ? 0.4905 0.6158 0.3720 -0.0049 0.0603  0.0278  60  PHE A O   
460 C CB  . PHE A 81  ? 0.6102 0.6690 0.4356 -0.0328 0.0811  -0.0092 60  PHE A CB  
461 C CG  . PHE A 81  ? 0.7106 0.8068 0.5634 -0.0488 0.0822  -0.0120 60  PHE A CG  
462 C CD1 . PHE A 81  ? 0.6938 0.7784 0.5561 -0.0554 0.0980  -0.0128 60  PHE A CD1 
463 C CD2 . PHE A 81  ? 0.7790 0.9240 0.6490 -0.0584 0.0661  -0.0104 60  PHE A CD2 
464 C CE1 . PHE A 81  ? 0.7917 0.9132 0.6898 -0.0711 0.0987  -0.0117 60  PHE A CE1 
465 C CE2 . PHE A 81  ? 0.7231 0.9016 0.6251 -0.0742 0.0625  -0.0114 60  PHE A CE2 
466 C CZ  . PHE A 81  ? 0.7321 0.8994 0.6531 -0.0801 0.0794  -0.0118 60  PHE A CZ  
467 N N   . VAL A 82  ? 0.5049 0.6153 0.4079 0.0025  0.0902  0.0189  61  VAL A N   
468 C CA  . VAL A 82  ? 0.4651 0.6204 0.4215 0.0122  0.0822  0.0321  61  VAL A CA  
469 C C   . VAL A 82  ? 0.4659 0.6673 0.4588 -0.0046 0.0846  0.0331  61  VAL A C   
470 O O   . VAL A 82  ? 0.5404 0.7368 0.5348 -0.0117 0.1057  0.0247  61  VAL A O   
471 C CB  . VAL A 82  ? 0.5034 0.6417 0.4785 0.0369  0.0954  0.0298  61  VAL A CB  
472 C CG1 . VAL A 82  ? 0.4633 0.6473 0.5068 0.0479  0.0835  0.0438  61  VAL A CG1 
473 C CG2 . VAL A 82  ? 0.5445 0.6304 0.4829 0.0515  0.0895  0.0271  61  VAL A CG2 
474 N N   . ARG A 83  ? 0.4576 0.7046 0.4819 -0.0123 0.0614  0.0465  62  ARG A N   
475 C CA  . ARG A 83  ? 0.4597 0.7545 0.5297 -0.0281 0.0556  0.0513  62  ARG A CA  
476 C C   . ARG A 83  ? 0.4593 0.7931 0.5994 -0.0134 0.0459  0.0704  62  ARG A C   
477 O O   . ARG A 83  ? 0.4438 0.7871 0.5922 -0.0052 0.0234  0.0870  62  ARG A O   
478 C CB  . ARG A 83  ? 0.4678 0.7829 0.5141 -0.0522 0.0306  0.0495  62  ARG A CB  
479 N N   . VAL A 84  ? 0.4522 0.8082 0.6477 -0.0092 0.0639  0.0699  63  VAL A N   
480 C CA  . VAL A 84  ? 0.4505 0.8476 0.7299 0.0050  0.0556  0.0862  63  VAL A CA  
481 C C   . VAL A 84  ? 0.4918 0.9422 0.8314 -0.0150 0.0444  0.0969  63  VAL A C   
482 O O   . VAL A 84  ? 0.4740 0.9306 0.8275 -0.0239 0.0689  0.0878  63  VAL A O   
483 C CB  . VAL A 84  ? 0.4820 0.8637 0.7892 0.0326  0.0893  0.0736  63  VAL A CB  
484 C CG1 . VAL A 84  ? 0.5302 0.9515 0.9337 0.0508  0.0767  0.0883  63  VAL A CG1 
485 C CG2 . VAL A 84  ? 0.5218 0.8435 0.7600 0.0481  0.0986  0.0593  63  VAL A CG2 
486 N N   . THR A 85  ? 0.4820 0.9722 0.8622 -0.0229 0.0059  0.1199  64  THR A N   
487 C CA  . THR A 85  ? 0.5597 1.1005 0.9974 -0.0448 -0.0156 0.1333  64  THR A CA  
488 C C   . THR A 85  ? 0.6014 1.1877 1.1500 -0.0308 -0.0264 0.1556  64  THR A C   
489 O O   . THR A 85  ? 0.4519 1.0343 1.0280 -0.0084 -0.0327 0.1658  64  THR A O   
490 C CB  . THR A 85  ? 0.5594 1.1133 0.9499 -0.0710 -0.0585 0.1423  64  THR A CB  
491 O OG1 . THR A 85  ? 0.7122 1.2290 1.0172 -0.0852 -0.0469 0.1166  64  THR A OG1 
492 C CG2 . THR A 85  ? 0.7911 1.3996 1.2471 -0.0936 -0.0926 0.1605  64  THR A CG2 
493 N N   . SER A 86  ? 0.5826 1.2124 1.2047 -0.0445 -0.0306 0.1640  65  SER A N   
494 C CA  . SER A 86  ? 0.4879 1.1683 1.2261 -0.0370 -0.0519 0.1900  65  SER A CA  
495 C C   . SER A 86  ? 0.7418 1.4684 1.5252 -0.0687 -0.0886 0.2080  65  SER A C   
496 O O   . SER A 86  ? 0.7708 1.4867 1.4861 -0.0959 -0.1026 0.1986  65  SER A O   
497 C CB  . SER A 86  ? 0.5812 1.2715 1.4000 -0.0089 -0.0062 0.1793  65  SER A CB  
498 O OG  . SER A 86  ? 0.7508 1.4625 1.5998 -0.0227 0.0208  0.1722  65  SER A OG  
499 N N   . LYS A 92  ? 0.6975 1.4559 1.6206 0.0902  0.4250  0.0495  71  LYS A N   
500 C CA  . LYS A 92  ? 0.8093 1.5058 1.6200 0.0857  0.4127  0.0426  71  LYS A CA  
501 C C   . LYS A 92  ? 0.9012 1.5609 1.6036 0.0915  0.4632  0.0199  71  LYS A C   
502 O O   . LYS A 92  ? 0.8518 1.4579 1.4461 0.0746  0.4506  0.0203  71  LYS A O   
503 C CB  . LYS A 92  ? 0.7320 1.4162 1.5088 0.0456  0.3673  0.0682  71  LYS A CB  
504 C CG  . LYS A 92  ? 0.7620 1.4713 1.6127 0.0360  0.3076  0.0893  71  LYS A CG  
505 C CD  . LYS A 92  ? 0.7237 1.3955 1.5447 0.0559  0.2701  0.0811  71  LYS A CD  
506 C CE  . LYS A 92  ? 0.9503 1.5882 1.6977 0.0303  0.2177  0.0923  71  LYS A CE  
507 N NZ  . LYS A 92  ? 1.1570 1.8388 1.9718 0.0043  0.1735  0.1189  71  LYS A NZ  
508 N N   . SER A 93  ? 0.9255 1.6011 1.6314 0.1117  0.5007  -0.0025 72  SER A N   
509 C CA  . SER A 93  ? 0.9855 1.6279 1.5771 0.1154  0.5379  -0.0243 72  SER A CA  
510 C C   . SER A 93  ? 1.0172 1.5910 1.5207 0.1376  0.5281  -0.0522 72  SER A C   
511 O O   . SER A 93  ? 1.0694 1.6004 1.4591 0.1318  0.5418  -0.0630 72  SER A O   
512 C CB  . SER A 93  ? 1.0729 1.7591 1.6965 0.1340  0.5787  -0.0429 72  SER A CB  
513 O OG  . SER A 93  ? 0.9675 1.6631 1.6646 0.1700  0.5715  -0.0657 72  SER A OG  
514 N N   . ASN A 94  ? 0.9129 1.6105 1.2826 0.0357  0.4656  -0.0223 73  ASN A N   
515 C CA  . ASN A 94  ? 0.9574 1.6008 1.2135 0.0661  0.4395  -0.0497 73  ASN A CA  
516 C C   . ASN A 94  ? 0.9708 1.5282 1.1690 0.0502  0.3837  -0.0371 73  ASN A C   
517 O O   . ASN A 94  ? 0.9095 1.4179 1.0192 0.0685  0.3588  -0.0566 73  ASN A O   
518 C CB  . ASN A 94  ? 0.9958 1.6511 1.2930 0.1045  0.4176  -0.1022 73  ASN A CB  
519 C CG  . ASN A 94  ? 0.9076 1.5737 1.3219 0.0969  0.3762  -0.1082 73  ASN A CG  
520 O OD1 . ASN A 94  ? 0.9072 1.5408 1.3398 0.0653  0.3439  -0.0837 73  ASN A OD1 
521 N ND2 . ASN A 94  ? 0.7114 1.4234 1.2038 0.1285  0.3754  -0.1424 73  ASN A ND2 
522 N N   . ASN A 95  ? 0.9154 1.4555 1.1674 0.0171  0.3631  -0.0092 74  ASN A N   
523 C CA  . ASN A 95  ? 0.8814 1.3454 1.0777 0.0040  0.3188  0.0034  74  ASN A CA  
524 C C   . ASN A 95  ? 0.8606 1.2941 0.9465 0.0054  0.3343  0.0272  74  ASN A C   
525 O O   . ASN A 95  ? 0.7868 1.1646 0.8110 0.0086  0.2978  0.0246  74  ASN A O   
526 C CB  . ASN A 95  ? 0.8612 1.3144 1.1328 -0.0308 0.3021  0.0271  74  ASN A CB  
527 C CG  . ASN A 95  ? 0.8633 1.3497 1.2408 -0.0302 0.2766  0.0007  74  ASN A CG  
528 O OD1 . ASN A 95  ? 0.8806 1.4084 1.2891 -0.0037 0.2812  -0.0282 74  ASN A OD1 
529 N ND2 . ASN A 95  ? 0.7819 1.2485 1.2138 -0.0567 0.2463  0.0084  74  ASN A ND2 
530 N N   . SER A 96  ? 0.9228 1.3957 0.9815 0.0045  0.3881  0.0512  75  SER A N   
531 C CA  . SER A 96  ? 0.9426 1.3925 0.8805 0.0159  0.3994  0.0681  75  SER A CA  
532 C C   . SER A 96  ? 0.8527 1.2845 0.7199 0.0483  0.3712  0.0199  75  SER A C   
533 O O   . SER A 96  ? 0.8759 1.2634 0.6666 0.0536  0.3393  0.0199  75  SER A O   
534 C CB  . SER A 96  ? 1.1095 1.5830 1.0253 0.0075  0.4501  0.0876  75  SER A CB  
535 O OG  . SER A 96  ? 1.2422 1.6817 1.0357 0.0217  0.4469  0.0890  75  SER A OG  
536 N N   . SER A 97  ? 0.8738 1.3379 0.7751 0.0702  0.3803  -0.0233 76  SER A N   
537 C CA  . SER A 97  ? 0.8315 1.2656 0.6784 0.0977  0.3509  -0.0722 76  SER A CA  
538 C C   . SER A 97  ? 0.8546 1.2357 0.7191 0.0917  0.2937  -0.0853 76  SER A C   
539 O O   . SER A 97  ? 0.8809 1.2216 0.6808 0.0983  0.2628  -0.1027 76  SER A O   
540 C CB  . SER A 97  ? 0.9789 1.4412 0.8703 0.1223  0.3707  -0.1122 76  SER A CB  
541 O OG  . SER A 97  ? 1.0348 1.4584 0.8964 0.1464  0.3367  -0.1602 76  SER A OG  
542 N N   . LEU A 98  ? 0.7388 1.1178 0.6912 0.0769  0.2775  -0.0770 77  LEU A N   
543 C CA  . LEU A 98  ? 0.7495 1.0748 0.7129 0.0705  0.2270  -0.0861 77  LEU A CA  
544 C C   . LEU A 98  ? 0.6698 0.9556 0.5812 0.0529  0.2073  -0.0601 77  LEU A C   
545 O O   . LEU A 98  ? 0.6828 0.9286 0.5597 0.0552  0.1748  -0.0749 77  LEU A O   
546 C CB  . LEU A 98  ? 0.6816 1.0173 0.7384 0.0596  0.2139  -0.0806 77  LEU A CB  
547 C CG  . LEU A 98  ? 0.6633 0.9473 0.7282 0.0561  0.1660  -0.0893 77  LEU A CG  
548 C CD1 . LEU A 98  ? 0.6779 0.9280 0.7076 0.0783  0.1467  -0.1221 77  LEU A CD1 
549 C CD2 . LEU A 98  ? 0.6170 0.9237 0.7698 0.0511  0.1538  -0.0880 77  LEU A CD2 
550 N N   . ALA A 99  ? 0.7466 1.0436 0.6579 0.0356  0.2277  -0.0206 78  ALA A N   
551 C CA  . ALA A 99  ? 0.7259 0.9866 0.5882 0.0257  0.2101  0.0050  78  ALA A CA  
552 C C   . ALA A 99  ? 0.7808 1.0333 0.5563 0.0435  0.1997  -0.0105 78  ALA A C   
553 O O   . ALA A 99  ? 0.8002 1.0214 0.5517 0.0425  0.1660  -0.0150 78  ALA A O   
554 C CB  . ALA A 99  ? 0.8229 1.0919 0.6926 0.0083  0.2387  0.0527  78  ALA A CB  
555 N N   . ASP A 100 ? 0.8082 1.0929 0.5388 0.0603  0.2278  -0.0223 79  ASP A N   
556 C CA  . ASP A 100 ? 0.8772 1.1564 0.5192 0.0780  0.2139  -0.0429 79  ASP A CA  
557 C C   . ASP A 100 ? 0.8603 1.1111 0.5097 0.0839  0.1748  -0.0896 79  ASP A C   
558 O O   . ASP A 100 ? 0.8786 1.1098 0.4883 0.0841  0.1423  -0.0990 79  ASP A O   
559 C CB  . ASP A 100 ? 1.0169 1.3231 0.6147 0.0929  0.2501  -0.0524 79  ASP A CB  
560 C CG  . ASP A 100 ? 1.2172 1.5002 0.7372 0.1070  0.2247  -0.0843 79  ASP A CG  
561 O OD1 . ASP A 100 ? 1.3105 1.5763 0.7799 0.1045  0.1969  -0.0684 79  ASP A OD1 
562 O OD2 . ASP A 100 ? 1.1591 1.4428 0.6732 0.1217  0.2313  -0.1259 79  ASP A OD2 
563 N N   . LYS A 101 ? 0.8212 1.0692 0.5267 0.0881  0.1763  -0.1173 80  LYS A N   
564 C CA  . LYS A 101 ? 0.7307 0.9418 0.4449 0.0916  0.1423  -0.1557 80  LYS A CA  
565 C C   . LYS A 101 ? 0.7434 0.9205 0.4824 0.0709  0.1100  -0.1389 80  LYS A C   
566 O O   . LYS A 101 ? 0.6885 0.8410 0.4092 0.0668  0.0819  -0.1573 80  LYS A O   
567 C CB  . LYS A 101 ? 0.7306 0.9411 0.5001 0.1046  0.1507  -0.1812 80  LYS A CB  
568 C CG  . LYS A 101 ? 0.8052 1.0486 0.5525 0.1314  0.1827  -0.2111 80  LYS A CG  
569 C CD  . LYS A 101 ? 0.8612 1.1194 0.6838 0.1473  0.1964  -0.2260 80  LYS A CD  
570 C CE  . LYS A 101 ? 1.0122 1.2912 0.8182 0.1777  0.2241  -0.2640 80  LYS A CE  
571 N NZ  . LYS A 101 ? 1.1342 1.3581 0.9447 0.1948  0.1951  -0.3083 80  LYS A NZ  
572 N N   . ILE A 102 ? 0.6771 0.8550 0.4602 0.0572  0.1149  -0.1064 81  ILE A N   
573 C CA  . ILE A 102 ? 0.6345 0.7822 0.4372 0.0410  0.0896  -0.0932 81  ILE A CA  
574 C C   . ILE A 102 ? 0.6631 0.8106 0.4251 0.0377  0.0764  -0.0809 81  ILE A C   
575 O O   . ILE A 102 ? 0.6457 0.7757 0.4093 0.0314  0.0523  -0.0913 81  ILE A O   
576 C CB  . ILE A 102 ? 0.5768 0.7248 0.4293 0.0294  0.0965  -0.0675 81  ILE A CB  
577 C CG1 . ILE A 102 ? 0.6016 0.7488 0.4999 0.0349  0.0953  -0.0842 81  ILE A CG1 
578 C CG2 . ILE A 102 ? 0.6250 0.7444 0.4852 0.0160  0.0761  -0.0539 81  ILE A CG2 
579 C CD1 . ILE A 102 ? 0.5985 0.7538 0.5501 0.0238  0.0969  -0.0657 81  ILE A CD1 
580 N N   . THR A 103 ? 0.6804 0.8497 0.4080 0.0428  0.0921  -0.0568 82  THR A N   
581 C CA  . THR A 103 ? 0.7236 0.8933 0.4124 0.0453  0.0740  -0.0421 82  THR A CA  
582 C C   . THR A 103 ? 0.7647 0.9383 0.4192 0.0526  0.0480  -0.0788 82  THR A C   
583 O O   . THR A 103 ? 0.8271 0.9963 0.4914 0.0476  0.0199  -0.0836 82  THR A O   
584 C CB  . THR A 103 ? 0.7496 0.9359 0.3944 0.0526  0.0958  -0.0056 82  THR A CB  
585 O OG1 . THR A 103 ? 0.7577 0.9368 0.4481 0.0397  0.1191  0.0267  82  THR A OG1 
586 C CG2 . THR A 103 ? 0.7845 0.9683 0.3905 0.0604  0.0705  0.0142  82  THR A CG2 
587 N N   . LYS A 104 ? 0.7632 0.9469 0.3840 0.0640  0.0571  -0.1087 83  LYS A N   
588 C CA  . LYS A 104 ? 0.8355 1.0175 0.4255 0.0691  0.0292  -0.1512 83  LYS A CA  
589 C C   . LYS A 104 ? 0.8079 0.9610 0.4547 0.0523  0.0068  -0.1734 83  LYS A C   
590 O O   . LYS A 104 ? 0.8164 0.9690 0.4638 0.0451  -0.0236 -0.1944 83  LYS A O   
591 C CB  . LYS A 104 ? 0.8747 1.0633 0.4230 0.0862  0.0463  -0.1846 83  LYS A CB  
592 C CG  . LYS A 104 ? 1.0062 1.2132 0.4930 0.0983  0.0664  -0.1610 83  LYS A CG  
593 C CD  . LYS A 104 ? 1.1473 1.3461 0.5912 0.1103  0.0659  -0.2001 83  LYS A CD  
594 C CE  . LYS A 104 ? 1.2980 1.5141 0.6719 0.1213  0.0905  -0.1769 83  LYS A CE  
595 N NZ  . LYS A 104 ? 1.4537 1.6826 0.8316 0.1305  0.1394  -0.1798 83  LYS A NZ  
596 N N   . ILE A 105 ? 0.7153 0.8461 0.4116 0.0450  0.0207  -0.1674 84  ILE A N   
597 C CA  . ILE A 105 ? 0.6766 0.7740 0.4161 0.0295  0.0045  -0.1822 84  ILE A CA  
598 C C   . ILE A 105 ? 0.7309 0.8321 0.4949 0.0136  -0.0102 -0.1622 84  ILE A C   
599 O O   . ILE A 105 ? 0.6543 0.7484 0.4380 -0.0002 -0.0294 -0.1792 84  ILE A O   
600 C CB  . ILE A 105 ? 0.6208 0.6936 0.3965 0.0302  0.0195  -0.1755 84  ILE A CB  
601 C CG1 . ILE A 105 ? 0.7107 0.7772 0.4777 0.0488  0.0298  -0.2053 84  ILE A CG1 
602 C CG2 . ILE A 105 ? 0.6665 0.7015 0.4762 0.0127  0.0060  -0.1747 84  ILE A CG2 
603 C CD1 . ILE A 105 ? 0.7333 0.7905 0.5398 0.0564  0.0425  -0.1956 84  ILE A CD1 
604 N N   . LEU A 106 ? 0.6792 0.7921 0.4498 0.0148  0.0005  -0.1274 85  LEU A N   
605 C CA  . LEU A 106 ? 0.5834 0.7001 0.3814 0.0052  -0.0094 -0.1110 85  LEU A CA  
606 C C   . LEU A 106 ? 0.6611 0.8081 0.4464 0.0092  -0.0329 -0.1178 85  LEU A C   
607 O O   . LEU A 106 ? 0.6819 0.8387 0.5031 -0.0017 -0.0479 -0.1252 85  LEU A O   
608 C CB  . LEU A 106 ? 0.6738 0.7879 0.4806 0.0086  0.0059  -0.0774 85  LEU A CB  
609 C CG  . LEU A 106 ? 0.4997 0.5884 0.3284 0.0027  0.0198  -0.0744 85  LEU A CG  
610 C CD1 . LEU A 106 ? 0.5618 0.6483 0.4007 0.0040  0.0322  -0.0478 85  LEU A CD1 
611 C CD2 . LEU A 106 ? 0.5725 0.6397 0.4248 -0.0096 0.0139  -0.0821 85  LEU A CD2 
612 N N   . ALA A 107 ? 0.7397 0.9062 0.4746 0.0253  -0.0367 -0.1153 86  ALA A N   
613 C CA  . ALA A 107 ? 0.7201 0.9176 0.4346 0.0332  -0.0671 -0.1231 86  ALA A CA  
614 C C   . ALA A 107 ? 0.7708 0.9723 0.5054 0.0196  -0.0922 -0.1672 86  ALA A C   
615 O O   . ALA A 107 ? 0.7632 0.9932 0.5245 0.0152  -0.1214 -0.1770 86  ALA A O   
616 C CB  . ALA A 107 ? 0.8001 1.0119 0.4379 0.0544  -0.0647 -0.1131 86  ALA A CB  
617 N N   . SER A 108 ? 0.8168 0.9895 0.5480 0.0126  -0.0822 -0.1945 87  SER A N   
618 C CA  . SER A 108 ? 0.7938 0.9568 0.5477 -0.0036 -0.1049 -0.2374 87  SER A CA  
619 C C   . SER A 108 ? 0.7792 0.9301 0.6071 -0.0301 -0.1037 -0.2317 87  SER A C   
620 O O   . SER A 108 ? 0.8199 0.9915 0.6889 -0.0471 -0.1276 -0.2500 87  SER A O   
621 C CB  . SER A 108 ? 0.9646 1.0910 0.6927 0.0016  -0.0933 -0.2676 87  SER A CB  
622 O OG  . SER A 108 ? 1.1209 1.2147 0.8920 -0.0204 -0.1070 -0.2989 87  SER A OG  
623 N N   . THR A 109 ? 0.6685 0.7899 0.5144 -0.0343 -0.0756 -0.2068 88  THR A N   
624 C CA  . THR A 109 ? 0.6450 0.7458 0.5444 -0.0587 -0.0679 -0.2013 88  THR A CA  
625 C C   . THR A 109 ? 0.6768 0.8137 0.6144 -0.0638 -0.0655 -0.1785 88  THR A C   
626 O O   . THR A 109 ? 0.7200 0.8638 0.7090 -0.0864 -0.0649 -0.1823 88  THR A O   
627 C CB  . THR A 109 ? 0.6555 0.7091 0.5477 -0.0572 -0.0435 -0.1851 88  THR A CB  
628 O OG1 . THR A 109 ? 0.7668 0.8312 0.6401 -0.0404 -0.0281 -0.1567 88  THR A OG1 
629 C CG2 . THR A 109 ? 0.6876 0.7073 0.5551 -0.0481 -0.0456 -0.2103 88  THR A CG2 
630 N N   . LEU A 110 ? 0.6860 0.8443 0.6038 -0.0433 -0.0613 -0.1547 89  LEU A N   
631 C CA  . LEU A 110 ? 0.5614 0.7482 0.5160 -0.0412 -0.0573 -0.1351 89  LEU A CA  
632 C C   . LEU A 110 ? 0.6355 0.8709 0.5926 -0.0243 -0.0838 -0.1344 89  LEU A C   
633 O O   . LEU A 110 ? 0.6388 0.9034 0.6359 -0.0179 -0.0847 -0.1220 89  LEU A O   
634 C CB  . LEU A 110 ? 0.5821 0.7444 0.5202 -0.0299 -0.0330 -0.1071 89  LEU A CB  
635 C CG  . LEU A 110 ? 0.5960 0.7121 0.5218 -0.0400 -0.0137 -0.1055 89  LEU A CG  
636 C CD1 . LEU A 110 ? 0.5976 0.6961 0.5106 -0.0293 0.0021  -0.0833 89  LEU A CD1 
637 C CD2 . LEU A 110 ? 0.6259 0.7316 0.5845 -0.0628 -0.0059 -0.1124 89  LEU A CD2 
638 N N   . ASN A 111 ? 0.6537 0.8981 0.5655 -0.0135 -0.1060 -0.1479 90  ASN A N   
639 C CA  . ASN A 111 ? 0.6649 0.9536 0.5655 0.0057  -0.1384 -0.1462 90  ASN A CA  
640 C C   . ASN A 111 ? 0.6629 0.9511 0.5473 0.0306  -0.1294 -0.1055 90  ASN A C   
641 O O   . ASN A 111 ? 0.7939 1.1164 0.7051 0.0463  -0.1502 -0.0946 90  ASN A O   
642 C CB  . ASN A 111 ? 0.7169 1.0540 0.6909 -0.0075 -0.1652 -0.1678 90  ASN A CB  
643 C CG  . ASN A 111 ? 0.8372 1.2238 0.7986 0.0140  -0.2098 -0.1726 90  ASN A CG  
644 O OD1 . ASN A 111 ? 0.9005 1.3305 0.9139 0.0258  -0.2251 -0.1612 90  ASN A OD1 
645 N ND2 . ASN A 111 ? 0.8983 1.2800 0.7863 0.0235  -0.2316 -0.1896 90  ASN A ND2 
646 N N   . VAL A 112 ? 0.7404 0.9885 0.5879 0.0344  -0.1001 -0.0836 91  VAL A N   
647 C CA  . VAL A 112 ? 0.7040 0.9374 0.5326 0.0535  -0.0890 -0.0447 91  VAL A CA  
648 C C   . VAL A 112 ? 0.7965 1.0322 0.5507 0.0715  -0.0970 -0.0282 91  VAL A C   
649 O O   . VAL A 112 ? 0.7316 0.9669 0.4406 0.0679  -0.0942 -0.0469 91  VAL A O   
650 C CB  . VAL A 112 ? 0.6601 0.8517 0.4985 0.0429  -0.0543 -0.0322 91  VAL A CB  
651 C CG1 . VAL A 112 ? 0.7096 0.8828 0.5159 0.0325  -0.0383 -0.0446 91  VAL A CG1 
652 C CG2 . VAL A 112 ? 0.6889 0.8586 0.5173 0.0576  -0.0439 0.0050  91  VAL A CG2 
653 N N   . LYS A 113 ? 0.7446 0.9795 0.4820 0.0934  -0.1051 0.0079  92  LYS A N   
654 C CA  . LYS A 113 ? 0.8272 1.0577 0.4840 0.1108  -0.1061 0.0352  92  LYS A CA  
655 C C   . LYS A 113 ? 0.8463 1.0428 0.4773 0.0999  -0.0627 0.0538  92  LYS A C   
656 O O   . LYS A 113 ? 0.7649 0.9323 0.4392 0.0895  -0.0402 0.0687  92  LYS A O   
657 C CB  . LYS A 113 ? 0.8291 1.0569 0.4789 0.1375  -0.1256 0.0766  92  LYS A CB  
658 C CG  . LYS A 113 ? 0.9637 1.2385 0.6155 0.1582  -0.1769 0.0641  92  LYS A CG  
659 C CD  . LYS A 113 ? 1.0677 1.3501 0.7922 0.1759  -0.1946 0.0790  92  LYS A CD  
660 C CE  . LYS A 113 ? 1.2109 1.5434 0.9327 0.2047  -0.2506 0.0775  92  LYS A CE  
661 N NZ  . LYS A 113 ? 1.0981 1.4579 0.9166 0.2214  -0.2694 0.0762  92  LYS A NZ  
662 N N   . SER A 114 ? 0.8725 1.0769 0.4347 0.1031  -0.0514 0.0507  93  SER A N   
663 C CA  . SER A 114 ? 0.8728 1.0589 0.4222 0.0927  -0.0073 0.0656  93  SER A CA  
664 C C   . SER A 114 ? 0.8959 1.0509 0.4602 0.0916  0.0132  0.1177  93  SER A C   
665 O O   . SER A 114 ? 0.9191 1.0552 0.5237 0.0743  0.0431  0.1252  93  SER A O   
666 C CB  . SER A 114 ? 1.0606 1.2661 0.5247 0.1036  0.0051  0.0608  93  SER A CB  
667 O OG  . SER A 114 ? 1.1666 1.3936 0.6135 0.1061  -0.0192 0.0079  93  SER A OG  
668 N N   . GLU A 115 ? 0.9326 1.0797 0.4671 0.1108  -0.0058 0.1536  94  GLU A N   
669 C CA  . GLU A 115 ? 0.9201 1.0259 0.4682 0.1114  0.0098  0.2053  94  GLU A CA  
670 C C   . GLU A 115 ? 0.8912 0.9695 0.5264 0.1010  0.0072  0.1964  94  GLU A C   
671 O O   . GLU A 115 ? 0.8493 0.8849 0.5085 0.0955  0.0233  0.2298  94  GLU A O   
672 C CB  . GLU A 115 ? 1.0307 1.1299 0.5223 0.1406  -0.0166 0.2462  94  GLU A CB  
673 C CG  . GLU A 115 ? 1.1354 1.2696 0.6325 0.1624  -0.0689 0.2183  94  GLU A CG  
674 C CD  . GLU A 115 ? 1.2564 1.4364 0.6807 0.1716  -0.0902 0.1887  94  GLU A CD  
675 O OE1 . GLU A 115 ? 1.1388 1.3314 0.5427 0.1552  -0.0658 0.1589  94  GLU A OE1 
676 O OE2 . GLU A 115 ? 1.5327 1.7357 0.9232 0.1971  -0.1345 0.1919  94  GLU A OE2 
677 N N   . ARG A 116 ? 0.7978 0.8967 0.4778 0.0973  -0.0108 0.1521  95  ARG A N   
678 C CA  . ARG A 116 ? 0.7108 0.7884 0.4613 0.0890  -0.0096 0.1380  95  ARG A CA  
679 C C   . ARG A 116 ? 0.7227 0.8017 0.5012 0.0645  0.0091  0.1056  95  ARG A C   
680 O O   . ARG A 116 ? 0.6746 0.7471 0.4973 0.0580  0.0062  0.0827  95  ARG A O   
681 C CB  . ARG A 116 ? 0.7127 0.8147 0.4967 0.1046  -0.0399 0.1177  95  ARG A CB  
682 C CG  . ARG A 116 ? 0.8316 0.9397 0.5980 0.1349  -0.0677 0.1460  95  ARG A CG  
683 C CD  . ARG A 116 ? 0.8534 0.9174 0.6583 0.1492  -0.0660 0.1714  95  ARG A CD  
684 N NE  . ARG A 116 ? 0.7239 0.7963 0.5988 0.1515  -0.0687 0.1398  95  ARG A NE  
685 C CZ  . ARG A 116 ? 0.6950 0.7338 0.6102 0.1697  -0.0697 0.1497  95  ARG A CZ  
686 N NH1 . ARG A 116 ? 0.7645 0.7539 0.6623 0.1871  -0.0731 0.1927  95  ARG A NH1 
687 N NH2 . ARG A 116 ? 0.6529 0.7040 0.6248 0.1714  -0.0647 0.1164  95  ARG A NH2 
688 N N   . VAL A 117 ? 0.7370 0.8263 0.4873 0.0542  0.0280  0.1033  96  VAL A N   
689 C CA  . VAL A 117 ? 0.6548 0.7428 0.4333 0.0355  0.0447  0.0795  96  VAL A CA  
690 C C   . VAL A 117 ? 0.6894 0.7606 0.4804 0.0237  0.0717  0.1066  96  VAL A C   
691 O O   . VAL A 117 ? 0.7531 0.8344 0.5079 0.0262  0.0899  0.1322  96  VAL A O   
692 C CB  . VAL A 117 ? 0.6709 0.7881 0.4225 0.0357  0.0447  0.0494  96  VAL A CB  
693 C CG1 . VAL A 117 ? 0.7341 0.8467 0.5192 0.0220  0.0590  0.0293  96  VAL A CG1 
694 C CG2 . VAL A 117 ? 0.6777 0.8103 0.4272 0.0413  0.0170  0.0226  96  VAL A CG2 
695 N N   . PHE A 118 ? 0.6312 0.6786 0.4728 0.0096  0.0750  0.1008  97  PHE A N   
696 C CA  . PHE A 118 ? 0.7253 0.7582 0.5986 -0.0076 0.0964  0.1216  97  PHE A CA  
697 C C   . PHE A 118 ? 0.6816 0.7272 0.5960 -0.0217 0.0992  0.0926  97  PHE A C   
698 O O   . PHE A 118 ? 0.5921 0.6232 0.5251 -0.0228 0.0810  0.0674  97  PHE A O   
699 C CB  . PHE A 118 ? 0.6719 0.6574 0.5726 -0.0105 0.0901  0.1414  97  PHE A CB  
700 C CG  . PHE A 118 ? 0.8409 0.8103 0.7060 0.0095  0.0815  0.1714  97  PHE A CG  
701 C CD1 . PHE A 118 ? 0.8987 0.8706 0.7562 0.0299  0.0565  0.1552  97  PHE A CD1 
702 C CD2 . PHE A 118 ? 0.9968 0.9521 0.8363 0.0092  0.0988  0.2184  97  PHE A CD2 
703 C CE1 . PHE A 118 ? 0.9008 0.8641 0.7322 0.0531  0.0424  0.1822  97  PHE A CE1 
704 C CE2 . PHE A 118 ? 0.9571 0.8949 0.7572 0.0324  0.0856  0.2503  97  PHE A CE2 
705 C CZ  . PHE A 118 ? 0.8470 0.7905 0.6456 0.0562  0.0540  0.2304  97  PHE A CZ  
706 N N   . ILE A 119 ? 0.6712 0.7459 0.5989 -0.0303 0.1223  0.0975  98  ILE A N   
707 C CA  . ILE A 119 ? 0.6410 0.7364 0.6133 -0.0385 0.1223  0.0712  98  ILE A CA  
708 C C   . ILE A 119 ? 0.6329 0.7273 0.6688 -0.0612 0.1350  0.0865  98  ILE A C   
709 O O   . ILE A 119 ? 0.6857 0.7878 0.7275 -0.0713 0.1631  0.1194  98  ILE A O   
710 C CB  . ILE A 119 ? 0.6279 0.7658 0.5818 -0.0270 0.1378  0.0564  98  ILE A CB  
711 C CG1 . ILE A 119 ? 0.7055 0.8394 0.6052 -0.0091 0.1203  0.0347  98  ILE A CG1 
712 C CG2 . ILE A 119 ? 0.7718 0.9309 0.7813 -0.0307 0.1348  0.0323  98  ILE A CG2 
713 C CD1 . ILE A 119 ? 0.8269 0.9665 0.6649 0.0022  0.1258  0.0515  98  ILE A CD1 
714 N N   . GLU A 120 ? 0.6330 0.7171 0.7152 -0.0707 0.1137  0.0635  99  GLU A N   
715 C CA  . GLU A 120 ? 0.6529 0.7375 0.8078 -0.0953 0.1152  0.0674  99  GLU A CA  
716 C C   . GLU A 120 ? 0.5977 0.7239 0.7996 -0.0953 0.1046  0.0390  99  GLU A C   
717 O O   . GLU A 120 ? 0.6119 0.7331 0.7888 -0.0790 0.0799  0.0128  99  GLU A O   
718 C CB  . GLU A 120 ? 0.6446 0.6733 0.8085 -0.1034 0.0895  0.0600  99  GLU A CB  
719 C CG  . GLU A 120 ? 0.8194 0.8407 1.0603 -0.1306 0.0791  0.0518  99  GLU A CG  
720 C CD  . GLU A 120 ? 0.9872 0.9633 1.2221 -0.1287 0.0418  0.0193  99  GLU A CD  
721 O OE1 . GLU A 120 ? 1.0033 0.9882 1.2075 -0.1126 0.0201  -0.0086 99  GLU A OE1 
722 O OE2 . GLU A 120 ? 1.1220 1.0498 1.3778 -0.1420 0.0354  0.0219  99  GLU A OE2 
723 N N   . PHE A 121 ? 0.6593 0.8278 0.9325 -0.1126 0.1236  0.0466  100 PHE A N   
724 C CA  . PHE A 121 ? 0.5251 0.7438 0.8571 -0.1087 0.1129  0.0210  100 PHE A CA  
725 C C   . PHE A 121 ? 0.6706 0.8903 1.0847 -0.1336 0.0869  0.0086  100 PHE A C   
726 O O   . PHE A 121 ? 0.7692 0.9811 1.2314 -0.1629 0.1015  0.0282  100 PHE A O   
727 C CB  . PHE A 121 ? 0.5930 0.8764 0.9537 -0.1049 0.1559  0.0323  100 PHE A CB  
728 C CG  . PHE A 121 ? 0.6134 0.8974 0.8903 -0.0773 0.1740  0.0327  100 PHE A CG  
729 C CD1 . PHE A 121 ? 0.6623 0.9273 0.8750 -0.0777 0.1999  0.0619  100 PHE A CD1 
730 C CD2 . PHE A 121 ? 0.6057 0.9045 0.8671 -0.0501 0.1604  0.0028  100 PHE A CD2 
731 C CE1 . PHE A 121 ? 0.6504 0.9184 0.7860 -0.0531 0.2101  0.0563  100 PHE A CE1 
732 C CE2 . PHE A 121 ? 0.5980 0.8920 0.7862 -0.0275 0.1731  -0.0031 100 PHE A CE2 
733 C CZ  . PHE A 121 ? 0.6528 0.9345 0.7782 -0.0296 0.1963  0.0210  100 PHE A CZ  
734 N N   . LYS A 122 ? 0.7818 1.0068 1.2094 -0.1223 0.0459  -0.0235 101 LYS A N   
735 C CA  . LYS A 122 ? 0.9768 1.2078 1.4786 -0.1428 0.0106  -0.0437 101 LYS A CA  
736 C C   . LYS A 122 ? 0.9781 1.2540 1.5187 -0.1246 -0.0244 -0.0720 101 LYS A C   
737 O O   . LYS A 122 ? 1.0544 1.3619 1.6787 -0.1401 -0.0535 -0.0900 101 LYS A O   
738 C CB  . LYS A 122 ? 0.9837 1.1410 1.4345 -0.1479 -0.0205 -0.0559 101 LYS A CB  
739 C CG  . LYS A 122 ? 0.9594 1.0680 1.3863 -0.1629 0.0067  -0.0291 101 LYS A CG  
740 C CD  . LYS A 122 ? 1.1134 1.1567 1.5253 -0.1720 -0.0246 -0.0488 101 LYS A CD  
741 C CE  . LYS A 122 ? 1.3414 1.3467 1.7944 -0.2008 -0.0046 -0.0252 101 LYS A CE  
742 N NZ  . LYS A 122 ? 1.3672 1.3176 1.8435 -0.2171 -0.0402 -0.0553 101 LYS A NZ  
# 
